data_5C52
#
_entry.id   5C52
#
_cell.length_a   217.277
_cell.length_b   217.277
_cell.length_c   165.865
_cell.angle_alpha   90.00
_cell.angle_beta   90.00
_cell.angle_gamma   90.00
#
_symmetry.space_group_name_H-M   'P 41 21 2'
#
loop_
_entity.id
_entity.type
_entity.pdbx_description
1 polymer 'DNA polymerase subunit gamma-1'
2 polymer 'DNA polymerase subunit gamma-2, mitochondrial'
3 polymer 'DNA (26-MER)'
4 polymer "DNA (5'-D(*AP*AP*AP*AP*CP*GP*AP*GP*GP*GP*CP*CP*AP*GP*TP*GP*CP*CP*GP*TP*AP*C)-3')"
5 non-polymer '[[(2R,5S)-5-(4-azanyl-5-fluoranyl-2-oxidanylidene-pyrimidin-1-yl)-1,3-oxathiolan-2-yl]methoxy-oxidanyl-phosphoryl] phosphono hydrogen phosphate'
6 non-polymer 'MAGNESIUM ION'
#
loop_
_entity_poly.entity_id
_entity_poly.type
_entity_poly.pdbx_seq_one_letter_code
_entity_poly.pdbx_strand_id
1 'polypeptide(L)'
;WVSSSVPASDPSDGQRRRQQQPQQPQVLSSEGGQLRHNPLDIQMLSRGLHEQIFGQGGEMPGEAAVRRSVEHLQKHGLWG
QPAVPLPDVELRLPPLYGDNLDQHFRLLAQKQSLPYLEAANLLLQAQLPPKPPAWAWAEGWTRYGPEGEAVPVAIPEERA
LVFDVEVCLAEGTCPTLAVAISPSAWYSWCSQRLVEERYSWTSQLSPADLIPLEVPTGASSPTQRDWQEQLVVGHNVSFD
RAHIREQYLIQGSRMRFLDTMSMHMAISGLSSFQRSLWIAAKQGKHKVQPPTKQGQKSQRKARRGPAISSWDWLDISSVN
SLAEVHRLYVGGPPLEKEPRELFVKGTMKDIRENFQDLMQYCAQDVWATHEVFQQQLPLFLERCPHPVTLAGMLEMGVSY
LPVNQNWERYLAEAQGTYEELQREMKKSLMDLANDACQLLSGERYKEDPWLWDLEWDLQEFKQKKAKKVKKEPATASKLP
IEGAGAPGDPMDQEDLGPCSEEEEFQQDVMARACLQKLKGTTELLPKRPQHLPGHPGWYRKLCPRLDDPAWTPGPSLLSL
QMRVTPKLMALTWDGFPLHYSERHGWGYLVPGRRDNLAKLPTGTTLESAGVVCPYRAIESLYRKHCLEQGKQQLMPQEAG
LAEEFLLTDNSAIWQTVEELDYLEVEAEAKMENLRAAVPGQPLALTARGGPKDTQPSYHHGNGPYNDVDIPGCWFFKLPH
KDGNSCNVGSPFAKDFLPKMEDGTLQAGPGGASGPRALEINKMISFWRNAHKRISSQMVVWLPRSALPRAVIRHPDYDEE
GLYGAILPQVVTAGTITRRAVEPTWLTASNARPDRVGSELKAMVQAPPGYTLVGADVDSQELWIAAVLGDAHFAGMHGCT
AFGWMTLQGRKSRGTDLHSKTATTVGISREHAKIFNYGRIYGAGQPFAERLLMQFNHRLTQQEAAEKAQQMYAATKGLRW
YRLSDEGEWLVRELNLPVDRTEGGWISLQDLRKVQRETARKSQWKKWEVVAERAWKGGTESEMFNKLESIATSDIPRTPV
LGCCISRALEPSAVQEEFMTSRVNWVVQSSAVDYLHLMLVAMKWLFEEFAIDGRFCISIHDEVRYLVREEDRYRAALALQ
ITNLLTRCMFAYKLGLNDLPQSVAFFSAVDIDRCLRKEVTMDCKTPSNPTGMERRYGIPQGEALDIYQIIELTKGSLEKR
SQPGP
;
A
2 'polypeptide(L)'
;MRSRVAVRACHKVCRCLLSGFGGRVDAGQPELLTERSSPKGGHVKSHAELEGNGEHPEAPGSGEGSLALLEICQRRHFLS
GSKQQLSRDSLLSGCHPGFGPLGVELRKNLAAEWWTSVVVFREQVFPVDALHHKPGPLLPGDSAFRLVSAETLREILQDK
ELSKEQLVAFLENVLKTSGKLRENLLHGALEHYVNCLDLVNKRLPYGLAQIGVCFHPVFDTKQIRNGVKSIGEKTEASLV
WFTPPRTSNQWLDFWLRHRLQWWRKFAMSPSNFSSSDCQDEEGRKGNKLYYNFPWGKELIETLWNLGDHELLHMYPGNVS
KLHGRDGRKNVVPCVLSVNGDLDRGMLAYLYDSFQLTENSFTRKKNLHRKVLKLHPCLAPIKVALDVGRGPTLELRQVCQ
GLFNELLENGISVWPGYLETMQSSLEQLYSKYDEMSILFTVLVTETTLENGLIHLRSRDTTMKEMMHISKLKDFLIKYIS
SAKNV
;
B,C
3 'polydeoxyribonucleotide'
;(DA)(DG)(DC)(DG)(DA)(DT)(DA)(DC)(DG)(DG)(DC)(DA)(DC)(DT)(DG)(DG)(DC)(DC)(DC)(DT)
(DC)(DG)(DT)(DT)(DT)(DT)
;
T
4 'polydeoxyribonucleotide'
;(DA)(DA)(DA)(DA)(DC)(DG)(DA)(DG)(DG)(DG)(DC)(DC)(DA)(DG)(DT)(DG)(DC)(DC)(DG)(DT)
(DA)(DOC)
;
P
#
loop_
_chem_comp.id
_chem_comp.type
_chem_comp.name
_chem_comp.formula
1RY non-polymer '[[(2R,5S)-5-(4-azanyl-5-fluoranyl-2-oxidanylidene-pyrimidin-1-yl)-1,3-oxathiolan-2-yl]methoxy-oxidanyl-phosphoryl] phosphono hydrogen phosphate' 'C8 H13 F N3 O12 P3 S'
DA DNA linking 2'-DEOXYADENOSINE-5'-MONOPHOSPHATE 'C10 H14 N5 O6 P'
DC DNA linking 2'-DEOXYCYTIDINE-5'-MONOPHOSPHATE 'C9 H14 N3 O7 P'
DG DNA linking 2'-DEOXYGUANOSINE-5'-MONOPHOSPHATE 'C10 H14 N5 O7 P'
DOC DNA linking 2',3'-DIDEOXYCYTIDINE-5'-MONOPHOSPHATE 'C9 H14 N3 O6 P'
DT DNA linking THYMIDINE-5'-MONOPHOSPHATE 'C10 H15 N2 O8 P'
MG non-polymer 'MAGNESIUM ION' 'Mg 2'
#
# COMPACT_ATOMS: atom_id res chain seq x y z
N MET A 44 -54.30 4.22 22.77
CA MET A 44 -55.08 2.99 22.77
C MET A 44 -54.17 1.78 22.96
N LEU A 45 -53.87 1.45 24.23
CA LEU A 45 -54.36 2.18 25.39
C LEU A 45 -53.24 2.31 26.42
N SER A 46 -53.56 2.87 27.58
CA SER A 46 -52.60 3.06 28.67
C SER A 46 -51.33 3.76 28.20
N ARG A 47 -51.53 4.79 27.38
CA ARG A 47 -50.44 5.60 26.84
C ARG A 47 -49.49 4.80 25.95
N GLY A 48 -49.98 3.71 25.37
CA GLY A 48 -49.22 2.93 24.41
C GLY A 48 -49.25 1.42 24.56
N LEU A 49 -49.95 0.75 23.64
CA LEU A 49 -49.92 -0.71 23.52
C LEU A 49 -50.40 -1.13 22.15
N HIS A 50 -50.17 -2.40 21.79
CA HIS A 50 -50.59 -2.93 20.50
C HIS A 50 -51.49 -4.16 20.66
N GLU A 51 -52.14 -4.55 19.57
CA GLU A 51 -52.98 -5.73 19.58
C GLU A 51 -52.13 -6.98 19.74
N GLN A 52 -52.20 -7.61 20.91
CA GLN A 52 -51.37 -8.78 21.18
C GLN A 52 -52.20 -9.97 21.64
N ILE A 53 -51.67 -11.16 21.37
CA ILE A 53 -52.27 -12.39 21.87
C ILE A 53 -51.23 -13.09 22.73
N PHE A 54 -50.69 -12.35 23.69
CA PHE A 54 -49.62 -12.84 24.55
C PHE A 54 -50.06 -12.90 26.01
N GLY A 55 -51.35 -13.04 26.22
CA GLY A 55 -51.91 -13.10 27.57
C GLY A 55 -53.05 -12.13 27.76
N GLN A 56 -54.20 -12.67 28.18
CA GLN A 56 -55.39 -11.85 28.37
C GLN A 56 -55.28 -10.98 29.62
N GLY A 57 -54.59 -11.47 30.64
CA GLY A 57 -54.40 -10.73 31.87
C GLY A 57 -53.06 -11.01 32.52
N GLY A 58 -52.35 -9.95 32.89
CA GLY A 58 -52.81 -8.60 32.71
C GLY A 58 -52.64 -7.77 33.97
N GLU A 59 -53.36 -6.65 34.05
CA GLU A 59 -53.35 -5.79 35.23
C GLU A 59 -53.76 -6.57 36.48
N MET A 60 -53.05 -6.46 37.61
CA MET A 60 -51.88 -5.60 37.88
C MET A 60 -52.08 -4.09 37.62
N PRO A 61 -53.03 -3.45 38.32
CA PRO A 61 -53.21 -2.01 38.14
C PRO A 61 -52.20 -1.19 38.94
N GLY A 62 -52.10 -1.45 40.25
CA GLY A 62 -51.20 -0.72 41.11
C GLY A 62 -51.56 0.76 41.18
N GLU A 63 -52.74 1.04 41.70
CA GLU A 63 -53.27 2.40 41.71
C GLU A 63 -52.45 3.36 42.56
N ALA A 64 -52.01 2.90 43.72
CA ALA A 64 -51.12 3.71 44.56
C ALA A 64 -49.78 3.92 43.86
N ALA A 65 -49.31 2.87 43.20
CA ALA A 65 -48.04 2.92 42.48
C ALA A 65 -48.10 3.90 41.30
N VAL A 66 -49.17 3.84 40.52
CA VAL A 66 -49.31 4.73 39.38
C VAL A 66 -49.65 6.14 39.83
N ARG A 67 -50.20 6.28 41.03
CA ARG A 67 -50.44 7.61 41.59
C ARG A 67 -49.09 8.21 41.98
N ARG A 68 -48.22 7.40 42.56
CA ARG A 68 -46.89 7.86 42.95
C ARG A 68 -46.05 8.18 41.70
N SER A 69 -46.28 7.42 40.64
CA SER A 69 -45.57 7.62 39.39
C SER A 69 -46.01 8.91 38.69
N VAL A 70 -47.32 9.08 38.57
CA VAL A 70 -47.88 10.29 37.97
C VAL A 70 -47.46 11.51 38.77
N GLU A 71 -47.50 11.40 40.10
CA GLU A 71 -47.06 12.48 40.97
C GLU A 71 -45.57 12.77 40.79
N HIS A 72 -44.80 11.73 40.52
CA HIS A 72 -43.37 11.87 40.25
C HIS A 72 -43.11 12.55 38.90
N LEU A 73 -43.96 12.23 37.92
CA LEU A 73 -43.78 12.75 36.56
C LEU A 73 -44.43 14.11 36.36
N GLN A 74 -45.12 14.59 37.39
CA GLN A 74 -45.75 15.90 37.34
C GLN A 74 -44.86 16.95 37.99
N LYS A 75 -44.19 16.55 39.07
CA LYS A 75 -43.29 17.44 39.80
C LYS A 75 -41.90 17.47 39.13
N HIS A 76 -41.58 16.41 38.41
CA HIS A 76 -40.28 16.31 37.75
C HIS A 76 -39.94 17.44 36.75
N GLY A 77 -40.83 17.78 35.81
CA GLY A 77 -42.13 17.19 35.59
C GLY A 77 -42.53 17.19 34.13
N LEU A 78 -43.09 16.06 33.68
CA LEU A 78 -43.48 15.91 32.28
C LEU A 78 -44.96 15.55 32.16
N TRP A 79 -45.77 16.49 31.70
CA TRP A 79 -47.21 16.24 31.52
C TRP A 79 -47.75 16.96 30.29
N GLY A 80 -46.85 17.29 29.35
CA GLY A 80 -47.25 17.89 28.10
C GLY A 80 -47.17 16.86 26.99
N GLN A 81 -48.07 15.88 27.03
CA GLN A 81 -48.07 14.79 26.07
C GLN A 81 -48.34 15.30 24.65
N PRO A 82 -47.54 14.82 23.68
CA PRO A 82 -47.70 15.19 22.27
C PRO A 82 -48.89 14.49 21.61
N ALA A 83 -49.30 13.37 22.18
CA ALA A 83 -50.44 12.58 21.70
C ALA A 83 -50.35 12.27 20.20
N VAL A 84 -49.31 11.53 19.82
CA VAL A 84 -49.10 11.15 18.42
C VAL A 84 -49.07 9.64 18.23
N PRO A 85 -50.26 9.03 18.10
CA PRO A 85 -50.41 7.58 17.96
C PRO A 85 -49.77 7.02 16.68
N LEU A 86 -48.89 6.04 16.84
CA LEU A 86 -48.26 5.37 15.69
C LEU A 86 -49.28 4.45 15.02
N PRO A 87 -49.14 4.24 13.70
CA PRO A 87 -50.07 3.36 12.97
C PRO A 87 -50.06 1.93 13.51
N ASP A 88 -51.18 1.49 14.10
CA ASP A 88 -51.29 0.14 14.67
C ASP A 88 -51.32 -0.92 13.57
N VAL A 89 -50.69 -2.07 13.83
CA VAL A 89 -50.57 -3.13 12.83
C VAL A 89 -51.35 -4.40 13.18
N GLU A 90 -52.11 -4.91 12.21
CA GLU A 90 -52.89 -6.13 12.39
C GLU A 90 -52.43 -7.23 11.43
N LEU A 91 -51.77 -8.25 11.97
CA LEU A 91 -51.31 -9.37 11.16
C LEU A 91 -51.49 -10.69 11.89
N ARG A 92 -51.53 -11.79 11.12
CA ARG A 92 -51.71 -13.11 11.72
C ARG A 92 -50.38 -13.65 12.24
N LEU A 93 -50.25 -13.71 13.56
CA LEU A 93 -49.04 -14.18 14.22
C LEU A 93 -48.83 -15.67 14.01
N PRO A 94 -47.56 -16.09 13.83
CA PRO A 94 -47.16 -17.50 13.74
C PRO A 94 -47.55 -18.29 14.99
N PRO A 95 -47.66 -19.62 14.87
CA PRO A 95 -48.15 -20.46 15.99
C PRO A 95 -47.31 -20.37 17.26
N LEU A 96 -47.93 -19.96 18.35
CA LEU A 96 -47.29 -19.97 19.67
C LEU A 96 -47.52 -21.33 20.32
N TYR A 97 -46.53 -21.82 21.04
CA TYR A 97 -46.61 -23.17 21.59
C TYR A 97 -47.09 -23.18 23.04
N GLY A 98 -47.23 -21.99 23.63
CA GLY A 98 -47.77 -21.87 24.96
C GLY A 98 -46.86 -22.37 26.07
N ASP A 99 -47.14 -21.97 27.31
CA ASP A 99 -48.25 -21.07 27.62
C ASP A 99 -47.83 -19.64 27.36
N ASN A 100 -46.79 -19.22 28.06
CA ASN A 100 -46.18 -17.90 27.82
C ASN A 100 -45.13 -18.00 26.71
N LEU A 101 -44.45 -16.89 26.43
CA LEU A 101 -43.42 -16.89 25.41
C LEU A 101 -42.09 -17.37 26.01
N ASP A 102 -42.03 -17.39 27.34
CA ASP A 102 -40.88 -17.92 28.05
C ASP A 102 -40.66 -19.38 27.70
N GLN A 103 -41.73 -20.16 27.76
CA GLN A 103 -41.66 -21.59 27.45
C GLN A 103 -41.61 -21.82 25.94
N HIS A 104 -42.08 -20.85 25.16
CA HIS A 104 -41.94 -20.91 23.72
C HIS A 104 -40.45 -20.87 23.37
N PHE A 105 -39.78 -19.81 23.82
CA PHE A 105 -38.35 -19.65 23.59
C PHE A 105 -37.55 -20.77 24.23
N ARG A 106 -38.02 -21.29 25.37
CA ARG A 106 -37.34 -22.38 26.05
C ARG A 106 -37.40 -23.66 25.22
N LEU A 107 -38.59 -24.00 24.73
CA LEU A 107 -38.77 -25.19 23.90
C LEU A 107 -37.99 -25.07 22.60
N LEU A 108 -38.03 -23.89 21.99
CA LEU A 108 -37.26 -23.63 20.78
C LEU A 108 -35.78 -23.86 21.01
N ALA A 109 -35.24 -23.17 22.02
CA ALA A 109 -33.82 -23.26 22.35
C ALA A 109 -33.40 -24.67 22.73
N GLN A 110 -34.32 -25.44 23.30
CA GLN A 110 -34.00 -26.81 23.70
C GLN A 110 -33.98 -27.75 22.50
N LYS A 111 -34.96 -27.62 21.61
CA LYS A 111 -35.02 -28.49 20.44
C LYS A 111 -33.93 -28.14 19.44
N GLN A 112 -33.49 -26.90 19.45
CA GLN A 112 -32.42 -26.45 18.56
C GLN A 112 -31.06 -26.96 19.03
N SER A 113 -30.95 -27.27 20.32
CA SER A 113 -29.67 -27.65 20.92
C SER A 113 -29.69 -29.05 21.51
N LEU A 114 -30.76 -29.79 21.26
CA LEU A 114 -30.88 -31.15 21.80
C LEU A 114 -29.89 -32.15 21.20
N PRO A 115 -29.79 -32.22 19.85
CA PRO A 115 -28.82 -33.19 19.31
C PRO A 115 -27.40 -32.90 19.75
N TYR A 116 -27.06 -31.61 19.82
CA TYR A 116 -25.73 -31.19 20.22
C TYR A 116 -25.49 -31.49 21.69
N LEU A 117 -26.52 -31.31 22.51
CA LEU A 117 -26.43 -31.64 23.92
C LEU A 117 -26.18 -33.14 24.09
N GLU A 118 -26.88 -33.95 23.30
CA GLU A 118 -26.69 -35.39 23.32
C GLU A 118 -25.25 -35.75 22.95
N ALA A 119 -24.74 -35.09 21.91
CA ALA A 119 -23.36 -35.31 21.47
C ALA A 119 -22.35 -34.95 22.56
N ALA A 120 -22.58 -33.82 23.21
CA ALA A 120 -21.72 -33.38 24.30
C ALA A 120 -21.75 -34.38 25.45
N ASN A 121 -22.93 -34.93 25.72
CA ASN A 121 -23.08 -35.96 26.73
C ASN A 121 -22.35 -37.23 26.31
N LEU A 122 -22.23 -37.44 25.00
CA LEU A 122 -21.45 -38.56 24.49
C LEU A 122 -19.96 -38.30 24.67
N LEU A 123 -19.60 -37.02 24.74
CA LEU A 123 -18.22 -36.63 25.01
C LEU A 123 -17.87 -36.73 26.48
N LEU A 124 -18.85 -36.49 27.34
CA LEU A 124 -18.62 -36.48 28.79
C LEU A 124 -18.45 -37.89 29.35
N GLN A 125 -19.36 -38.80 29.02
CA GLN A 125 -19.29 -40.17 29.50
C GLN A 125 -18.35 -41.03 28.65
N ALA A 126 -17.40 -40.39 27.97
CA ALA A 126 -16.50 -41.08 27.07
C ALA A 126 -15.34 -41.73 27.82
N GLN A 127 -15.09 -43.00 27.51
CA GLN A 127 -13.96 -43.72 28.07
C GLN A 127 -12.77 -43.63 27.12
N LEU A 128 -11.71 -42.98 27.56
CA LEU A 128 -10.58 -42.64 26.70
C LEU A 128 -9.73 -43.85 26.32
N PRO A 129 -9.59 -44.11 25.02
CA PRO A 129 -8.57 -45.04 24.53
C PRO A 129 -7.21 -44.35 24.47
N PRO A 130 -6.16 -44.99 24.98
CA PRO A 130 -4.84 -44.35 25.14
C PRO A 130 -4.24 -43.88 23.83
N LYS A 131 -3.28 -42.97 23.92
CA LYS A 131 -2.59 -42.45 22.75
C LYS A 131 -1.79 -43.54 22.05
N PRO A 132 -1.77 -43.51 20.70
CA PRO A 132 -0.99 -44.43 19.88
C PRO A 132 0.51 -44.36 20.19
N PRO A 133 1.24 -45.46 19.95
CA PRO A 133 2.68 -45.50 20.19
C PRO A 133 3.45 -44.68 19.16
N ALA A 134 2.89 -44.57 17.97
CA ALA A 134 3.50 -43.79 16.90
C ALA A 134 2.42 -43.23 15.97
N TRP A 135 2.70 -42.07 15.38
CA TRP A 135 1.74 -41.43 14.50
C TRP A 135 1.96 -41.81 13.03
N ALA A 136 0.86 -41.99 12.31
CA ALA A 136 0.93 -42.38 10.91
C ALA A 136 1.29 -41.19 10.03
N TRP A 137 2.33 -41.36 9.22
CA TRP A 137 2.80 -40.31 8.33
C TRP A 137 2.14 -40.43 6.96
N ALA A 138 0.82 -40.36 6.93
CA ALA A 138 0.08 -40.51 5.68
C ALA A 138 -0.96 -39.42 5.50
N GLU A 139 -1.19 -39.04 4.25
CA GLU A 139 -2.16 -38.00 3.90
C GLU A 139 -3.58 -38.42 4.26
N GLY A 140 -4.41 -37.46 4.66
CA GLY A 140 -5.78 -37.75 5.01
C GLY A 140 -5.93 -38.12 6.47
N TRP A 141 -7.00 -38.86 6.80
CA TRP A 141 -7.24 -39.23 8.18
C TRP A 141 -6.71 -40.63 8.48
N THR A 142 -6.26 -40.82 9.71
CA THR A 142 -5.87 -42.15 10.17
C THR A 142 -6.59 -42.46 11.47
N ARG A 143 -7.35 -43.55 11.46
CA ARG A 143 -8.09 -44.03 12.61
C ARG A 143 -7.21 -44.91 13.50
N TYR A 144 -7.05 -44.49 14.75
CA TYR A 144 -6.34 -45.28 15.75
C TYR A 144 -7.34 -45.88 16.73
N GLY A 145 -7.64 -47.17 16.56
CA GLY A 145 -8.56 -47.86 17.44
C GLY A 145 -7.86 -48.76 18.45
N PRO A 146 -7.93 -50.08 18.21
CA PRO A 146 -7.30 -51.08 19.09
C PRO A 146 -5.77 -51.03 19.06
N GLU A 147 -5.16 -50.78 20.22
CA GLU A 147 -3.71 -50.75 20.38
C GLU A 147 -3.04 -49.74 19.45
N GLY A 148 -3.80 -48.74 19.01
CA GLY A 148 -3.28 -47.66 18.20
C GLY A 148 -2.74 -48.07 16.85
N GLU A 149 -3.52 -48.87 16.11
CA GLU A 149 -3.13 -49.26 14.76
C GLU A 149 -3.50 -48.17 13.76
N ALA A 150 -2.96 -48.24 12.55
CA ALA A 150 -3.21 -47.21 11.55
C ALA A 150 -4.27 -47.65 10.53
N VAL A 151 -5.46 -47.06 10.62
CA VAL A 151 -6.52 -47.37 9.66
C VAL A 151 -6.77 -46.20 8.72
N PRO A 152 -6.30 -46.31 7.48
CA PRO A 152 -6.52 -45.27 6.46
C PRO A 152 -8.00 -44.92 6.29
N VAL A 153 -8.36 -43.70 6.65
CA VAL A 153 -9.74 -43.24 6.56
C VAL A 153 -9.81 -41.85 5.90
N ALA A 154 -10.86 -41.63 5.13
CA ALA A 154 -11.07 -40.34 4.48
C ALA A 154 -11.80 -39.37 5.40
N ILE A 155 -12.81 -39.86 6.11
CA ILE A 155 -13.58 -39.03 7.03
C ILE A 155 -13.90 -39.75 8.34
N PRO A 156 -13.51 -39.16 9.48
CA PRO A 156 -13.80 -39.73 10.80
C PRO A 156 -15.28 -39.59 11.17
N GLU A 157 -16.07 -40.62 10.92
CA GLU A 157 -17.50 -40.56 11.20
C GLU A 157 -17.78 -40.74 12.69
N GLU A 158 -18.02 -39.61 13.35
CA GLU A 158 -18.34 -39.60 14.77
C GLU A 158 -19.46 -38.61 15.05
N ARG A 159 -20.22 -38.84 16.11
CA ARG A 159 -21.28 -37.91 16.50
C ARG A 159 -20.67 -36.61 17.00
N ALA A 160 -19.53 -36.72 17.67
CA ALA A 160 -18.84 -35.55 18.22
C ALA A 160 -17.37 -35.86 18.49
N LEU A 161 -16.56 -34.81 18.55
CA LEU A 161 -15.15 -34.95 18.86
C LEU A 161 -14.52 -33.62 19.27
N VAL A 162 -13.37 -33.68 19.94
CA VAL A 162 -12.58 -32.51 20.23
C VAL A 162 -11.68 -32.24 19.02
N PHE A 163 -11.15 -31.03 18.92
CA PHE A 163 -10.37 -30.67 17.75
C PHE A 163 -9.38 -29.55 17.98
N ASP A 164 -8.23 -29.65 17.31
CA ASP A 164 -7.22 -28.60 17.30
C ASP A 164 -6.31 -28.76 16.09
N VAL A 165 -6.49 -27.89 15.10
CA VAL A 165 -5.72 -27.97 13.87
C VAL A 165 -4.37 -27.27 14.01
N GLU A 166 -3.41 -27.68 13.18
CA GLU A 166 -2.10 -27.05 13.17
C GLU A 166 -1.85 -26.43 11.79
N VAL A 167 -1.06 -25.36 11.75
CA VAL A 167 -0.77 -24.70 10.50
C VAL A 167 0.62 -24.09 10.52
N CYS A 168 1.42 -24.46 9.53
CA CYS A 168 2.74 -23.88 9.36
C CYS A 168 2.61 -22.43 8.92
N LEU A 169 2.94 -21.52 9.83
CA LEU A 169 2.80 -20.09 9.57
C LEU A 169 3.80 -19.62 8.52
N ALA A 170 4.89 -20.38 8.37
CA ALA A 170 5.95 -20.04 7.44
C ALA A 170 5.44 -19.89 6.02
N GLU A 171 4.44 -20.69 5.64
CA GLU A 171 3.80 -20.54 4.34
C GLU A 171 2.32 -20.89 4.42
N GLY A 172 1.62 -20.27 5.37
CA GLY A 172 0.20 -20.50 5.54
C GLY A 172 -0.63 -19.85 4.45
N THR A 173 -1.93 -19.69 4.69
CA THR A 173 -2.56 -20.15 5.93
C THR A 173 -3.18 -21.53 5.74
N CYS A 174 -2.41 -22.44 5.15
CA CYS A 174 -2.90 -23.77 4.78
C CYS A 174 -2.59 -24.79 5.87
N PRO A 175 -3.64 -25.43 6.41
CA PRO A 175 -3.56 -26.46 7.45
C PRO A 175 -2.52 -27.52 7.14
N THR A 176 -1.84 -28.03 8.16
CA THR A 176 -0.78 -29.01 7.96
C THR A 176 -0.94 -30.27 8.83
N LEU A 177 -1.24 -30.08 10.11
CA LEU A 177 -1.46 -31.20 11.02
C LEU A 177 -2.77 -31.07 11.77
N ALA A 178 -3.33 -32.20 12.18
CA ALA A 178 -4.54 -32.21 13.00
C ALA A 178 -4.65 -33.48 13.83
N VAL A 179 -5.21 -33.35 15.03
CA VAL A 179 -5.51 -34.49 15.88
C VAL A 179 -6.89 -34.31 16.49
N ALA A 180 -7.68 -35.38 16.51
CA ALA A 180 -9.02 -35.32 17.09
C ALA A 180 -9.36 -36.63 17.77
N ILE A 181 -9.80 -36.55 19.03
CA ILE A 181 -10.20 -37.75 19.76
C ILE A 181 -11.72 -37.87 19.77
N SER A 182 -12.21 -39.11 19.84
CA SER A 182 -13.64 -39.37 19.84
C SER A 182 -14.00 -40.36 20.95
N PRO A 183 -15.28 -40.39 21.36
CA PRO A 183 -15.71 -41.36 22.39
C PRO A 183 -15.35 -42.80 22.03
N SER A 184 -15.13 -43.07 20.75
CA SER A 184 -14.73 -44.39 20.28
C SER A 184 -13.22 -44.54 20.30
N ALA A 185 -12.54 -43.79 19.44
CA ALA A 185 -11.10 -43.95 19.27
C ALA A 185 -10.41 -42.64 18.91
N TRP A 186 -9.16 -42.72 18.45
CA TRP A 186 -8.41 -41.53 18.07
C TRP A 186 -8.36 -41.33 16.55
N TYR A 187 -8.04 -40.12 16.13
CA TYR A 187 -7.90 -39.79 14.71
C TYR A 187 -6.78 -38.79 14.50
N SER A 188 -5.97 -38.98 13.46
CA SER A 188 -4.94 -37.99 13.13
C SER A 188 -4.93 -37.66 11.64
N TRP A 189 -5.07 -36.38 11.33
CA TRP A 189 -5.12 -35.93 9.95
C TRP A 189 -3.85 -35.22 9.50
N CYS A 190 -3.35 -35.63 8.33
CA CYS A 190 -2.20 -34.97 7.71
C CYS A 190 -2.59 -34.33 6.38
N SER A 191 -1.98 -33.19 6.10
CA SER A 191 -2.23 -32.48 4.85
C SER A 191 -1.31 -32.98 3.75
N GLN A 192 -1.54 -32.49 2.53
CA GLN A 192 -0.78 -32.92 1.36
C GLN A 192 0.70 -32.55 1.47
N ARG A 193 1.03 -31.74 2.47
CA ARG A 193 2.41 -31.33 2.69
C ARG A 193 3.23 -32.48 3.27
N LEU A 194 3.27 -33.57 2.53
CA LEU A 194 4.09 -34.72 2.85
C LEU A 194 5.07 -34.96 1.72
N VAL A 195 4.70 -34.44 0.55
CA VAL A 195 5.53 -34.54 -0.63
C VAL A 195 6.16 -33.17 -0.95
N GLU A 196 7.46 -33.18 -1.22
CA GLU A 196 8.17 -31.93 -1.52
C GLU A 196 7.88 -31.44 -2.93
N GLU A 197 7.14 -30.33 -3.02
CA GLU A 197 6.81 -29.74 -4.31
C GLU A 197 7.00 -28.22 -4.29
N ARG A 198 6.77 -27.60 -5.44
CA ARG A 198 6.74 -26.15 -5.52
C ARG A 198 5.29 -25.71 -5.73
N TYR A 199 4.47 -25.89 -4.70
CA TYR A 199 3.04 -25.62 -4.76
C TYR A 199 2.69 -24.19 -5.17
N SER A 200 1.41 -23.97 -5.41
CA SER A 200 0.89 -22.63 -5.68
C SER A 200 -0.41 -22.44 -4.91
N TRP A 201 -0.32 -21.72 -3.80
CA TRP A 201 -1.47 -21.54 -2.93
C TRP A 201 -2.39 -20.41 -3.38
N THR A 202 -3.57 -20.80 -3.87
CA THR A 202 -4.63 -19.84 -4.16
C THR A 202 -5.84 -20.22 -3.29
N SER A 203 -5.55 -20.89 -2.18
CA SER A 203 -6.56 -21.35 -1.21
C SER A 203 -7.68 -22.15 -1.86
N GLN A 204 -7.40 -23.39 -2.23
CA GLN A 204 -8.38 -24.29 -2.82
C GLN A 204 -9.28 -24.87 -1.73
N LEU A 205 -9.91 -26.01 -2.02
CA LEU A 205 -10.63 -26.75 -1.01
C LEU A 205 -9.70 -27.80 -0.40
N SER A 206 -8.54 -27.34 0.03
CA SER A 206 -7.55 -28.15 0.73
C SER A 206 -7.76 -28.29 2.26
N PRO A 207 -8.39 -27.29 2.94
CA PRO A 207 -8.72 -27.49 4.36
C PRO A 207 -9.34 -28.84 4.73
N ALA A 208 -9.16 -29.21 6.00
CA ALA A 208 -9.55 -30.51 6.52
C ALA A 208 -11.03 -30.81 6.31
N ASP A 209 -11.31 -32.03 5.86
CA ASP A 209 -12.67 -32.48 5.66
C ASP A 209 -13.22 -33.14 6.92
N LEU A 210 -14.46 -32.84 7.27
CA LEU A 210 -15.02 -33.31 8.52
C LEU A 210 -16.49 -33.69 8.41
N ILE A 211 -17.24 -32.97 7.58
CA ILE A 211 -18.67 -33.21 7.42
C ILE A 211 -18.92 -34.53 6.68
N PRO A 212 -19.94 -35.29 7.13
CA PRO A 212 -20.39 -36.51 6.45
C PRO A 212 -21.45 -36.23 5.39
N LEU A 213 -21.43 -36.99 4.31
CA LEU A 213 -22.38 -36.79 3.22
C LEU A 213 -23.72 -37.49 3.49
N GLU A 214 -24.77 -37.00 2.84
CA GLU A 214 -26.11 -37.56 3.01
C GLU A 214 -26.42 -38.59 1.93
N VAL A 215 -26.34 -38.16 0.68
CA VAL A 215 -26.59 -39.04 -0.46
C VAL A 215 -25.35 -39.14 -1.36
N GLN A 228 -28.77 -35.35 15.63
CA GLN A 228 -28.13 -35.29 14.32
C GLN A 228 -27.82 -33.85 13.90
N GLU A 229 -26.62 -33.64 13.35
CA GLU A 229 -25.67 -34.73 13.11
C GLU A 229 -24.34 -34.53 13.84
N GLN A 230 -23.77 -33.33 13.75
CA GLN A 230 -22.39 -33.14 14.20
C GLN A 230 -22.23 -32.13 15.32
N LEU A 231 -21.11 -32.24 16.04
CA LEU A 231 -20.71 -31.27 17.05
C LEU A 231 -19.21 -31.36 17.28
N VAL A 232 -18.55 -30.21 17.19
CA VAL A 232 -17.10 -30.15 17.39
C VAL A 232 -16.74 -29.18 18.51
N VAL A 233 -16.04 -29.69 19.51
CA VAL A 233 -15.58 -28.85 20.61
C VAL A 233 -14.08 -28.62 20.48
N GLY A 234 -13.58 -27.58 21.12
CA GLY A 234 -12.16 -27.28 21.06
C GLY A 234 -11.84 -25.90 21.60
N HIS A 235 -10.58 -25.70 21.98
CA HIS A 235 -10.13 -24.40 22.46
C HIS A 235 -9.93 -23.43 21.30
N ASN A 236 -10.64 -22.31 21.34
CA ASN A 236 -10.73 -21.39 20.21
C ASN A 236 -11.20 -22.17 18.98
N VAL A 237 -12.44 -22.63 19.04
CA VAL A 237 -12.96 -23.57 18.06
C VAL A 237 -13.17 -22.93 16.69
N SER A 238 -13.28 -21.61 16.66
CA SER A 238 -13.56 -20.90 15.41
C SER A 238 -12.38 -20.96 14.46
N PHE A 239 -11.17 -20.88 15.00
CA PHE A 239 -9.96 -20.99 14.19
C PHE A 239 -9.87 -22.36 13.53
N ASP A 240 -10.30 -23.39 14.25
CA ASP A 240 -10.34 -24.74 13.69
C ASP A 240 -11.43 -24.83 12.62
N ARG A 241 -12.57 -24.20 12.91
CA ARG A 241 -13.70 -24.16 11.98
C ARG A 241 -13.32 -23.52 10.65
N ALA A 242 -12.45 -22.52 10.71
CA ALA A 242 -12.00 -21.83 9.51
C ALA A 242 -11.17 -22.75 8.62
N HIS A 243 -10.74 -23.88 9.16
CA HIS A 243 -9.97 -24.86 8.40
C HIS A 243 -10.81 -26.09 8.07
N ILE A 244 -12.12 -25.91 7.95
CA ILE A 244 -13.02 -27.00 7.60
C ILE A 244 -13.48 -26.89 6.14
N ARG A 245 -13.28 -27.98 5.39
CA ARG A 245 -13.56 -28.01 3.96
C ARG A 245 -15.01 -27.64 3.63
N GLU A 246 -15.96 -28.18 4.40
CA GLU A 246 -17.37 -28.06 4.07
C GLU A 246 -18.09 -26.92 4.77
N GLN A 247 -17.36 -26.14 5.56
CA GLN A 247 -17.96 -25.01 6.26
C GLN A 247 -18.04 -23.79 5.35
N TYR A 248 -17.28 -23.83 4.26
CA TYR A 248 -17.16 -22.70 3.35
C TYR A 248 -18.29 -22.65 2.32
N LEU A 249 -19.01 -23.75 2.17
CA LEU A 249 -20.09 -23.82 1.19
C LEU A 249 -21.20 -22.84 1.53
N ILE A 250 -21.87 -22.33 0.49
CA ILE A 250 -22.94 -21.34 0.64
C ILE A 250 -24.09 -21.89 1.48
N GLN A 251 -24.40 -23.18 1.28
CA GLN A 251 -25.46 -23.84 2.03
C GLN A 251 -24.91 -24.44 3.34
N GLY A 252 -25.75 -25.18 4.05
CA GLY A 252 -25.36 -25.78 5.30
C GLY A 252 -25.47 -24.82 6.47
N SER A 253 -25.09 -25.27 7.66
CA SER A 253 -24.57 -26.61 7.87
C SER A 253 -25.13 -27.23 9.14
N ARG A 254 -25.29 -28.56 9.13
CA ARG A 254 -25.76 -29.29 10.30
C ARG A 254 -24.76 -29.20 11.45
N MET A 255 -23.48 -29.13 11.10
CA MET A 255 -22.42 -29.09 12.09
C MET A 255 -22.33 -27.74 12.82
N ARG A 256 -22.28 -27.80 14.14
CA ARG A 256 -22.04 -26.61 14.94
C ARG A 256 -20.77 -26.82 15.75
N PHE A 257 -20.39 -25.81 16.53
CA PHE A 257 -19.16 -25.87 17.30
C PHE A 257 -19.35 -25.39 18.73
N LEU A 258 -18.51 -25.90 19.62
CA LEU A 258 -18.54 -25.51 21.03
C LEU A 258 -17.15 -25.03 21.46
N ASP A 259 -17.07 -23.80 21.95
CA ASP A 259 -15.80 -23.19 22.31
C ASP A 259 -15.56 -23.29 23.82
N THR A 260 -14.48 -23.96 24.20
CA THR A 260 -14.14 -24.12 25.61
C THR A 260 -13.67 -22.80 26.23
N MET A 261 -13.05 -21.97 25.41
CA MET A 261 -12.59 -20.66 25.85
C MET A 261 -13.79 -19.78 26.22
N SER A 262 -14.76 -19.73 25.31
CA SER A 262 -15.98 -18.97 25.53
C SER A 262 -16.71 -19.46 26.78
N MET A 263 -16.67 -20.78 26.97
CA MET A 263 -17.31 -21.42 28.11
C MET A 263 -16.63 -21.01 29.42
N HIS A 264 -15.31 -21.06 29.43
CA HIS A 264 -14.54 -20.59 30.58
C HIS A 264 -14.86 -19.14 30.90
N MET A 265 -14.98 -18.33 29.85
CA MET A 265 -15.29 -16.92 30.02
C MET A 265 -16.68 -16.73 30.63
N ALA A 266 -17.61 -17.58 30.24
CA ALA A 266 -18.98 -17.52 30.76
C ALA A 266 -19.04 -17.95 32.22
N ILE A 267 -18.26 -18.98 32.55
CA ILE A 267 -18.25 -19.54 33.90
C ILE A 267 -17.44 -18.69 34.87
N SER A 268 -16.12 -18.72 34.70
CA SER A 268 -15.22 -18.04 35.61
C SER A 268 -14.28 -17.08 34.89
N GLY A 269 -14.85 -16.16 34.12
CA GLY A 269 -14.07 -15.19 33.39
C GLY A 269 -13.68 -14.00 34.23
N LEU A 270 -12.85 -13.12 33.66
CA LEU A 270 -12.44 -11.91 34.35
C LEU A 270 -12.20 -10.76 33.35
N SER A 271 -12.23 -9.53 33.85
CA SER A 271 -12.03 -8.37 33.00
C SER A 271 -10.56 -8.21 32.62
N SER A 272 -10.29 -7.36 31.63
CA SER A 272 -8.93 -7.08 31.19
C SER A 272 -8.09 -6.52 32.33
N PHE A 273 -8.70 -5.63 33.11
CA PHE A 273 -8.04 -5.04 34.26
C PHE A 273 -7.67 -6.14 35.27
N GLN A 274 -8.54 -7.12 35.39
CA GLN A 274 -8.27 -8.26 36.26
C GLN A 274 -7.15 -9.12 35.68
N ARG A 275 -7.07 -9.19 34.36
CA ARG A 275 -6.01 -9.94 33.69
C ARG A 275 -4.64 -9.29 33.95
N SER A 276 -4.61 -7.97 33.94
CA SER A 276 -3.36 -7.23 34.03
C SER A 276 -2.63 -7.47 35.36
N LEU A 277 -3.39 -7.72 36.42
CA LEU A 277 -2.79 -7.93 37.73
C LEU A 277 -2.82 -9.39 38.15
N TRP A 278 -3.55 -10.21 37.38
CA TRP A 278 -3.54 -11.65 37.59
C TRP A 278 -2.17 -12.21 37.22
N ILE A 279 -1.64 -11.72 36.11
CA ILE A 279 -0.34 -12.15 35.62
C ILE A 279 0.78 -11.47 36.40
N ALA A 280 0.42 -10.42 37.13
CA ALA A 280 1.37 -9.73 38.02
C ALA A 280 1.71 -10.62 39.19
N ALA A 281 0.81 -11.54 39.51
CA ALA A 281 1.07 -12.54 40.54
C ALA A 281 2.23 -13.42 40.14
N LYS A 282 3.44 -12.88 40.27
CA LYS A 282 4.65 -13.57 39.86
C LYS A 282 5.89 -12.88 40.44
N ALA A 307 -8.07 -1.97 47.63
CA ALA A 307 -7.54 -3.27 47.26
C ALA A 307 -7.20 -4.10 48.50
N ILE A 308 -8.11 -4.12 49.47
CA ILE A 308 -7.89 -4.87 50.71
C ILE A 308 -8.25 -6.35 50.57
N SER A 309 -9.42 -6.62 50.01
CA SER A 309 -9.86 -8.00 49.75
C SER A 309 -9.99 -8.24 48.26
N SER A 310 -9.03 -7.72 47.51
CA SER A 310 -9.04 -7.84 46.06
C SER A 310 -8.21 -9.03 45.59
N TRP A 311 -7.66 -9.80 46.53
CA TRP A 311 -6.82 -10.93 46.18
C TRP A 311 -7.43 -12.27 46.61
N ASP A 312 -8.75 -12.29 46.79
CA ASP A 312 -9.43 -13.52 47.20
C ASP A 312 -9.98 -14.29 46.00
N TRP A 313 -10.01 -13.63 44.85
CA TRP A 313 -10.50 -14.24 43.63
C TRP A 313 -9.36 -14.69 42.72
N LEU A 314 -8.13 -14.50 43.19
CA LEU A 314 -6.95 -14.78 42.39
C LEU A 314 -6.80 -16.26 42.03
N ASP A 315 -7.33 -17.14 42.88
CA ASP A 315 -7.15 -18.57 42.69
C ASP A 315 -8.41 -19.28 42.23
N ILE A 316 -9.48 -18.53 42.02
CA ILE A 316 -10.74 -19.13 41.61
C ILE A 316 -10.99 -18.90 40.11
N SER A 317 -10.17 -18.03 39.51
CA SER A 317 -10.28 -17.77 38.08
C SER A 317 -8.89 -17.75 37.44
N SER A 318 -8.85 -17.53 36.13
CA SER A 318 -7.58 -17.53 35.40
C SER A 318 -7.70 -16.85 34.04
N VAL A 319 -6.53 -16.58 33.44
CA VAL A 319 -6.48 -15.99 32.11
C VAL A 319 -6.92 -17.05 31.09
N ASN A 320 -7.15 -16.63 29.85
CA ASN A 320 -7.78 -17.48 28.85
C ASN A 320 -6.84 -18.45 28.13
N SER A 321 -5.57 -18.50 28.54
CA SER A 321 -4.62 -19.44 27.95
C SER A 321 -5.07 -20.88 28.20
N LEU A 322 -4.62 -21.81 27.37
CA LEU A 322 -5.03 -23.20 27.50
C LEU A 322 -4.38 -23.88 28.71
N ALA A 323 -3.09 -23.63 28.91
CA ALA A 323 -2.37 -24.20 30.03
C ALA A 323 -2.98 -23.73 31.35
N GLU A 324 -3.28 -22.44 31.41
CA GLU A 324 -3.85 -21.85 32.61
C GLU A 324 -5.27 -22.36 32.90
N VAL A 325 -6.10 -22.44 31.87
CA VAL A 325 -7.47 -22.90 32.06
C VAL A 325 -7.52 -24.39 32.39
N HIS A 326 -6.52 -25.13 31.93
CA HIS A 326 -6.42 -26.54 32.29
C HIS A 326 -5.97 -26.67 33.74
N ARG A 327 -5.00 -25.84 34.12
CA ARG A 327 -4.50 -25.85 35.50
C ARG A 327 -5.58 -25.32 36.45
N LEU A 328 -6.61 -24.70 35.89
CA LEU A 328 -7.71 -24.18 36.68
C LEU A 328 -8.84 -25.21 36.83
N TYR A 329 -9.32 -25.74 35.72
CA TYR A 329 -10.49 -26.63 35.77
C TYR A 329 -10.13 -28.09 36.06
N VAL A 330 -8.98 -28.52 35.56
CA VAL A 330 -8.53 -29.89 35.81
C VAL A 330 -7.57 -29.91 36.99
N GLY A 331 -6.72 -28.90 37.06
CA GLY A 331 -5.78 -28.79 38.16
C GLY A 331 -4.73 -29.88 38.12
N GLY A 332 -4.53 -30.47 36.95
CA GLY A 332 -3.55 -31.52 36.78
C GLY A 332 -2.15 -30.94 36.63
N PRO A 333 -1.20 -31.76 36.13
CA PRO A 333 0.18 -31.30 35.92
C PRO A 333 0.24 -30.24 34.82
N PRO A 334 1.17 -29.28 34.96
CA PRO A 334 1.31 -28.21 33.95
C PRO A 334 1.73 -28.75 32.59
N LEU A 335 0.83 -28.65 31.60
CA LEU A 335 1.13 -29.10 30.26
C LEU A 335 2.24 -28.26 29.64
N GLU A 336 3.16 -28.92 28.94
CA GLU A 336 4.29 -28.23 28.36
C GLU A 336 3.92 -27.59 27.03
N LYS A 337 4.51 -26.43 26.74
CA LYS A 337 4.30 -25.77 25.45
C LYS A 337 5.55 -25.94 24.59
N GLU A 338 5.37 -25.92 23.28
CA GLU A 338 6.49 -26.04 22.33
C GLU A 338 7.52 -24.92 22.56
N PRO A 339 8.74 -25.30 22.96
CA PRO A 339 9.80 -24.35 23.33
C PRO A 339 10.41 -23.62 22.13
N ARG A 340 10.25 -24.18 20.95
CA ARG A 340 10.82 -23.57 19.75
C ARG A 340 9.79 -22.79 18.97
N GLU A 341 8.51 -23.00 19.29
CA GLU A 341 7.40 -22.38 18.57
C GLU A 341 7.54 -22.65 17.07
N LEU A 342 7.74 -23.92 16.73
CA LEU A 342 8.13 -24.32 15.40
C LEU A 342 7.10 -23.97 14.31
N PHE A 343 5.83 -23.95 14.70
CA PHE A 343 4.78 -23.64 13.73
C PHE A 343 4.74 -22.16 13.36
N VAL A 344 5.43 -21.32 14.11
CA VAL A 344 5.44 -19.88 13.83
C VAL A 344 6.85 -19.31 13.73
N LYS A 345 7.85 -20.07 14.19
CA LYS A 345 9.23 -19.59 14.17
C LYS A 345 10.03 -20.28 13.08
N GLY A 346 9.64 -21.51 12.75
CA GLY A 346 10.39 -22.30 11.79
C GLY A 346 9.64 -22.53 10.48
N THR A 347 10.31 -23.22 9.56
CA THR A 347 9.76 -23.50 8.24
C THR A 347 9.10 -24.86 8.17
N MET A 348 8.70 -25.27 6.97
CA MET A 348 8.12 -26.58 6.74
C MET A 348 9.17 -27.67 6.85
N LYS A 349 10.41 -27.31 6.53
CA LYS A 349 11.54 -28.23 6.59
C LYS A 349 11.74 -28.80 7.99
N ASP A 350 11.87 -27.92 8.98
CA ASP A 350 12.15 -28.33 10.35
C ASP A 350 10.90 -28.85 11.08
N ILE A 351 9.77 -28.84 10.38
CA ILE A 351 8.54 -29.42 10.93
C ILE A 351 8.56 -30.93 10.77
N ARG A 352 8.89 -31.39 9.56
CA ARG A 352 8.90 -32.81 9.25
C ARG A 352 9.97 -33.56 10.03
N GLU A 353 11.06 -32.89 10.35
CA GLU A 353 12.14 -33.49 11.13
C GLU A 353 11.67 -33.84 12.53
N ASN A 354 10.70 -33.06 13.03
CA ASN A 354 10.14 -33.24 14.36
C ASN A 354 8.65 -33.51 14.29
N PHE A 355 8.23 -34.29 13.30
CA PHE A 355 6.82 -34.57 13.04
C PHE A 355 6.15 -35.30 14.21
N GLN A 356 6.76 -36.41 14.62
CA GLN A 356 6.23 -37.22 15.71
C GLN A 356 5.94 -36.36 16.93
N ASP A 357 6.92 -35.54 17.30
CA ASP A 357 6.84 -34.73 18.50
C ASP A 357 5.75 -33.65 18.42
N LEU A 358 5.69 -32.93 17.31
CA LEU A 358 4.65 -31.92 17.10
C LEU A 358 3.27 -32.55 17.17
N MET A 359 3.15 -33.71 16.54
CA MET A 359 1.92 -34.50 16.64
C MET A 359 1.58 -34.77 18.09
N GLN A 360 2.58 -35.18 18.87
CA GLN A 360 2.39 -35.48 20.28
C GLN A 360 1.89 -34.25 21.03
N TYR A 361 2.48 -33.09 20.73
CA TYR A 361 2.04 -31.82 21.32
C TYR A 361 0.56 -31.55 21.03
N CYS A 362 0.18 -31.70 19.76
CA CYS A 362 -1.21 -31.52 19.36
C CYS A 362 -2.13 -32.45 20.14
N ALA A 363 -1.67 -33.69 20.34
CA ALA A 363 -2.43 -34.67 21.11
C ALA A 363 -2.62 -34.22 22.56
N GLN A 364 -1.56 -33.73 23.18
CA GLN A 364 -1.65 -33.19 24.54
C GLN A 364 -2.67 -32.06 24.60
N ASP A 365 -2.66 -31.22 23.57
CA ASP A 365 -3.60 -30.09 23.50
C ASP A 365 -5.06 -30.54 23.41
N VAL A 366 -5.35 -31.50 22.53
CA VAL A 366 -6.74 -31.95 22.37
C VAL A 366 -7.20 -32.75 23.59
N TRP A 367 -6.25 -33.39 24.27
CA TRP A 367 -6.57 -34.13 25.48
C TRP A 367 -6.94 -33.17 26.61
N ALA A 368 -6.08 -32.17 26.82
CA ALA A 368 -6.34 -31.14 27.83
C ALA A 368 -7.67 -30.45 27.56
N THR A 369 -7.89 -30.15 26.28
CA THR A 369 -9.13 -29.53 25.85
C THR A 369 -10.33 -30.42 26.19
N HIS A 370 -10.17 -31.72 25.98
CA HIS A 370 -11.24 -32.67 26.31
C HIS A 370 -11.56 -32.68 27.79
N GLU A 371 -10.52 -32.76 28.63
CA GLU A 371 -10.70 -32.75 30.08
C GLU A 371 -11.40 -31.48 30.53
N VAL A 372 -10.86 -30.34 30.11
CA VAL A 372 -11.41 -29.03 30.42
C VAL A 372 -12.88 -28.95 30.03
N PHE A 373 -13.20 -29.39 28.82
CA PHE A 373 -14.58 -29.40 28.33
C PHE A 373 -15.49 -30.25 29.23
N GLN A 374 -15.03 -31.47 29.52
CA GLN A 374 -15.76 -32.39 30.36
C GLN A 374 -16.08 -31.77 31.71
N GLN A 375 -15.14 -30.97 32.23
CA GLN A 375 -15.34 -30.35 33.52
C GLN A 375 -16.20 -29.09 33.45
N GLN A 376 -16.21 -28.46 32.28
CA GLN A 376 -16.89 -27.17 32.12
C GLN A 376 -18.37 -27.31 31.76
N LEU A 377 -18.68 -28.27 30.90
CA LEU A 377 -20.06 -28.46 30.42
C LEU A 377 -21.10 -28.48 31.55
N PRO A 378 -20.89 -29.28 32.60
CA PRO A 378 -21.89 -29.25 33.68
C PRO A 378 -21.91 -27.93 34.46
N LEU A 379 -20.73 -27.32 34.61
CA LEU A 379 -20.61 -26.03 35.30
C LEU A 379 -21.34 -24.93 34.52
N PHE A 380 -21.11 -24.90 33.22
CA PHE A 380 -21.79 -23.94 32.36
C PHE A 380 -23.29 -24.18 32.36
N LEU A 381 -23.68 -25.45 32.31
CA LEU A 381 -25.10 -25.81 32.33
C LEU A 381 -25.77 -25.40 33.65
N GLU A 382 -24.99 -25.39 34.73
CA GLU A 382 -25.50 -24.94 36.03
C GLU A 382 -25.62 -23.42 36.09
N ARG A 383 -24.54 -22.72 35.72
CA ARG A 383 -24.50 -21.26 35.82
C ARG A 383 -25.34 -20.57 34.73
N CYS A 384 -25.49 -21.24 33.59
CA CYS A 384 -26.32 -20.73 32.51
C CYS A 384 -27.43 -21.73 32.17
N PRO A 385 -28.45 -21.80 33.04
CA PRO A 385 -29.51 -22.81 32.99
C PRO A 385 -30.41 -22.67 31.76
N HIS A 386 -30.62 -21.44 31.31
CA HIS A 386 -31.53 -21.20 30.20
C HIS A 386 -30.90 -21.67 28.88
N PRO A 387 -31.63 -22.51 28.14
CA PRO A 387 -31.15 -23.07 26.86
C PRO A 387 -31.01 -22.00 25.77
N VAL A 388 -31.64 -20.85 25.98
CA VAL A 388 -31.56 -19.74 25.05
C VAL A 388 -30.11 -19.32 24.86
N THR A 389 -29.38 -19.21 25.96
CA THR A 389 -27.96 -18.85 25.91
C THR A 389 -27.14 -19.94 25.20
N LEU A 390 -27.57 -21.18 25.39
CA LEU A 390 -26.89 -22.33 24.78
C LEU A 390 -26.99 -22.27 23.26
N ALA A 391 -28.22 -22.24 22.75
CA ALA A 391 -28.45 -22.22 21.31
C ALA A 391 -27.91 -20.92 20.70
N GLY A 392 -28.07 -19.84 21.43
CA GLY A 392 -27.55 -18.54 21.03
C GLY A 392 -26.05 -18.60 20.85
N MET A 393 -25.37 -19.31 21.73
CA MET A 393 -23.93 -19.51 21.60
C MET A 393 -23.58 -20.51 20.50
N LEU A 394 -24.55 -21.37 20.16
CA LEU A 394 -24.31 -22.34 19.09
C LEU A 394 -24.32 -21.69 17.72
N GLU A 395 -25.33 -20.85 17.46
CA GLU A 395 -25.45 -20.21 16.16
C GLU A 395 -24.48 -19.03 16.03
N MET A 396 -24.02 -18.52 17.15
CA MET A 396 -23.12 -17.36 17.14
C MET A 396 -21.74 -17.73 16.63
N GLY A 397 -21.42 -19.02 16.65
CA GLY A 397 -20.10 -19.48 16.26
C GLY A 397 -19.96 -19.77 14.78
N VAL A 398 -21.09 -20.00 14.11
CA VAL A 398 -21.09 -20.38 12.70
C VAL A 398 -21.35 -19.19 11.77
N SER A 399 -20.56 -18.14 11.93
CA SER A 399 -20.67 -16.96 11.07
C SER A 399 -20.12 -17.24 9.67
N TYR A 400 -20.40 -16.34 8.72
CA TYR A 400 -20.10 -16.61 7.32
C TYR A 400 -20.02 -15.33 6.48
N LEU A 401 -18.88 -15.11 5.83
CA LEU A 401 -18.71 -13.91 5.00
C LEU A 401 -18.39 -14.24 3.55
N PRO A 402 -19.38 -14.10 2.65
CA PRO A 402 -19.19 -14.36 1.22
C PRO A 402 -18.47 -13.22 0.49
N VAL A 403 -17.48 -13.55 -0.34
CA VAL A 403 -16.71 -12.55 -1.06
C VAL A 403 -16.30 -13.02 -2.47
N ASN A 404 -15.62 -12.13 -3.20
CA ASN A 404 -15.15 -12.43 -4.56
C ASN A 404 -13.82 -11.75 -4.87
N GLN A 405 -13.45 -11.71 -6.15
CA GLN A 405 -12.17 -11.14 -6.60
C GLN A 405 -12.00 -9.67 -6.20
N ASN A 406 -13.12 -9.00 -6.02
CA ASN A 406 -13.14 -7.62 -5.58
C ASN A 406 -12.43 -7.44 -4.25
N TRP A 407 -12.31 -8.53 -3.49
CA TRP A 407 -11.54 -8.53 -2.26
C TRP A 407 -10.06 -8.32 -2.56
N GLU A 408 -9.53 -9.11 -3.49
CA GLU A 408 -8.11 -8.99 -3.85
C GLU A 408 -7.85 -7.61 -4.45
N ARG A 409 -8.80 -7.15 -5.26
CA ARG A 409 -8.70 -5.79 -5.81
C ARG A 409 -8.67 -4.74 -4.71
N TYR A 410 -9.49 -4.93 -3.68
CA TYR A 410 -9.55 -4.04 -2.52
C TYR A 410 -8.22 -3.99 -1.79
N LEU A 411 -7.67 -5.17 -1.51
CA LEU A 411 -6.34 -5.28 -0.89
C LEU A 411 -5.30 -4.51 -1.68
N ALA A 412 -5.20 -4.82 -2.98
CA ALA A 412 -4.21 -4.18 -3.83
C ALA A 412 -4.34 -2.66 -3.87
N GLU A 413 -5.55 -2.16 -4.12
CA GLU A 413 -5.79 -0.74 -4.24
C GLU A 413 -5.55 0.01 -2.92
N ALA A 414 -6.07 -0.54 -1.83
CA ALA A 414 -5.90 0.09 -0.53
C ALA A 414 -4.43 0.13 -0.11
N GLN A 415 -3.72 -0.97 -0.34
CA GLN A 415 -2.31 -1.04 0.01
C GLN A 415 -1.50 -0.08 -0.84
N GLY A 416 -1.87 0.04 -2.11
CA GLY A 416 -1.21 0.98 -3.00
C GLY A 416 -1.41 2.42 -2.55
N THR A 417 -2.65 2.78 -2.24
CA THR A 417 -2.97 4.09 -1.71
C THR A 417 -2.14 4.39 -0.46
N TYR A 418 -2.13 3.42 0.46
CA TYR A 418 -1.38 3.54 1.71
C TYR A 418 0.10 3.79 1.46
N GLU A 419 0.71 2.95 0.63
CA GLU A 419 2.13 3.08 0.30
C GLU A 419 2.43 4.43 -0.34
N GLU A 420 1.49 4.95 -1.13
CA GLU A 420 1.66 6.24 -1.77
C GLU A 420 1.66 7.38 -0.78
N LEU A 421 0.63 7.43 0.06
CA LEU A 421 0.52 8.50 1.06
C LEU A 421 1.70 8.45 2.02
N GLN A 422 2.10 7.24 2.41
CA GLN A 422 3.25 7.07 3.28
C GLN A 422 4.53 7.53 2.58
N ARG A 423 4.60 7.29 1.27
CA ARG A 423 5.75 7.72 0.48
C ARG A 423 5.85 9.24 0.49
N GLU A 424 4.72 9.91 0.28
CA GLU A 424 4.65 11.36 0.30
C GLU A 424 5.07 11.94 1.66
N MET A 425 4.42 11.46 2.72
CA MET A 425 4.71 11.90 4.08
C MET A 425 6.17 11.72 4.45
N LYS A 426 6.66 10.49 4.28
CA LYS A 426 8.05 10.18 4.63
C LYS A 426 9.03 10.98 3.78
N LYS A 427 8.65 11.26 2.53
CA LYS A 427 9.49 12.07 1.64
C LYS A 427 9.64 13.48 2.19
N SER A 428 8.51 14.09 2.54
CA SER A 428 8.51 15.44 3.11
C SER A 428 9.31 15.49 4.41
N LEU A 429 9.05 14.54 5.29
CA LEU A 429 9.70 14.52 6.60
C LEU A 429 11.21 14.29 6.50
N MET A 430 11.63 13.39 5.61
CA MET A 430 13.06 13.13 5.45
C MET A 430 13.72 14.30 4.72
N ASP A 431 12.94 15.05 3.95
CA ASP A 431 13.44 16.27 3.33
C ASP A 431 13.72 17.34 4.40
N LEU A 432 12.78 17.50 5.31
CA LEU A 432 12.96 18.41 6.45
C LEU A 432 14.15 17.97 7.31
N ALA A 433 14.31 16.67 7.46
CA ALA A 433 15.39 16.12 8.28
C ALA A 433 16.76 16.27 7.61
N ASN A 434 16.76 16.26 6.27
CA ASN A 434 18.01 16.41 5.52
C ASN A 434 18.53 17.84 5.54
N ASP A 435 17.66 18.80 5.27
CA ASP A 435 18.06 20.21 5.24
C ASP A 435 18.32 20.77 6.63
N ALA A 436 17.97 20.00 7.65
CA ALA A 436 18.21 20.40 9.03
C ALA A 436 19.52 19.79 9.53
N CYS A 437 20.11 18.92 8.72
CA CYS A 437 21.36 18.25 9.09
C CYS A 437 22.57 19.11 8.73
N GLN A 438 22.31 20.22 8.05
CA GLN A 438 23.40 21.07 7.54
C GLN A 438 23.95 22.04 8.59
N LEU A 439 23.17 22.31 9.64
CA LEU A 439 23.60 23.27 10.65
C LEU A 439 24.42 22.60 11.77
N LEU A 440 25.21 21.60 11.40
CA LEU A 440 26.12 20.96 12.33
C LEU A 440 27.44 21.72 12.35
N SER A 441 27.79 22.31 11.21
CA SER A 441 29.01 23.09 11.08
C SER A 441 28.70 24.57 10.92
N GLY A 442 29.14 25.37 11.88
CA GLY A 442 29.89 24.88 13.02
C GLY A 442 29.29 25.29 14.34
N GLU A 443 28.75 24.32 15.07
CA GLU A 443 28.18 24.53 16.40
C GLU A 443 27.06 25.57 16.41
N ARG A 444 26.40 25.74 15.26
CA ARG A 444 25.31 26.71 15.15
C ARG A 444 23.97 26.07 15.52
N TYR A 445 24.01 24.82 15.94
CA TYR A 445 22.80 24.11 16.35
C TYR A 445 22.35 24.55 17.74
N LYS A 446 23.28 25.09 18.52
CA LYS A 446 22.99 25.55 19.87
C LYS A 446 22.02 26.73 19.85
N GLU A 447 21.96 27.41 18.72
CA GLU A 447 21.05 28.54 18.55
C GLU A 447 19.65 28.07 18.17
N ASP A 448 19.57 26.87 17.61
CA ASP A 448 18.28 26.31 17.20
C ASP A 448 17.41 26.00 18.41
N PRO A 449 16.22 26.61 18.47
CA PRO A 449 15.29 26.45 19.60
C PRO A 449 14.58 25.09 19.61
N TRP A 450 14.70 24.34 18.51
CA TRP A 450 14.09 23.01 18.43
C TRP A 450 15.13 21.89 18.47
N LEU A 451 16.33 22.18 17.99
CA LEU A 451 17.36 21.16 17.82
C LEU A 451 18.59 21.41 18.66
N TRP A 452 18.60 20.89 19.88
CA TRP A 452 19.74 21.05 20.78
C TRP A 452 19.75 20.00 21.89
N ASP A 453 18.63 19.31 22.05
CA ASP A 453 18.54 18.27 23.06
C ASP A 453 19.27 17.01 22.63
N LEU A 454 19.31 16.77 21.32
CA LEU A 454 19.79 15.51 20.79
C LEU A 454 21.31 15.44 20.70
N GLU A 455 21.80 14.43 19.99
CA GLU A 455 23.21 14.05 20.03
C GLU A 455 24.16 15.07 19.39
N TRP A 456 24.03 15.24 18.07
CA TRP A 456 24.99 16.02 17.28
C TRP A 456 26.41 15.46 17.44
N ASP A 457 26.54 14.15 17.28
CA ASP A 457 27.84 13.48 17.46
C ASP A 457 28.68 13.52 16.20
N LEU A 458 29.98 13.29 16.36
CA LEU A 458 30.90 13.24 15.23
C LEU A 458 31.96 12.16 15.47
N GLN A 459 31.70 10.98 14.91
CA GLN A 459 32.59 9.82 15.10
C GLN A 459 33.44 9.57 13.85
N GLU A 460 34.55 8.86 14.04
CA GLU A 460 35.48 8.57 12.94
C GLU A 460 36.40 7.41 13.32
N PHE A 461 35.82 6.22 13.47
CA PHE A 461 36.52 5.08 14.03
C PHE A 461 36.32 3.82 13.19
N LYS A 462 37.29 2.90 13.16
CA LYS A 462 38.58 3.02 13.84
C LYS A 462 39.65 2.24 13.07
N GLN A 463 40.91 2.37 13.49
CA GLN A 463 42.02 1.64 12.88
C GLN A 463 43.11 1.28 13.88
N LYS A 464 43.93 0.31 13.52
CA LYS A 464 45.08 -0.07 14.34
C LYS A 464 46.36 -0.18 13.51
N LYS A 465 47.51 0.00 14.16
CA LYS A 465 48.80 0.05 13.48
C LYS A 465 49.34 -1.33 13.10
N ALA A 466 49.90 -1.42 11.89
CA ALA A 466 50.49 -2.66 11.40
C ALA A 466 51.67 -2.36 10.48
N LYS A 467 51.76 -1.12 10.03
CA LYS A 467 52.87 -0.69 9.17
C LYS A 467 53.85 0.19 9.96
N LYS A 468 55.12 0.17 9.53
CA LYS A 468 56.21 0.78 10.29
C LYS A 468 57.41 1.06 9.36
N VAL A 469 58.30 2.00 9.70
CA VAL A 469 58.27 2.82 10.92
C VAL A 469 58.89 4.21 10.68
N LYS A 470 58.49 5.18 11.51
CA LYS A 470 59.20 6.46 11.66
C LYS A 470 59.33 7.29 10.38
N LYS A 471 58.23 7.43 9.63
CA LYS A 471 58.15 8.34 8.49
C LYS A 471 56.70 8.80 8.30
N GLU A 472 56.51 10.02 7.80
CA GLU A 472 55.17 10.61 7.68
C GLU A 472 54.41 10.16 6.42
N PRO A 473 53.20 9.59 6.61
CA PRO A 473 52.33 9.14 5.53
C PRO A 473 51.17 10.11 5.21
N ALA A 474 51.20 11.29 5.81
CA ALA A 474 50.13 12.27 5.64
C ALA A 474 50.41 13.24 4.49
N THR A 475 51.68 13.32 4.09
CA THR A 475 52.08 14.22 3.02
C THR A 475 52.83 13.48 1.92
N ALA A 476 52.99 12.17 2.09
CA ALA A 476 53.69 11.34 1.11
C ALA A 476 52.75 10.36 0.43
N LEU A 496 49.33 20.48 -17.94
CA LEU A 496 48.74 21.41 -18.90
C LEU A 496 49.22 21.10 -20.31
N GLY A 497 49.74 19.89 -20.51
CA GLY A 497 50.28 19.49 -21.79
C GLY A 497 49.27 18.79 -22.69
N PRO A 498 49.17 19.24 -23.95
CA PRO A 498 48.22 18.72 -24.94
C PRO A 498 48.79 17.63 -25.86
N CYS A 499 47.99 16.61 -26.14
CA CYS A 499 48.41 15.52 -27.03
C CYS A 499 47.23 14.65 -27.44
N SER A 500 47.54 13.41 -27.83
CA SER A 500 46.55 12.43 -28.27
C SER A 500 47.15 11.04 -28.43
N GLU A 501 47.37 10.34 -27.32
CA GLU A 501 48.02 9.03 -27.35
C GLU A 501 47.04 7.90 -27.05
N GLU A 502 47.24 6.75 -27.69
CA GLU A 502 46.37 5.59 -27.48
C GLU A 502 47.13 4.28 -27.65
N GLU A 503 48.45 4.36 -27.83
CA GLU A 503 49.29 3.18 -28.02
C GLU A 503 49.29 2.30 -26.77
N GLU A 504 49.00 2.90 -25.62
CA GLU A 504 48.91 2.17 -24.36
C GLU A 504 47.51 1.62 -24.19
N PHE A 505 47.11 0.74 -25.11
CA PHE A 505 45.77 0.15 -25.12
C PHE A 505 45.46 -0.60 -23.82
N GLN A 506 46.50 -1.10 -23.16
CA GLN A 506 46.33 -1.92 -21.97
C GLN A 506 46.70 -1.19 -20.68
N GLN A 507 46.71 0.14 -20.72
CA GLN A 507 46.95 0.91 -19.51
C GLN A 507 45.69 0.96 -18.66
N ASP A 508 44.56 0.72 -19.30
CA ASP A 508 43.28 0.67 -18.62
C ASP A 508 43.20 -0.50 -17.65
N VAL A 509 43.56 -1.69 -18.14
CA VAL A 509 43.56 -2.88 -17.29
C VAL A 509 44.71 -2.79 -16.29
N MET A 510 45.67 -1.90 -16.55
CA MET A 510 46.74 -1.64 -15.60
C MET A 510 46.22 -0.85 -14.41
N ALA A 511 45.48 0.22 -14.70
CA ALA A 511 44.83 1.01 -13.66
C ALA A 511 43.81 0.16 -12.91
N ARG A 512 43.15 -0.74 -13.64
CA ARG A 512 42.19 -1.68 -13.07
C ARG A 512 42.85 -2.64 -12.09
N ALA A 513 43.98 -3.21 -12.51
CA ALA A 513 44.74 -4.13 -11.67
C ALA A 513 45.25 -3.43 -10.43
N CYS A 514 45.73 -2.20 -10.60
CA CYS A 514 46.18 -1.37 -9.49
C CYS A 514 45.04 -1.16 -8.50
N LEU A 515 43.86 -0.87 -9.04
CA LEU A 515 42.66 -0.65 -8.24
C LEU A 515 42.28 -1.89 -7.41
N GLN A 516 42.12 -3.03 -8.08
CA GLN A 516 41.70 -4.25 -7.40
C GLN A 516 42.74 -4.72 -6.39
N LYS A 517 44.02 -4.58 -6.73
CA LYS A 517 45.09 -4.92 -5.80
C LYS A 517 45.06 -4.00 -4.59
N LEU A 518 44.64 -2.75 -4.81
CA LEU A 518 44.54 -1.78 -3.71
C LEU A 518 43.30 -2.06 -2.85
N LYS A 519 42.32 -2.74 -3.44
CA LYS A 519 41.06 -3.01 -2.75
C LYS A 519 41.19 -4.09 -1.67
N GLY A 520 41.54 -5.30 -2.09
CA GLY A 520 41.56 -6.44 -1.20
C GLY A 520 42.71 -6.47 -0.20
N THR A 521 43.16 -5.29 0.23
CA THR A 521 44.23 -5.20 1.22
C THR A 521 43.86 -4.23 2.34
N THR A 522 42.65 -3.68 2.27
CA THR A 522 42.15 -2.77 3.30
C THR A 522 41.03 -3.45 4.08
N GLU A 523 40.51 -4.53 3.51
CA GLU A 523 39.36 -5.22 4.09
C GLU A 523 39.64 -5.75 5.49
N LEU A 524 40.91 -6.05 5.77
CA LEU A 524 41.28 -6.59 7.07
C LEU A 524 41.56 -5.48 8.08
N LEU A 525 41.49 -4.23 7.63
CA LEU A 525 41.74 -3.10 8.52
C LEU A 525 40.55 -2.78 9.45
N PRO A 526 39.30 -2.82 8.93
CA PRO A 526 38.19 -2.72 9.90
C PRO A 526 37.62 -4.10 10.23
N LYS A 527 36.37 -4.15 10.68
CA LYS A 527 35.75 -5.41 11.05
C LYS A 527 34.26 -5.43 10.73
N ARG A 528 33.45 -5.03 11.70
CA ARG A 528 32.00 -4.99 11.53
C ARG A 528 31.54 -3.61 11.10
N PRO A 529 30.97 -3.51 9.89
CA PRO A 529 30.50 -2.25 9.32
C PRO A 529 29.42 -1.58 10.18
N GLN A 530 29.80 -0.53 10.91
CA GLN A 530 28.86 0.20 11.75
C GLN A 530 28.07 1.21 10.93
N HIS A 531 27.11 1.86 11.56
CA HIS A 531 26.29 2.87 10.91
C HIS A 531 27.15 4.08 10.59
N LEU A 532 26.67 4.91 9.64
CA LEU A 532 27.41 6.08 9.20
C LEU A 532 27.76 7.03 10.34
N PRO A 533 29.06 7.12 10.67
CA PRO A 533 29.55 7.93 11.78
C PRO A 533 29.62 9.43 11.47
N GLY A 534 29.81 9.77 10.20
CA GLY A 534 29.94 11.16 9.79
C GLY A 534 28.73 12.00 10.13
N HIS A 535 27.56 11.38 10.10
CA HIS A 535 26.30 12.05 10.39
C HIS A 535 26.01 12.03 11.89
N PRO A 536 25.34 13.07 12.40
CA PRO A 536 24.96 13.17 13.82
C PRO A 536 24.15 11.96 14.30
N GLY A 537 24.13 11.73 15.61
CA GLY A 537 23.45 10.59 16.20
C GLY A 537 21.97 10.50 15.90
N TRP A 538 21.27 11.64 16.01
CA TRP A 538 19.84 11.71 15.74
C TRP A 538 19.54 11.28 14.29
N TYR A 539 20.54 11.45 13.43
CA TYR A 539 20.39 11.10 12.02
C TYR A 539 20.72 9.63 11.78
N ARG A 540 21.64 9.09 12.59
CA ARG A 540 21.97 7.67 12.52
C ARG A 540 20.76 6.85 12.96
N LYS A 541 20.13 7.28 14.05
CA LYS A 541 18.94 6.59 14.56
C LYS A 541 17.79 6.65 13.55
N LEU A 542 17.74 7.73 12.77
CA LEU A 542 16.68 7.94 11.81
C LEU A 542 17.04 7.33 10.45
N CYS A 543 17.99 6.40 10.45
CA CYS A 543 18.41 5.70 9.24
C CYS A 543 18.36 4.20 9.44
N PRO A 544 17.98 3.46 8.39
CA PRO A 544 18.04 1.99 8.43
C PRO A 544 19.48 1.49 8.35
N ARG A 545 19.74 0.32 8.92
CA ARG A 545 21.08 -0.26 8.92
C ARG A 545 21.53 -0.61 7.50
N LEU A 546 22.85 -0.60 7.28
CA LEU A 546 23.40 -0.84 5.95
C LEU A 546 23.26 -2.30 5.51
N ASP A 547 23.43 -3.22 6.45
CA ASP A 547 23.33 -4.65 6.14
C ASP A 547 21.91 -5.16 6.34
N ASP A 548 20.93 -4.27 6.16
CA ASP A 548 19.53 -4.62 6.32
C ASP A 548 18.91 -4.95 4.97
N PRO A 549 18.23 -6.10 4.88
CA PRO A 549 17.62 -6.60 3.65
C PRO A 549 16.56 -5.68 3.06
N ALA A 550 16.08 -4.73 3.84
CA ALA A 550 15.06 -3.79 3.37
C ALA A 550 15.55 -2.35 3.47
N TRP A 551 16.81 -2.13 3.10
CA TRP A 551 17.42 -0.81 3.20
C TRP A 551 16.89 0.17 2.16
N THR A 552 16.40 1.30 2.63
CA THR A 552 15.95 2.39 1.75
C THR A 552 16.87 3.59 1.91
N PRO A 553 17.14 4.30 0.81
CA PRO A 553 18.14 5.37 0.81
C PRO A 553 17.79 6.54 1.71
N GLY A 554 18.82 7.25 2.16
CA GLY A 554 18.64 8.40 3.05
C GLY A 554 18.04 8.01 4.37
N PRO A 555 17.44 8.98 5.06
CA PRO A 555 16.78 8.73 6.35
C PRO A 555 15.35 8.23 6.20
N SER A 556 15.13 6.96 6.51
CA SER A 556 13.78 6.41 6.52
C SER A 556 13.28 6.38 7.96
N LEU A 557 12.24 5.58 8.20
CA LEU A 557 11.70 5.42 9.53
C LEU A 557 11.22 6.74 10.11
N LEU A 558 10.66 7.59 9.25
CA LEU A 558 10.15 8.88 9.69
C LEU A 558 8.73 8.72 10.23
N SER A 559 8.37 9.57 11.20
CA SER A 559 7.11 9.42 11.93
C SER A 559 6.85 10.67 12.78
N LEU A 560 5.60 11.05 13.10
CA LEU A 560 4.32 10.49 12.64
C LEU A 560 4.08 8.99 12.87
N GLN A 561 3.92 8.57 14.12
CA GLN A 561 3.90 9.48 15.27
C GLN A 561 5.13 9.29 16.17
N MET A 562 6.25 9.88 15.77
CA MET A 562 7.46 9.80 16.56
C MET A 562 7.49 10.94 17.58
N ARG A 563 8.68 11.23 18.12
CA ARG A 563 8.81 12.29 19.11
C ARG A 563 9.97 13.22 18.80
N VAL A 564 10.73 12.90 17.76
CA VAL A 564 11.83 13.75 17.32
C VAL A 564 11.36 14.70 16.23
N THR A 565 10.69 14.14 15.24
CA THR A 565 10.18 14.91 14.11
C THR A 565 9.08 15.94 14.43
N PRO A 566 8.19 15.67 15.42
CA PRO A 566 7.20 16.73 15.68
C PRO A 566 7.84 18.00 16.23
N LYS A 567 8.95 17.83 16.92
CA LYS A 567 9.70 18.96 17.45
C LYS A 567 10.60 19.52 16.35
N LEU A 568 10.96 18.64 15.40
CA LEU A 568 11.84 19.02 14.30
C LEU A 568 11.34 20.23 13.49
N MET A 569 10.03 20.48 13.50
CA MET A 569 9.47 21.52 12.65
C MET A 569 8.40 22.40 13.28
N ALA A 570 7.51 21.78 14.07
CA ALA A 570 6.29 22.46 14.49
C ALA A 570 6.51 23.62 15.45
N LEU A 571 5.83 24.73 15.16
CA LEU A 571 5.70 25.82 16.12
C LEU A 571 4.68 25.38 17.17
N THR A 572 4.77 25.93 18.37
CA THR A 572 4.05 25.34 19.51
C THR A 572 3.13 26.29 20.26
N TRP A 573 1.87 26.38 19.82
CA TRP A 573 0.82 27.08 20.56
C TRP A 573 1.18 28.50 20.96
N ASP A 574 1.26 29.39 19.97
CA ASP A 574 1.65 30.79 20.20
C ASP A 574 3.03 30.88 20.86
N GLY A 575 3.80 29.81 20.76
CA GLY A 575 5.13 29.75 21.34
C GLY A 575 6.10 29.15 20.35
N PHE A 576 7.25 28.71 20.84
CA PHE A 576 8.29 28.17 19.96
C PHE A 576 8.74 26.75 20.34
N PRO A 577 9.08 26.51 21.62
CA PRO A 577 9.60 25.16 21.86
C PRO A 577 8.53 24.17 22.34
N LEU A 578 8.72 22.91 21.98
CA LEU A 578 7.94 21.83 22.53
C LEU A 578 8.89 20.87 23.21
N HIS A 579 8.39 20.08 24.16
CA HIS A 579 9.30 19.21 24.90
C HIS A 579 8.63 17.94 25.36
N TYR A 580 9.39 17.09 26.04
CA TYR A 580 8.88 15.83 26.54
C TYR A 580 9.70 15.35 27.74
N SER A 581 9.00 14.82 28.74
CA SER A 581 9.64 14.25 29.91
C SER A 581 8.71 13.23 30.57
N GLU A 582 7.52 13.70 30.96
CA GLU A 582 6.49 12.83 31.50
C GLU A 582 5.25 12.94 30.62
N ARG A 583 5.23 14.01 29.84
CA ARG A 583 4.19 14.26 28.85
C ARG A 583 4.71 15.33 27.89
N HIS A 584 4.19 15.34 26.65
CA HIS A 584 4.66 16.27 25.63
C HIS A 584 4.08 17.66 25.86
N GLY A 585 3.86 18.40 24.78
CA GLY A 585 3.25 19.71 24.87
C GLY A 585 1.84 19.64 25.45
N TRP A 586 1.59 20.41 26.51
CA TRP A 586 0.30 20.37 27.19
C TRP A 586 -0.84 20.83 26.29
N GLY A 587 -1.91 20.06 26.26
CA GLY A 587 -3.07 20.37 25.43
C GLY A 587 -4.35 19.78 25.98
N TYR A 588 -5.06 19.01 25.15
CA TYR A 588 -6.33 18.43 25.54
C TYR A 588 -6.19 16.90 25.72
N LEU A 589 -6.43 16.44 26.94
CA LEU A 589 -6.32 15.03 27.30
C LEU A 589 -4.95 14.45 26.94
N ASN A 596 -7.86 34.89 44.65
CA ASN A 596 -7.67 33.58 44.03
C ASN A 596 -6.57 33.60 42.96
N LEU A 597 -5.42 34.18 43.30
CA LEU A 597 -4.29 34.25 42.38
C LEU A 597 -3.23 33.19 42.70
N ALA A 598 -2.70 32.58 41.65
CA ALA A 598 -1.65 31.57 41.79
C ALA A 598 -0.35 32.04 41.13
N LYS A 599 0.76 31.91 41.85
CA LYS A 599 2.06 32.36 41.35
C LYS A 599 3.15 31.29 41.52
N LEU A 600 4.17 31.34 40.66
CA LEU A 600 5.31 30.42 40.74
C LEU A 600 6.62 31.14 40.42
N PRO A 601 7.68 30.84 41.20
CA PRO A 601 8.98 31.54 41.10
C PRO A 601 9.78 31.18 39.85
N THR A 602 10.90 31.88 39.66
CA THR A 602 11.81 31.63 38.53
C THR A 602 13.24 31.51 39.02
N GLY A 603 14.17 31.25 38.11
CA GLY A 603 15.56 31.11 38.47
C GLY A 603 16.48 30.86 37.30
N THR A 604 17.72 31.33 37.40
CA THR A 604 18.70 31.14 36.33
C THR A 604 20.12 31.14 36.89
N THR A 605 20.81 30.01 36.73
CA THR A 605 22.17 29.85 37.26
C THR A 605 23.03 28.96 36.37
N LEU A 606 24.35 29.03 36.54
CA LEU A 606 25.30 28.21 35.79
C LEU A 606 26.26 27.49 36.74
N GLU A 607 26.73 26.31 36.35
CA GLU A 607 27.63 25.54 37.19
C GLU A 607 28.54 24.58 36.41
N SER A 608 28.15 24.22 35.19
CA SER A 608 28.92 23.34 34.30
C SER A 608 29.03 21.90 34.85
N ALA A 609 28.87 20.89 33.99
CA ALA A 609 28.64 21.07 32.56
C ALA A 609 27.43 20.27 32.06
N GLY A 610 26.45 20.99 31.53
CA GLY A 610 25.30 20.37 30.88
C GLY A 610 25.19 20.89 29.46
N VAL A 611 24.07 20.63 28.80
CA VAL A 611 23.86 21.11 27.44
C VAL A 611 23.35 22.55 27.46
N VAL A 612 23.84 23.38 26.54
CA VAL A 612 23.47 24.78 26.49
C VAL A 612 22.00 24.95 26.12
N CYS A 613 21.30 25.82 26.85
CA CYS A 613 19.89 26.08 26.59
C CYS A 613 19.64 27.53 26.19
N PRO A 614 19.32 27.76 24.91
CA PRO A 614 18.96 29.10 24.43
C PRO A 614 17.53 29.47 24.80
N TYR A 615 17.27 30.75 25.02
CA TYR A 615 15.94 31.22 25.37
C TYR A 615 15.71 32.65 24.88
N ARG A 616 16.51 33.07 23.91
CA ARG A 616 16.34 34.39 23.32
C ARG A 616 15.61 34.27 21.99
N ALA A 617 15.98 33.25 21.22
CA ALA A 617 15.33 32.95 19.96
C ALA A 617 13.87 32.57 20.18
N ILE A 618 13.58 32.10 21.39
CA ILE A 618 12.20 31.80 21.79
C ILE A 618 11.41 33.11 21.87
N GLU A 619 11.97 34.07 22.59
CA GLU A 619 11.34 35.37 22.76
C GLU A 619 11.16 36.06 21.41
N SER A 620 12.19 36.00 20.58
CA SER A 620 12.15 36.63 19.26
C SER A 620 11.16 35.93 18.33
N LEU A 621 11.00 34.61 18.49
CA LEU A 621 10.03 33.88 17.70
C LEU A 621 8.64 34.28 18.14
N TYR A 622 8.47 34.54 19.43
CA TYR A 622 7.21 35.03 19.95
C TYR A 622 6.92 36.40 19.36
N ARG A 623 7.96 37.22 19.23
CA ARG A 623 7.84 38.54 18.61
C ARG A 623 7.39 38.42 17.16
N LYS A 624 8.02 37.52 16.42
CA LYS A 624 7.68 37.29 15.01
C LYS A 624 6.26 36.76 14.87
N HIS A 625 5.81 36.01 15.87
CA HIS A 625 4.49 35.41 15.85
C HIS A 625 3.39 36.46 16.04
N CYS A 626 3.60 37.38 16.99
CA CYS A 626 2.63 38.42 17.29
C CYS A 626 2.84 39.66 16.42
N LEU A 627 3.56 39.49 15.32
CA LEU A 627 3.84 40.60 14.42
C LEU A 627 2.63 40.93 13.56
N GLU A 628 1.81 39.91 13.28
CA GLU A 628 0.62 40.09 12.46
C GLU A 628 -0.43 40.93 13.15
N PRO A 704 7.13 32.84 33.24
CA PRO A 704 6.03 32.03 33.75
C PRO A 704 4.71 32.80 33.85
N TYR A 705 4.81 34.13 33.98
CA TYR A 705 3.63 34.98 34.11
C TYR A 705 3.85 36.36 33.49
N ASN A 706 2.82 36.90 32.83
CA ASN A 706 1.51 36.25 32.75
C ASN A 706 1.37 35.42 31.47
N ASP A 707 0.18 35.45 30.88
CA ASP A 707 -0.15 34.71 29.66
C ASP A 707 0.08 33.21 29.82
N VAL A 708 -0.51 32.62 30.86
CA VAL A 708 -0.37 31.19 31.12
C VAL A 708 -1.73 30.50 31.06
N ASP A 709 -2.79 31.28 31.27
CA ASP A 709 -4.16 30.78 31.27
C ASP A 709 -4.63 30.40 29.87
N ILE A 710 -5.18 31.38 29.15
CA ILE A 710 -5.70 31.15 27.80
C ILE A 710 -4.64 31.37 26.69
N PRO A 711 -3.77 32.39 26.80
CA PRO A 711 -2.74 32.48 25.75
C PRO A 711 -1.67 31.40 25.86
N GLY A 712 -0.58 31.55 25.10
CA GLY A 712 0.48 30.55 25.09
C GLY A 712 1.90 31.10 25.10
N CYS A 713 2.72 30.58 26.02
CA CYS A 713 4.14 30.96 26.10
C CYS A 713 4.94 29.91 26.88
N TRP A 714 6.25 29.89 26.66
CA TRP A 714 7.14 28.98 27.35
C TRP A 714 8.15 29.77 28.19
N PHE A 715 8.42 29.30 29.41
CA PHE A 715 9.27 30.03 30.37
C PHE A 715 10.74 30.03 29.97
N PHE A 716 11.56 29.40 30.81
CA PHE A 716 13.01 29.39 30.57
C PHE A 716 13.61 27.99 30.76
N LYS A 717 13.56 27.49 32.00
CA LYS A 717 14.08 26.15 32.29
C LYS A 717 13.13 25.36 33.19
N LEU A 718 13.30 25.53 34.50
CA LEU A 718 12.52 24.87 35.55
C LEU A 718 12.69 23.31 35.51
N PRO A 719 11.80 22.51 34.86
CA PRO A 719 10.52 22.52 34.14
C PRO A 719 9.33 21.97 34.96
N HIS A 720 8.18 22.63 34.83
CA HIS A 720 6.94 22.15 35.47
C HIS A 720 5.71 22.57 34.66
N LYS A 721 4.53 22.20 35.16
CA LYS A 721 3.28 22.44 34.44
C LYS A 721 3.01 23.92 34.26
N ASP A 722 2.66 24.60 35.35
CA ASP A 722 2.44 26.04 35.37
C ASP A 722 1.32 26.49 34.44
N GLY A 723 0.21 25.76 34.44
CA GLY A 723 -0.95 26.11 33.63
C GLY A 723 -1.39 25.05 32.65
N ASN A 724 -1.64 23.85 33.16
CA ASN A 724 -2.09 22.73 32.32
C ASN A 724 -3.46 22.20 32.73
N SER A 725 -4.17 21.59 31.79
CA SER A 725 -5.50 21.06 32.06
C SER A 725 -5.55 19.53 31.95
N CYS A 726 -4.75 18.98 31.04
CA CYS A 726 -4.71 17.53 30.84
C CYS A 726 -3.79 16.88 31.88
N ASN A 727 -4.22 15.74 32.40
CA ASN A 727 -3.46 15.02 33.42
C ASN A 727 -2.74 13.80 32.85
N VAL A 728 -2.43 13.84 31.56
CA VAL A 728 -1.79 12.71 30.89
C VAL A 728 -0.77 13.15 29.84
N GLY A 729 -1.14 14.15 29.05
CA GLY A 729 -0.30 14.59 27.96
C GLY A 729 -0.71 13.93 26.67
N SER A 730 0.02 14.19 25.59
CA SER A 730 -0.35 13.69 24.28
C SER A 730 0.77 13.78 23.24
N PRO A 731 1.60 12.74 23.14
CA PRO A 731 2.62 12.62 22.10
C PRO A 731 2.21 11.65 20.99
N PHE A 732 1.85 12.16 19.82
CA PHE A 732 1.89 13.59 19.53
C PHE A 732 0.53 14.08 19.04
N ALA A 733 0.35 15.40 18.98
CA ALA A 733 -0.88 16.02 18.49
C ALA A 733 -1.31 15.48 17.13
N LYS A 734 -2.16 14.45 17.14
CA LYS A 734 -2.57 13.78 15.91
C LYS A 734 -4.08 13.82 15.66
N ASP A 735 -4.80 14.49 16.54
CA ASP A 735 -6.23 14.70 16.33
C ASP A 735 -6.64 16.11 16.73
N PHE A 736 -5.83 17.09 16.34
CA PHE A 736 -6.08 18.49 16.64
C PHE A 736 -6.22 19.33 15.39
N LEU A 737 -6.95 18.82 14.40
CA LEU A 737 -7.18 19.54 13.15
C LEU A 737 -7.95 20.86 13.34
N PRO A 738 -8.99 20.89 14.20
CA PRO A 738 -9.61 22.21 14.40
C PRO A 738 -8.72 23.16 15.19
N LYS A 739 -7.73 22.61 15.90
CA LYS A 739 -6.76 23.42 16.61
C LYS A 739 -5.49 23.49 15.78
N MET A 740 -5.64 23.30 14.47
CA MET A 740 -4.53 23.40 13.53
C MET A 740 -4.97 24.25 12.35
N GLU A 741 -6.26 24.17 12.03
CA GLU A 741 -6.85 24.96 10.96
C GLU A 741 -7.64 26.14 11.51
N ASP A 742 -7.11 26.75 12.57
CA ASP A 742 -7.72 27.94 13.16
C ASP A 742 -6.63 28.93 13.60
N GLY A 743 -5.39 28.64 13.23
CA GLY A 743 -4.26 29.46 13.61
C GLY A 743 -3.35 28.76 14.60
N THR A 744 -3.79 28.73 15.86
CA THR A 744 -3.05 28.05 16.92
C THR A 744 -3.52 26.61 17.08
N LEU A 745 -2.62 25.65 16.85
CA LEU A 745 -1.23 25.94 16.53
C LEU A 745 -0.94 25.69 15.05
N GLN A 746 0.25 26.08 14.61
CA GLN A 746 0.66 25.90 13.22
C GLN A 746 2.11 25.41 13.14
N ALA A 747 2.61 25.26 11.92
CA ALA A 747 3.97 24.79 11.72
C ALA A 747 4.72 25.66 10.71
N GLY A 748 6.06 25.63 10.78
CA GLY A 748 6.90 26.39 9.88
C GLY A 748 8.35 25.96 9.97
N PRO A 749 9.00 25.73 8.82
CA PRO A 749 8.38 25.85 7.49
C PRO A 749 7.56 24.62 7.09
N GLY A 750 6.33 24.85 6.62
CA GLY A 750 5.79 26.19 6.49
C GLY A 750 4.49 26.23 5.73
N GLY A 751 3.55 27.05 6.21
CA GLY A 751 2.28 27.23 5.52
C GLY A 751 1.23 26.20 5.89
N ALA A 752 0.66 25.56 4.87
CA ALA A 752 -0.40 24.58 5.07
C ALA A 752 0.15 23.15 5.03
N SER A 753 1.46 23.02 5.15
CA SER A 753 2.11 21.72 5.20
C SER A 753 1.70 20.97 6.47
N GLY A 754 1.44 21.74 7.53
CA GLY A 754 0.97 21.19 8.79
C GLY A 754 -0.36 20.46 8.69
N PRO A 755 -1.46 21.21 8.43
CA PRO A 755 -2.78 20.62 8.28
C PRO A 755 -2.83 19.49 7.25
N ARG A 756 -2.01 19.59 6.21
CA ARG A 756 -1.95 18.52 5.22
C ARG A 756 -1.25 17.29 5.79
N ALA A 757 -0.22 17.49 6.59
CA ALA A 757 0.47 16.38 7.25
C ALA A 757 -0.48 15.65 8.21
N LEU A 758 -1.22 16.43 8.99
CA LEU A 758 -2.23 15.88 9.89
C LEU A 758 -3.31 15.14 9.13
N GLU A 759 -3.69 15.66 7.96
CA GLU A 759 -4.64 14.99 7.10
C GLU A 759 -4.11 13.64 6.66
N ILE A 760 -2.86 13.63 6.20
CA ILE A 760 -2.20 12.40 5.78
C ILE A 760 -2.19 11.37 6.90
N ASN A 761 -1.91 11.84 8.11
CA ASN A 761 -1.94 10.95 9.28
C ASN A 761 -3.32 10.37 9.53
N LYS A 762 -4.34 11.24 9.51
CA LYS A 762 -5.70 10.82 9.78
C LYS A 762 -6.18 9.80 8.75
N MET A 763 -5.77 9.99 7.51
CA MET A 763 -6.21 9.11 6.41
C MET A 763 -5.74 7.67 6.62
N ILE A 764 -4.47 7.50 6.95
CA ILE A 764 -3.89 6.15 7.07
C ILE A 764 -3.87 5.64 8.51
N SER A 765 -4.61 6.30 9.40
CA SER A 765 -4.64 5.91 10.81
C SER A 765 -5.22 4.51 11.00
N PHE A 766 -6.26 4.20 10.23
CA PHE A 766 -6.92 2.91 10.33
C PHE A 766 -6.07 1.81 9.71
N TRP A 767 -5.64 2.02 8.47
CA TRP A 767 -4.92 0.99 7.72
C TRP A 767 -3.56 0.68 8.33
N ARG A 768 -3.00 1.63 9.08
CA ARG A 768 -1.71 1.41 9.71
C ARG A 768 -1.81 0.31 10.79
N ASN A 769 -2.92 0.34 11.52
CA ASN A 769 -3.12 -0.59 12.63
C ASN A 769 -4.12 -1.69 12.29
N ALA A 770 -4.14 -2.11 11.04
CA ALA A 770 -5.10 -3.11 10.61
C ALA A 770 -4.67 -3.87 9.35
N HIS A 771 -3.76 -3.28 8.56
CA HIS A 771 -3.35 -3.83 7.27
C HIS A 771 -2.90 -5.28 7.39
N LYS A 772 -2.25 -5.61 8.50
CA LYS A 772 -1.82 -6.98 8.75
C LYS A 772 -3.03 -7.89 8.84
N ARG A 773 -3.98 -7.53 9.70
CA ARG A 773 -5.17 -8.32 9.93
C ARG A 773 -6.04 -8.46 8.68
N ILE A 774 -6.02 -7.44 7.82
CA ILE A 774 -6.84 -7.44 6.61
C ILE A 774 -6.20 -8.23 5.48
N SER A 775 -4.93 -7.97 5.20
CA SER A 775 -4.23 -8.63 4.11
C SER A 775 -3.98 -10.10 4.42
N SER A 776 -3.75 -10.41 5.70
CA SER A 776 -3.52 -11.79 6.11
C SER A 776 -4.83 -12.54 6.26
N GLN A 777 -5.93 -11.79 6.35
CA GLN A 777 -7.27 -12.36 6.45
C GLN A 777 -7.51 -13.32 5.29
N MET A 778 -7.42 -14.61 5.56
CA MET A 778 -7.53 -15.61 4.50
C MET A 778 -8.95 -15.71 3.96
N VAL A 779 -9.09 -16.50 2.91
CA VAL A 779 -10.38 -16.71 2.25
C VAL A 779 -10.27 -17.88 1.28
N VAL A 780 -11.20 -18.83 1.39
CA VAL A 780 -11.17 -20.02 0.53
C VAL A 780 -12.08 -19.81 -0.68
N TRP A 781 -11.54 -20.06 -1.87
CA TRP A 781 -12.31 -20.00 -3.11
C TRP A 781 -12.93 -21.36 -3.41
N LEU A 782 -14.22 -21.37 -3.73
CA LEU A 782 -14.88 -22.60 -4.14
C LEU A 782 -15.15 -22.61 -5.64
N PRO A 783 -14.77 -23.71 -6.31
CA PRO A 783 -14.89 -23.84 -7.77
C PRO A 783 -16.34 -23.97 -8.25
N ARG A 784 -16.52 -23.95 -9.56
CA ARG A 784 -17.85 -23.96 -10.16
C ARG A 784 -18.53 -25.32 -10.08
N SER A 785 -17.87 -26.29 -9.46
CA SER A 785 -18.44 -27.62 -9.29
C SER A 785 -19.16 -27.72 -7.95
N ALA A 786 -18.61 -27.06 -6.93
CA ALA A 786 -19.15 -27.16 -5.58
C ALA A 786 -19.91 -25.92 -5.15
N LEU A 787 -20.67 -25.34 -6.08
CA LEU A 787 -21.50 -24.19 -5.74
C LEU A 787 -22.92 -24.38 -6.26
N PRO A 788 -23.90 -23.73 -5.62
CA PRO A 788 -25.30 -23.81 -6.06
C PRO A 788 -25.46 -23.39 -7.52
N ARG A 789 -25.86 -24.34 -8.35
CA ARG A 789 -26.06 -24.08 -9.77
C ARG A 789 -27.21 -23.10 -9.99
N ALA A 790 -28.05 -22.93 -8.97
CA ALA A 790 -29.13 -21.95 -9.00
C ALA A 790 -28.56 -20.53 -9.05
N VAL A 791 -27.26 -20.43 -8.80
CA VAL A 791 -26.54 -19.17 -8.91
C VAL A 791 -25.92 -19.04 -10.30
N ILE A 792 -25.43 -20.16 -10.83
CA ILE A 792 -24.90 -20.19 -12.20
C ILE A 792 -25.99 -19.80 -13.18
N ARG A 793 -27.22 -20.26 -12.93
CA ARG A 793 -28.37 -19.91 -13.76
C ARG A 793 -28.66 -18.41 -13.73
N HIS A 794 -28.42 -17.78 -12.59
CA HIS A 794 -28.57 -16.33 -12.45
C HIS A 794 -27.60 -15.62 -13.39
N PRO A 795 -28.04 -14.53 -14.04
CA PRO A 795 -27.24 -13.83 -15.06
C PRO A 795 -25.93 -13.23 -14.54
N ASP A 796 -25.14 -14.03 -13.83
CA ASP A 796 -23.83 -13.60 -13.32
C ASP A 796 -22.91 -14.80 -13.15
N TYR A 797 -21.73 -14.75 -13.76
CA TYR A 797 -20.75 -15.81 -13.59
C TYR A 797 -19.60 -15.49 -12.63
N ASP A 798 -18.91 -14.34 -12.74
CA ASP A 798 -19.17 -13.28 -13.70
C ASP A 798 -17.90 -12.92 -14.47
N GLU A 799 -17.87 -13.25 -15.76
CA GLU A 799 -16.73 -12.98 -16.63
C GLU A 799 -15.45 -13.59 -16.06
N GLU A 800 -15.42 -14.92 -15.98
CA GLU A 800 -14.30 -15.67 -15.40
C GLU A 800 -14.02 -15.22 -13.98
N GLY A 801 -15.09 -14.95 -13.23
CA GLY A 801 -14.98 -14.47 -11.87
C GLY A 801 -14.96 -15.58 -10.83
N LEU A 802 -14.16 -15.39 -9.79
CA LEU A 802 -14.05 -16.37 -8.72
C LEU A 802 -14.92 -15.98 -7.53
N TYR A 803 -15.67 -16.95 -7.02
CA TYR A 803 -16.48 -16.70 -5.83
C TYR A 803 -16.00 -17.55 -4.66
N GLY A 804 -15.90 -16.92 -3.49
CA GLY A 804 -15.44 -17.62 -2.30
C GLY A 804 -16.02 -17.03 -1.04
N ALA A 805 -15.41 -17.34 0.10
CA ALA A 805 -15.85 -16.81 1.38
C ALA A 805 -14.82 -17.03 2.47
N ILE A 806 -15.03 -16.37 3.59
CA ILE A 806 -14.21 -16.52 4.78
C ILE A 806 -15.09 -16.57 6.03
N LEU A 807 -14.79 -17.51 6.92
CA LEU A 807 -15.43 -17.54 8.22
C LEU A 807 -14.73 -16.56 9.16
N PRO A 808 -15.50 -15.61 9.73
CA PRO A 808 -15.00 -14.53 10.58
C PRO A 808 -14.07 -14.97 11.71
N GLN A 809 -14.15 -16.24 12.09
CA GLN A 809 -13.29 -16.78 13.15
C GLN A 809 -13.48 -16.00 14.44
N VAL A 810 -14.57 -16.31 15.14
CA VAL A 810 -14.98 -15.54 16.30
C VAL A 810 -15.08 -16.39 17.57
N VAL A 811 -14.48 -15.90 18.65
CA VAL A 811 -14.68 -16.48 19.96
C VAL A 811 -16.11 -16.26 20.41
N THR A 812 -16.84 -17.36 20.59
CA THR A 812 -18.28 -17.33 20.85
C THR A 812 -18.70 -16.42 22.01
N ALA A 813 -17.87 -16.35 23.05
CA ALA A 813 -18.20 -15.56 24.23
C ALA A 813 -16.95 -15.01 24.93
N GLY A 814 -16.84 -13.70 24.96
CA GLY A 814 -15.76 -13.04 25.68
C GLY A 814 -16.32 -12.00 26.63
N THR A 815 -15.64 -11.82 27.76
CA THR A 815 -16.04 -10.80 28.73
C THR A 815 -16.08 -9.45 28.05
N ILE A 816 -17.04 -8.61 28.41
CA ILE A 816 -18.21 -8.99 29.19
C ILE A 816 -19.35 -8.27 28.44
N THR A 817 -20.49 -8.94 28.27
CA THR A 817 -20.73 -10.24 28.86
C THR A 817 -21.00 -11.32 27.84
N ARG A 818 -20.01 -12.21 27.68
CA ARG A 818 -20.13 -13.34 26.75
C ARG A 818 -20.40 -12.85 25.33
N ARG A 819 -19.86 -11.68 24.99
CA ARG A 819 -20.05 -11.11 23.66
C ARG A 819 -19.13 -11.75 22.63
N ALA A 820 -19.23 -11.29 21.39
CA ALA A 820 -18.33 -11.75 20.34
C ALA A 820 -16.97 -11.08 20.50
N VAL A 821 -15.91 -11.84 20.22
CA VAL A 821 -14.56 -11.29 20.24
C VAL A 821 -13.80 -11.70 18.97
N GLU A 822 -13.50 -10.73 18.12
CA GLU A 822 -12.83 -11.00 16.84
C GLU A 822 -11.84 -9.88 16.51
N PRO A 823 -10.59 -10.26 16.21
CA PRO A 823 -9.48 -9.33 15.99
C PRO A 823 -9.74 -8.28 14.90
N THR A 824 -10.41 -8.67 13.83
CA THR A 824 -10.50 -7.83 12.64
C THR A 824 -11.88 -7.20 12.44
N TRP A 825 -12.89 -8.05 12.32
CA TRP A 825 -14.21 -7.63 11.85
C TRP A 825 -15.08 -6.93 12.89
N LEU A 826 -14.67 -6.98 14.15
CA LEU A 826 -15.40 -6.26 15.19
C LEU A 826 -14.83 -4.87 15.39
N THR A 827 -13.57 -4.69 15.03
CA THR A 827 -12.93 -3.38 15.08
C THR A 827 -12.82 -2.81 13.67
N ALA A 828 -13.66 -3.32 12.77
CA ALA A 828 -13.66 -2.91 11.38
C ALA A 828 -14.22 -1.50 11.21
N SER A 829 -13.41 -0.60 10.64
CA SER A 829 -13.81 0.78 10.42
C SER A 829 -15.07 0.88 9.55
N ASN A 830 -15.84 1.93 9.78
CA ASN A 830 -17.05 2.19 9.02
C ASN A 830 -16.75 2.91 7.71
N ALA A 831 -17.80 3.43 7.06
CA ALA A 831 -17.64 4.07 5.76
C ALA A 831 -17.41 5.58 5.89
N ARG A 832 -16.14 5.98 5.98
CA ARG A 832 -15.78 7.39 5.99
C ARG A 832 -15.04 7.74 4.71
N PRO A 833 -15.34 8.93 4.14
CA PRO A 833 -14.70 9.39 2.90
C PRO A 833 -13.25 9.84 3.14
N ASP A 834 -12.77 9.62 4.36
CA ASP A 834 -11.45 10.07 4.77
C ASP A 834 -10.47 8.89 4.90
N ARG A 835 -10.88 7.86 5.63
CA ARG A 835 -10.01 6.72 5.91
C ARG A 835 -9.73 5.91 4.65
N VAL A 836 -8.61 5.19 4.65
CA VAL A 836 -8.18 4.45 3.46
C VAL A 836 -8.93 3.13 3.30
N GLY A 837 -8.78 2.23 4.28
CA GLY A 837 -9.42 0.93 4.21
C GLY A 837 -10.82 0.95 4.78
N SER A 838 -11.50 2.08 4.60
CA SER A 838 -12.83 2.29 5.16
C SER A 838 -13.91 1.44 4.48
N GLU A 839 -13.56 0.81 3.37
CA GLU A 839 -14.51 0.02 2.60
C GLU A 839 -14.54 -1.44 3.03
N LEU A 840 -13.71 -1.76 4.01
CA LEU A 840 -13.56 -3.12 4.52
C LEU A 840 -14.90 -3.72 4.91
N LYS A 841 -15.76 -2.88 5.48
CA LYS A 841 -17.08 -3.32 5.92
C LYS A 841 -17.98 -3.66 4.72
N ALA A 842 -17.83 -2.91 3.64
CA ALA A 842 -18.71 -3.07 2.48
C ALA A 842 -18.10 -3.98 1.41
N MET A 843 -17.09 -4.75 1.78
CA MET A 843 -16.46 -5.65 0.82
C MET A 843 -17.04 -7.05 0.88
N VAL A 844 -17.88 -7.32 1.88
CA VAL A 844 -18.55 -8.60 1.97
C VAL A 844 -19.74 -8.60 1.02
N GLN A 845 -19.48 -9.07 -0.21
CA GLN A 845 -20.48 -9.01 -1.27
C GLN A 845 -21.20 -10.34 -1.47
N ALA A 846 -22.51 -10.32 -1.25
CA ALA A 846 -23.33 -11.52 -1.38
C ALA A 846 -23.31 -12.05 -2.80
N PRO A 847 -23.29 -13.39 -2.94
CA PRO A 847 -23.30 -14.04 -4.26
C PRO A 847 -24.56 -13.67 -5.03
N PRO A 848 -24.48 -13.68 -6.38
CA PRO A 848 -25.64 -13.35 -7.22
C PRO A 848 -26.81 -14.29 -6.96
N GLY A 849 -28.01 -13.72 -6.94
CA GLY A 849 -29.21 -14.46 -6.56
C GLY A 849 -29.46 -14.32 -5.08
N TYR A 850 -28.39 -14.03 -4.33
CA TYR A 850 -28.48 -13.83 -2.89
C TYR A 850 -28.35 -12.37 -2.52
N THR A 851 -28.94 -12.02 -1.38
CA THR A 851 -28.82 -10.68 -0.82
C THR A 851 -28.92 -10.76 0.69
N LEU A 852 -28.18 -9.90 1.38
CA LEU A 852 -28.23 -9.88 2.83
C LEU A 852 -29.28 -8.91 3.36
N VAL A 853 -29.97 -9.38 4.40
CA VAL A 853 -30.99 -8.61 5.10
C VAL A 853 -30.66 -8.55 6.59
N GLY A 854 -30.46 -7.35 7.10
CA GLY A 854 -30.06 -7.16 8.49
C GLY A 854 -30.75 -6.02 9.19
N ALA A 855 -30.42 -5.82 10.47
CA ALA A 855 -31.04 -4.75 11.25
C ALA A 855 -30.17 -4.34 12.45
N ASP A 856 -30.35 -3.10 12.87
CA ASP A 856 -29.65 -2.56 14.03
C ASP A 856 -30.64 -2.12 15.10
N VAL A 857 -30.52 -2.68 16.30
CA VAL A 857 -31.41 -2.32 17.39
C VAL A 857 -31.19 -0.88 17.81
N ASP A 858 -32.26 -0.09 17.75
CA ASP A 858 -32.17 1.34 18.07
C ASP A 858 -33.26 1.79 19.04
N SER A 859 -32.94 1.80 20.33
CA SER A 859 -31.65 1.31 20.82
C SER A 859 -31.92 0.22 21.86
N GLN A 860 -30.88 -0.51 22.26
CA GLN A 860 -31.11 -1.59 23.23
C GLN A 860 -30.71 -1.23 24.66
N GLU A 861 -29.47 -0.84 24.89
CA GLU A 861 -29.01 -0.61 26.24
C GLU A 861 -29.80 0.47 26.97
N LEU A 862 -30.13 1.55 26.28
CA LEU A 862 -30.91 2.63 26.86
C LEU A 862 -32.27 2.15 27.35
N TRP A 863 -33.01 1.50 26.46
CA TRP A 863 -34.35 0.98 26.75
C TRP A 863 -34.31 -0.11 27.81
N ILE A 864 -33.22 -0.85 27.83
CA ILE A 864 -32.98 -1.88 28.84
C ILE A 864 -32.88 -1.25 30.21
N ALA A 865 -32.03 -0.22 30.33
CA ALA A 865 -31.88 0.52 31.57
C ALA A 865 -33.23 1.10 32.01
N ALA A 866 -33.94 1.66 31.03
CA ALA A 866 -35.27 2.21 31.24
C ALA A 866 -36.22 1.20 31.86
N VAL A 867 -36.33 0.04 31.22
CA VAL A 867 -37.20 -1.04 31.69
C VAL A 867 -36.80 -1.51 33.08
N LEU A 868 -35.50 -1.66 33.30
CA LEU A 868 -34.98 -2.04 34.62
C LEU A 868 -35.32 -0.97 35.66
N GLY A 869 -35.64 0.24 35.19
CA GLY A 869 -36.11 1.29 36.09
C GLY A 869 -37.61 1.26 36.39
N ASP A 870 -38.42 1.19 35.33
CA ASP A 870 -39.87 1.28 35.48
C ASP A 870 -40.49 -0.01 36.00
N ALA A 871 -39.86 -1.14 35.73
CA ALA A 871 -40.35 -2.43 36.21
C ALA A 871 -40.03 -2.60 37.68
N HIS A 872 -39.06 -1.83 38.15
CA HIS A 872 -38.71 -1.81 39.56
C HIS A 872 -39.55 -0.79 40.31
N PHE A 873 -39.86 0.32 39.64
CA PHE A 873 -40.67 1.38 40.23
C PHE A 873 -42.15 0.97 40.29
N ALA A 874 -42.70 0.53 39.16
CA ALA A 874 -44.10 0.11 39.11
C ALA A 874 -44.34 -1.00 38.09
N GLY A 875 -45.58 -1.09 37.60
CA GLY A 875 -45.96 -2.17 36.70
C GLY A 875 -45.91 -1.77 35.23
N MET A 876 -46.24 -0.52 34.94
CA MET A 876 -46.22 -0.03 33.57
C MET A 876 -44.80 0.24 33.10
N HIS A 877 -44.65 0.81 31.91
CA HIS A 877 -43.33 1.01 31.30
C HIS A 877 -42.87 2.46 31.33
N GLY A 878 -43.80 3.38 31.59
CA GLY A 878 -43.46 4.79 31.59
C GLY A 878 -43.59 5.46 32.94
N CYS A 879 -43.27 4.73 34.00
CA CYS A 879 -43.43 5.25 35.35
C CYS A 879 -42.12 5.82 35.92
N THR A 880 -41.20 6.19 35.03
CA THR A 880 -39.93 6.77 35.43
C THR A 880 -39.59 8.01 34.60
N ALA A 881 -38.82 8.92 35.20
CA ALA A 881 -38.41 10.15 34.52
C ALA A 881 -37.51 9.85 33.34
N PHE A 882 -36.62 8.87 33.52
CA PHE A 882 -35.68 8.47 32.47
C PHE A 882 -36.31 7.52 31.48
N GLY A 883 -37.11 6.59 31.99
CA GLY A 883 -37.71 5.54 31.17
C GLY A 883 -38.84 6.00 30.27
N TRP A 884 -39.18 7.28 30.35
CA TRP A 884 -40.26 7.83 29.55
C TRP A 884 -39.72 8.48 28.27
N MET A 885 -38.63 9.22 28.42
CA MET A 885 -38.03 9.94 27.29
C MET A 885 -37.39 8.98 26.29
N THR A 886 -37.06 7.78 26.75
CA THR A 886 -36.46 6.76 25.91
C THR A 886 -37.42 6.29 24.82
N LEU A 887 -38.60 5.84 25.24
CA LEU A 887 -39.58 5.27 24.33
C LEU A 887 -40.57 6.32 23.82
N GLN A 888 -40.09 7.55 23.68
CA GLN A 888 -40.93 8.67 23.28
C GLN A 888 -40.59 9.17 21.88
N GLY A 889 -39.29 9.26 21.59
CA GLY A 889 -38.83 9.81 20.32
C GLY A 889 -38.65 8.76 19.23
N ARG A 890 -38.94 9.15 18.00
CA ARG A 890 -38.72 8.28 16.85
C ARG A 890 -37.63 8.86 15.95
N LYS A 891 -36.72 7.99 15.49
CA LYS A 891 -35.59 8.44 14.68
C LYS A 891 -36.04 8.91 13.30
N SER A 892 -37.13 8.34 12.82
CA SER A 892 -37.71 8.73 11.52
C SER A 892 -38.38 10.09 11.61
N ARG A 893 -37.89 11.04 10.79
CA ARG A 893 -38.33 12.44 10.78
C ARG A 893 -38.66 13.01 12.17
N GLY A 894 -37.91 12.60 13.18
CA GLY A 894 -38.19 13.02 14.53
C GLY A 894 -36.93 13.25 15.36
N THR A 895 -36.98 12.80 16.61
CA THR A 895 -35.91 13.08 17.55
C THR A 895 -35.94 12.11 18.73
N ASP A 896 -34.98 11.20 18.77
CA ASP A 896 -34.87 10.23 19.84
C ASP A 896 -34.42 10.91 21.13
N LEU A 897 -34.14 10.11 22.16
CA LEU A 897 -33.59 10.66 23.38
C LEU A 897 -32.18 11.15 23.14
N HIS A 898 -31.39 10.32 22.44
CA HIS A 898 -30.04 10.69 22.05
C HIS A 898 -30.07 11.96 21.20
N SER A 899 -31.03 12.02 20.29
CA SER A 899 -31.18 13.17 19.40
C SER A 899 -31.72 14.39 20.14
N LYS A 900 -32.41 14.15 21.25
CA LYS A 900 -32.99 15.23 22.04
C LYS A 900 -31.93 15.86 22.94
N THR A 901 -30.96 15.05 23.36
CA THR A 901 -29.84 15.58 24.10
C THR A 901 -28.78 16.14 23.15
N ALA A 902 -28.81 15.68 21.90
CA ALA A 902 -27.87 16.14 20.88
C ALA A 902 -28.26 17.51 20.35
N THR A 903 -29.53 17.85 20.47
CA THR A 903 -30.03 19.14 20.04
C THR A 903 -30.34 20.02 21.25
N THR A 904 -29.28 20.37 21.99
CA THR A 904 -29.44 21.21 23.18
C THR A 904 -28.96 22.69 23.05
N VAL A 905 -27.82 22.99 22.41
CA VAL A 905 -26.90 22.08 21.75
C VAL A 905 -25.55 22.03 22.47
N GLY A 906 -24.88 20.88 22.45
CA GLY A 906 -25.38 19.67 21.79
C GLY A 906 -24.65 19.37 20.49
N ILE A 907 -24.38 18.09 20.28
CA ILE A 907 -23.68 17.63 19.09
C ILE A 907 -24.21 16.27 18.64
N SER A 908 -24.56 16.18 17.36
CA SER A 908 -25.19 14.96 16.82
C SER A 908 -24.19 14.07 16.06
N ARG A 909 -24.30 12.76 16.26
CA ARG A 909 -25.26 12.18 17.20
C ARG A 909 -24.57 11.14 18.07
N GLU A 910 -23.53 10.52 17.53
CA GLU A 910 -22.75 9.49 18.21
C GLU A 910 -22.15 10.05 19.51
N HIS A 911 -21.79 11.33 19.47
CA HIS A 911 -21.17 11.99 20.60
C HIS A 911 -22.12 12.05 21.79
N ALA A 912 -23.37 12.41 21.52
CA ALA A 912 -24.40 12.47 22.56
C ALA A 912 -24.67 11.07 23.13
N LYS A 913 -24.59 10.07 22.26
CA LYS A 913 -24.72 8.68 22.66
C LYS A 913 -23.63 8.28 23.64
N ILE A 914 -22.39 8.67 23.31
CA ILE A 914 -21.25 8.42 24.18
C ILE A 914 -21.41 9.16 25.52
N PHE A 915 -21.98 10.35 25.46
CA PHE A 915 -22.19 11.14 26.66
C PHE A 915 -23.23 10.48 27.58
N ASN A 916 -24.30 9.98 26.97
CA ASN A 916 -25.36 9.31 27.72
C ASN A 916 -24.91 7.98 28.33
N TYR A 917 -24.42 7.07 27.48
CA TYR A 917 -23.95 5.76 27.94
C TYR A 917 -22.77 5.90 28.87
N GLY A 918 -22.05 7.02 28.75
CA GLY A 918 -20.99 7.32 29.69
C GLY A 918 -21.57 7.80 31.01
N ARG A 919 -22.70 8.49 30.94
CA ARG A 919 -23.36 9.00 32.13
C ARG A 919 -23.98 7.87 32.97
N ILE A 920 -24.57 6.90 32.29
CA ILE A 920 -25.23 5.79 32.96
C ILE A 920 -24.22 4.95 33.74
N TYR A 921 -23.00 4.86 33.24
CA TYR A 921 -21.96 4.09 33.92
C TYR A 921 -20.86 4.98 34.49
N GLY A 922 -21.25 5.93 35.34
CA GLY A 922 -20.30 6.80 36.00
C GLY A 922 -20.07 8.11 35.27
N ALA A 923 -20.95 9.07 35.50
CA ALA A 923 -20.83 10.39 34.88
C ALA A 923 -19.91 11.28 35.69
N GLY A 924 -18.61 10.97 35.67
CA GLY A 924 -17.63 11.76 36.40
C GLY A 924 -17.65 13.21 35.95
N GLN A 925 -17.69 14.12 36.91
CA GLN A 925 -17.72 15.54 36.63
C GLN A 925 -16.57 16.01 35.72
N PRO A 926 -15.31 15.62 36.03
CA PRO A 926 -14.26 16.08 35.11
C PRO A 926 -14.28 15.32 33.78
N PHE A 927 -14.76 14.09 33.80
CA PHE A 927 -14.84 13.31 32.56
C PHE A 927 -15.90 13.91 31.64
N ALA A 928 -17.11 14.09 32.17
CA ALA A 928 -18.18 14.74 31.41
C ALA A 928 -17.76 16.15 30.99
N GLU A 929 -16.95 16.79 31.85
CA GLU A 929 -16.41 18.12 31.56
C GLU A 929 -15.54 18.11 30.31
N ARG A 930 -14.40 17.44 30.38
CA ARG A 930 -13.44 17.47 29.27
C ARG A 930 -14.01 16.79 28.03
N LEU A 931 -14.99 15.91 28.20
CA LEU A 931 -15.62 15.23 27.07
C LEU A 931 -16.58 16.16 26.32
N LEU A 932 -17.53 16.73 27.05
CA LEU A 932 -18.51 17.64 26.45
C LEU A 932 -17.80 18.87 25.87
N MET A 933 -16.76 19.30 26.57
CA MET A 933 -15.94 20.43 26.11
C MET A 933 -15.09 20.03 24.91
N GLN A 934 -14.78 18.73 24.81
CA GLN A 934 -14.06 18.22 23.63
C GLN A 934 -14.98 18.15 22.41
N PHE A 935 -16.27 17.95 22.66
CA PHE A 935 -17.21 17.69 21.56
C PHE A 935 -17.95 18.93 21.07
N ASN A 936 -18.11 19.93 21.93
CA ASN A 936 -18.88 21.12 21.55
C ASN A 936 -17.99 22.31 21.15
N HIS A 937 -16.75 22.32 21.64
CA HIS A 937 -15.79 23.39 21.36
C HIS A 937 -16.29 24.79 21.77
N ARG A 938 -16.33 25.04 23.08
CA ARG A 938 -16.64 26.37 23.59
C ARG A 938 -15.78 26.68 24.82
N LEU A 939 -16.31 27.49 25.73
CA LEU A 939 -15.55 27.90 26.91
C LEU A 939 -15.96 27.10 28.15
N THR A 940 -15.04 26.98 29.10
CA THR A 940 -15.21 26.07 30.23
C THR A 940 -16.33 26.42 31.20
N GLN A 941 -16.65 27.71 31.32
CA GLN A 941 -17.64 28.17 32.29
C GLN A 941 -19.07 27.77 31.91
N GLN A 942 -19.49 28.18 30.71
CA GLN A 942 -20.81 27.84 30.20
C GLN A 942 -21.00 26.33 30.13
N GLU A 943 -19.93 25.65 29.71
CA GLU A 943 -19.90 24.20 29.67
C GLU A 943 -20.18 23.62 31.05
N ALA A 944 -19.43 24.09 32.05
CA ALA A 944 -19.60 23.65 33.43
C ALA A 944 -21.03 23.90 33.92
N ALA A 945 -21.62 25.00 33.45
CA ALA A 945 -23.00 25.32 33.77
C ALA A 945 -23.94 24.27 33.21
N GLU A 946 -23.73 23.91 31.94
CA GLU A 946 -24.54 22.88 31.29
C GLU A 946 -24.42 21.54 32.02
N LYS A 947 -23.19 21.20 32.41
CA LYS A 947 -22.93 19.95 33.13
C LYS A 947 -23.67 19.92 34.47
N ALA A 948 -23.53 21.00 35.25
CA ALA A 948 -24.22 21.10 36.53
C ALA A 948 -25.74 21.04 36.34
N GLN A 949 -26.22 21.53 35.20
CA GLN A 949 -27.64 21.43 34.85
C GLN A 949 -28.04 19.98 34.57
N GLN A 950 -27.14 19.22 33.93
CA GLN A 950 -27.43 17.83 33.56
C GLN A 950 -27.07 16.82 34.65
N MET A 951 -26.29 17.25 35.63
CA MET A 951 -25.92 16.39 36.76
C MET A 951 -27.09 16.20 37.72
N TYR A 952 -28.24 16.74 37.35
CA TYR A 952 -29.46 16.61 38.16
C TYR A 952 -29.97 15.17 38.16
N ALA A 953 -29.66 14.45 37.08
CA ALA A 953 -30.22 13.12 36.88
C ALA A 953 -29.76 12.11 37.92
N ALA A 954 -28.48 12.18 38.29
CA ALA A 954 -27.90 11.23 39.24
C ALA A 954 -28.14 11.64 40.69
N THR A 955 -28.47 12.92 40.90
CA THR A 955 -28.70 13.45 42.24
C THR A 955 -30.05 13.01 42.80
N LYS A 956 -30.13 12.77 44.11
CA LYS A 956 -29.01 12.95 45.04
C LYS A 956 -28.21 11.67 45.25
N GLY A 957 -28.37 11.08 46.43
CA GLY A 957 -27.65 9.87 46.78
C GLY A 957 -27.97 9.43 48.20
N LEU A 958 -26.94 9.19 48.99
CA LEU A 958 -27.11 8.74 50.37
C LEU A 958 -27.90 9.75 51.19
N LEU A 991 -19.78 9.59 62.90
CA LEU A 991 -18.96 10.77 63.14
C LEU A 991 -19.07 11.73 61.95
N ARG A 992 -18.09 11.67 61.06
CA ARG A 992 -18.07 12.52 59.88
C ARG A 992 -18.59 11.78 58.66
N LYS A 993 -19.42 12.46 57.87
CA LYS A 993 -20.09 11.82 56.73
C LYS A 993 -20.76 12.83 55.81
N VAL A 994 -21.34 12.32 54.73
CA VAL A 994 -22.15 13.13 53.81
C VAL A 994 -23.46 13.50 54.50
N GLN A 995 -23.83 14.77 54.39
CA GLN A 995 -24.99 15.30 55.11
C GLN A 995 -26.32 14.88 54.50
N ARG A 996 -26.53 13.57 54.38
CA ARG A 996 -27.81 13.03 53.95
C ARG A 996 -27.94 11.55 54.36
N GLU A 997 -28.96 11.24 55.17
CA GLU A 997 -29.15 9.89 55.69
C GLU A 997 -30.62 9.43 55.63
N THR A 998 -30.96 8.46 56.47
CA THR A 998 -32.32 7.94 56.54
C THR A 998 -33.13 8.71 57.58
N ALA A 999 -32.44 9.26 58.58
CA ALA A 999 -33.05 10.15 59.55
C ALA A 999 -33.35 11.47 58.86
N ARG A 1000 -34.24 12.26 59.44
CA ARG A 1000 -34.71 13.48 58.79
C ARG A 1000 -33.67 14.60 58.88
N LYS A 1001 -32.80 14.53 59.89
CA LYS A 1001 -31.72 15.50 60.02
C LYS A 1001 -30.43 14.84 60.51
N SER A 1002 -29.29 15.41 60.13
CA SER A 1002 -27.99 14.81 60.44
C SER A 1002 -27.50 15.16 61.84
N GLN A 1003 -27.79 16.38 62.29
CA GLN A 1003 -27.30 16.85 63.59
C GLN A 1003 -27.95 16.12 64.76
N TRP A 1004 -27.12 15.50 65.58
CA TRP A 1004 -27.59 14.80 66.78
C TRP A 1004 -26.46 14.77 67.81
N LYS A 1005 -26.74 14.23 68.99
CA LYS A 1005 -25.74 14.14 70.04
C LYS A 1005 -25.64 12.72 70.61
N LYS A 1006 -24.54 12.05 70.25
CA LYS A 1006 -24.23 10.70 70.71
C LYS A 1006 -25.37 9.73 70.40
N TRP A 1007 -25.86 9.79 69.16
CA TRP A 1007 -26.96 8.93 68.72
C TRP A 1007 -26.43 7.66 68.06
N GLU A 1008 -26.65 6.53 68.73
CA GLU A 1008 -26.16 5.24 68.25
C GLU A 1008 -26.99 4.69 67.11
N VAL A 1009 -26.44 4.74 65.90
CA VAL A 1009 -27.13 4.22 64.72
C VAL A 1009 -26.15 3.69 63.69
N VAL A 1010 -25.41 2.65 64.05
CA VAL A 1010 -24.52 2.00 63.08
C VAL A 1010 -25.30 0.92 62.33
N ALA A 1011 -26.55 0.72 62.76
CA ALA A 1011 -27.40 -0.30 62.15
C ALA A 1011 -28.18 0.25 60.95
N GLU A 1012 -27.94 1.52 60.60
CA GLU A 1012 -28.66 2.15 59.50
C GLU A 1012 -27.75 2.52 58.33
N ARG A 1013 -26.43 2.47 58.56
CA ARG A 1013 -25.46 2.84 57.53
C ARG A 1013 -25.17 1.69 56.56
N ALA A 1014 -26.23 1.13 56.00
CA ALA A 1014 -26.10 0.00 55.09
C ALA A 1014 -26.91 0.21 53.81
N TRP A 1015 -27.75 1.24 53.81
CA TRP A 1015 -28.55 1.58 52.64
C TRP A 1015 -27.90 2.69 51.84
N LYS A 1016 -27.98 2.60 50.52
CA LYS A 1016 -27.45 3.62 49.63
C LYS A 1016 -28.17 3.60 48.29
N GLY A 1017 -28.44 4.78 47.74
CA GLY A 1017 -29.09 4.88 46.45
C GLY A 1017 -29.39 6.31 46.09
N GLY A 1018 -29.23 6.64 44.80
CA GLY A 1018 -29.54 7.97 44.32
C GLY A 1018 -31.02 8.27 44.37
N THR A 1019 -31.39 9.49 44.01
CA THR A 1019 -32.79 9.89 44.02
C THR A 1019 -33.21 10.48 42.68
N GLU A 1020 -34.45 10.97 42.63
CA GLU A 1020 -34.99 11.70 41.48
C GLU A 1020 -34.99 10.94 40.16
N SER A 1021 -34.45 11.58 39.12
CA SER A 1021 -34.61 11.18 37.72
C SER A 1021 -34.28 9.72 37.40
N GLU A 1022 -33.05 9.30 37.67
CA GLU A 1022 -32.55 8.01 37.20
C GLU A 1022 -32.99 6.82 38.06
N MET A 1023 -32.51 5.65 37.66
CA MET A 1023 -32.89 4.40 38.31
C MET A 1023 -31.66 3.58 38.67
N PHE A 1024 -30.52 4.27 38.81
CA PHE A 1024 -29.24 3.64 39.14
C PHE A 1024 -29.33 2.70 40.35
N ASN A 1025 -30.35 2.91 41.16
CA ASN A 1025 -30.57 2.11 42.36
C ASN A 1025 -30.81 0.63 42.06
N LYS A 1026 -31.45 0.34 40.93
CA LYS A 1026 -31.72 -1.05 40.54
C LYS A 1026 -30.45 -1.70 39.98
N LEU A 1027 -29.73 -0.93 39.17
CA LEU A 1027 -28.45 -1.38 38.62
C LEU A 1027 -27.45 -1.66 39.74
N GLU A 1028 -27.59 -0.94 40.85
CA GLU A 1028 -26.79 -1.20 42.04
C GLU A 1028 -27.37 -2.36 42.84
N SER A 1029 -28.69 -2.54 42.74
CA SER A 1029 -29.39 -3.61 43.45
C SER A 1029 -28.94 -4.97 42.94
N ILE A 1030 -28.74 -5.06 41.63
CA ILE A 1030 -28.22 -6.29 41.04
C ILE A 1030 -26.71 -6.38 41.30
N ALA A 1031 -26.12 -5.26 41.70
CA ALA A 1031 -24.69 -5.20 41.95
C ALA A 1031 -24.34 -5.35 43.43
N THR A 1032 -25.33 -5.72 44.25
CA THR A 1032 -25.10 -5.92 45.68
C THR A 1032 -25.31 -7.38 46.06
N SER A 1033 -26.16 -8.06 45.30
CA SER A 1033 -26.49 -9.45 45.59
C SER A 1033 -25.24 -10.34 45.49
N ASP A 1034 -24.99 -11.11 46.55
CA ASP A 1034 -23.86 -12.04 46.57
C ASP A 1034 -24.25 -13.33 45.85
N ILE A 1035 -25.45 -13.34 45.31
CA ILE A 1035 -26.01 -14.51 44.63
C ILE A 1035 -26.27 -14.18 43.16
N PRO A 1036 -25.92 -15.12 42.26
CA PRO A 1036 -25.85 -15.06 40.79
C PRO A 1036 -26.08 -13.71 40.07
N ARG A 1037 -27.06 -12.93 40.48
CA ARG A 1037 -27.39 -11.65 39.82
C ARG A 1037 -27.62 -11.84 38.32
N THR A 1038 -28.76 -12.40 37.93
CA THR A 1038 -29.00 -12.76 36.54
C THR A 1038 -30.36 -12.35 35.98
N PRO A 1039 -30.50 -11.10 35.50
CA PRO A 1039 -31.78 -10.72 34.90
C PRO A 1039 -31.72 -10.36 33.42
N VAL A 1040 -32.65 -10.80 32.57
CA VAL A 1040 -33.69 -11.82 32.80
C VAL A 1040 -34.15 -12.26 31.42
N LEU A 1041 -33.67 -13.39 30.89
CA LEU A 1041 -32.66 -14.25 31.49
C LEU A 1041 -31.30 -13.54 31.51
N GLY A 1042 -30.43 -13.94 32.44
CA GLY A 1042 -30.69 -15.01 33.38
C GLY A 1042 -29.52 -15.97 33.46
N CYS A 1043 -28.31 -15.40 33.37
CA CYS A 1043 -27.08 -16.18 33.46
C CYS A 1043 -26.08 -15.47 34.37
N CYS A 1044 -25.53 -16.20 35.33
CA CYS A 1044 -24.53 -15.63 36.22
C CYS A 1044 -23.15 -15.77 35.61
N ILE A 1045 -22.25 -14.87 35.96
CA ILE A 1045 -20.91 -14.90 35.39
C ILE A 1045 -19.83 -14.73 36.44
N SER A 1046 -18.70 -15.37 36.19
CA SER A 1046 -17.44 -15.09 36.88
C SER A 1046 -17.48 -15.27 38.40
N ARG A 1047 -16.77 -16.27 38.88
CA ARG A 1047 -16.56 -16.41 40.31
C ARG A 1047 -15.57 -15.34 40.80
N ALA A 1048 -15.12 -14.50 39.87
CA ALA A 1048 -14.12 -13.49 40.16
C ALA A 1048 -14.71 -12.09 40.32
N LEU A 1049 -15.98 -11.92 39.95
CA LEU A 1049 -16.65 -10.64 40.10
C LEU A 1049 -17.83 -10.74 41.07
N GLU A 1050 -18.15 -11.97 41.49
CA GLU A 1050 -19.17 -12.20 42.50
C GLU A 1050 -18.71 -11.59 43.82
N PRO A 1051 -19.53 -10.69 44.42
CA PRO A 1051 -19.11 -9.99 45.65
C PRO A 1051 -18.87 -10.94 46.81
N SER A 1052 -19.31 -12.19 46.68
CA SER A 1052 -18.94 -13.23 47.62
C SER A 1052 -17.44 -13.51 47.47
N ALA A 1053 -16.70 -13.33 48.57
CA ALA A 1053 -15.25 -13.49 48.59
C ALA A 1053 -14.54 -12.56 47.60
N VAL A 1054 -15.17 -11.44 47.26
CA VAL A 1054 -14.53 -10.37 46.50
C VAL A 1054 -14.99 -9.03 47.10
N GLN A 1055 -14.05 -8.11 47.26
CA GLN A 1055 -14.26 -6.86 48.03
C GLN A 1055 -15.62 -6.13 47.93
N GLU A 1056 -16.17 -5.85 46.75
CA GLU A 1056 -15.66 -6.26 45.45
C GLU A 1056 -15.07 -5.09 44.65
N GLU A 1057 -15.41 -3.87 45.05
CA GLU A 1057 -14.84 -2.63 44.49
C GLU A 1057 -14.83 -2.53 42.96
N PHE A 1058 -15.48 -3.49 42.28
CA PHE A 1058 -15.61 -3.46 40.83
C PHE A 1058 -17.04 -3.14 40.39
N MET A 1059 -17.57 -2.05 40.94
CA MET A 1059 -18.99 -1.70 40.75
C MET A 1059 -19.36 -1.43 39.29
N THR A 1060 -18.64 -0.50 38.68
CA THR A 1060 -18.92 -0.06 37.31
C THR A 1060 -18.95 -1.22 36.32
N SER A 1061 -17.93 -2.08 36.44
CA SER A 1061 -17.83 -3.27 35.61
C SER A 1061 -19.04 -4.17 35.78
N ARG A 1062 -19.63 -4.14 36.97
CA ARG A 1062 -20.78 -4.98 37.27
C ARG A 1062 -22.10 -4.39 36.79
N VAL A 1063 -22.25 -3.08 36.87
CA VAL A 1063 -23.43 -2.43 36.31
C VAL A 1063 -23.43 -2.63 34.79
N ASN A 1064 -22.29 -2.29 34.19
CA ASN A 1064 -22.07 -2.55 32.77
C ASN A 1064 -22.31 -4.00 32.43
N TRP A 1065 -21.87 -4.91 33.31
CA TRP A 1065 -22.13 -6.33 33.11
C TRP A 1065 -23.63 -6.59 33.08
N VAL A 1066 -24.38 -5.94 33.97
CA VAL A 1066 -25.82 -6.15 34.00
C VAL A 1066 -26.45 -5.77 32.67
N VAL A 1067 -26.30 -4.52 32.28
CA VAL A 1067 -27.02 -4.04 31.10
C VAL A 1067 -26.48 -4.65 29.78
N GLN A 1068 -25.16 -4.83 29.69
CA GLN A 1068 -24.57 -5.43 28.51
C GLN A 1068 -24.94 -6.90 28.40
N SER A 1069 -25.16 -7.54 29.54
CA SER A 1069 -25.63 -8.91 29.53
C SER A 1069 -27.06 -8.95 29.06
N SER A 1070 -27.84 -7.93 29.43
CA SER A 1070 -29.18 -7.85 28.90
C SER A 1070 -29.11 -7.73 27.38
N ALA A 1071 -28.11 -6.98 26.89
CA ALA A 1071 -27.89 -6.82 25.46
C ALA A 1071 -27.50 -8.14 24.79
N VAL A 1072 -26.70 -8.94 25.47
CA VAL A 1072 -26.19 -10.18 24.87
C VAL A 1072 -27.25 -11.28 24.92
N ASP A 1073 -28.04 -11.32 25.99
CA ASP A 1073 -29.18 -12.22 26.06
C ASP A 1073 -30.20 -11.80 25.00
N TYR A 1074 -30.32 -10.50 24.81
CA TYR A 1074 -31.13 -9.96 23.73
C TYR A 1074 -30.66 -10.52 22.39
N LEU A 1075 -29.34 -10.49 22.18
CA LEU A 1075 -28.72 -11.03 20.98
C LEU A 1075 -29.08 -12.50 20.78
N HIS A 1076 -28.84 -13.31 21.81
CA HIS A 1076 -29.13 -14.73 21.77
C HIS A 1076 -30.59 -14.99 21.40
N LEU A 1077 -31.49 -14.25 22.04
CA LEU A 1077 -32.92 -14.38 21.79
C LEU A 1077 -33.23 -14.07 20.33
N MET A 1078 -32.63 -13.01 19.82
CA MET A 1078 -32.78 -12.66 18.41
C MET A 1078 -32.33 -13.79 17.51
N LEU A 1079 -31.20 -14.40 17.85
CA LEU A 1079 -30.66 -15.51 17.07
C LEU A 1079 -31.61 -16.72 17.04
N VAL A 1080 -31.98 -17.22 18.21
CA VAL A 1080 -32.83 -18.40 18.29
C VAL A 1080 -34.19 -18.15 17.66
N ALA A 1081 -34.69 -16.92 17.81
CA ALA A 1081 -35.96 -16.55 17.20
C ALA A 1081 -35.87 -16.59 15.68
N MET A 1082 -34.84 -15.93 15.15
CA MET A 1082 -34.64 -15.89 13.71
C MET A 1082 -34.46 -17.29 13.12
N LYS A 1083 -33.72 -18.14 13.83
CA LYS A 1083 -33.49 -19.51 13.39
C LYS A 1083 -34.78 -20.32 13.42
N TRP A 1084 -35.63 -20.03 14.40
CA TRP A 1084 -36.87 -20.82 14.57
C TRP A 1084 -37.83 -20.67 13.38
N LEU A 1085 -37.99 -19.46 12.86
CA LEU A 1085 -38.95 -19.24 11.77
C LEU A 1085 -38.26 -19.21 10.42
N PHE A 1086 -37.01 -19.68 10.37
CA PHE A 1086 -36.26 -19.75 9.12
C PHE A 1086 -36.24 -21.17 8.58
N GLU A 1087 -36.36 -22.13 9.49
CA GLU A 1087 -36.38 -23.54 9.11
C GLU A 1087 -37.81 -24.05 9.04
N GLU A 1088 -38.66 -23.48 9.90
CA GLU A 1088 -40.08 -23.81 9.92
C GLU A 1088 -40.74 -23.42 8.61
N PHE A 1089 -40.29 -22.31 8.03
CA PHE A 1089 -40.82 -21.82 6.78
C PHE A 1089 -39.77 -21.93 5.68
N ALA A 1090 -40.20 -21.70 4.44
CA ALA A 1090 -39.32 -21.84 3.29
C ALA A 1090 -38.47 -20.60 3.08
N ILE A 1091 -37.57 -20.33 4.02
CA ILE A 1091 -36.65 -19.20 3.91
C ILE A 1091 -35.23 -19.69 3.70
N ASP A 1092 -34.75 -19.62 2.46
CA ASP A 1092 -33.42 -20.12 2.14
C ASP A 1092 -32.35 -19.10 2.52
N GLY A 1093 -31.29 -19.57 3.16
CA GLY A 1093 -30.20 -18.72 3.58
C GLY A 1093 -30.27 -18.35 5.05
N ARG A 1094 -29.71 -19.21 5.90
CA ARG A 1094 -29.81 -19.05 7.34
C ARG A 1094 -28.51 -18.56 7.96
N PHE A 1095 -27.47 -18.43 7.13
CA PHE A 1095 -26.16 -18.02 7.59
C PHE A 1095 -26.18 -16.65 8.29
N CYS A 1096 -25.52 -16.56 9.45
CA CYS A 1096 -25.62 -15.39 10.32
C CYS A 1096 -24.33 -14.59 10.39
N ILE A 1097 -24.47 -13.27 10.53
CA ILE A 1097 -23.34 -12.36 10.68
C ILE A 1097 -23.70 -11.21 11.64
N SER A 1098 -23.27 -11.30 12.90
CA SER A 1098 -23.73 -10.33 13.89
C SER A 1098 -22.62 -9.51 14.54
N ILE A 1099 -22.93 -8.25 14.85
CA ILE A 1099 -22.04 -7.39 15.62
C ILE A 1099 -22.78 -6.77 16.80
N HIS A 1100 -22.86 -7.52 17.89
CA HIS A 1100 -23.41 -7.05 19.16
C HIS A 1100 -24.84 -6.51 19.02
N ASP A 1101 -24.95 -5.28 18.55
CA ASP A 1101 -26.25 -4.66 18.35
C ASP A 1101 -26.85 -5.10 17.02
N GLU A 1102 -26.06 -5.00 15.96
CA GLU A 1102 -26.54 -5.25 14.61
C GLU A 1102 -26.48 -6.74 14.28
N VAL A 1103 -27.32 -7.17 13.35
CA VAL A 1103 -27.33 -8.58 12.92
C VAL A 1103 -27.82 -8.71 11.49
N ARG A 1104 -27.04 -9.39 10.65
CA ARG A 1104 -27.31 -9.51 9.22
C ARG A 1104 -27.34 -10.96 8.76
N TYR A 1105 -28.40 -11.34 8.06
CA TYR A 1105 -28.53 -12.69 7.52
C TYR A 1105 -28.32 -12.74 6.01
N LEU A 1106 -27.63 -13.78 5.55
CA LEU A 1106 -27.37 -13.97 4.12
C LEU A 1106 -28.52 -14.70 3.45
N VAL A 1107 -29.51 -13.95 2.96
CA VAL A 1107 -30.69 -14.52 2.33
C VAL A 1107 -30.57 -14.50 0.81
N ARG A 1108 -31.69 -14.65 0.11
CA ARG A 1108 -31.70 -14.54 -1.34
C ARG A 1108 -32.66 -13.45 -1.82
N GLU A 1109 -32.51 -13.05 -3.08
CA GLU A 1109 -33.21 -11.89 -3.62
C GLU A 1109 -34.72 -12.06 -3.70
N GLU A 1110 -35.20 -13.29 -3.59
CA GLU A 1110 -36.63 -13.57 -3.71
C GLU A 1110 -37.30 -13.78 -2.35
N ASP A 1111 -36.50 -14.00 -1.31
CA ASP A 1111 -37.03 -14.21 0.03
C ASP A 1111 -36.54 -13.13 0.99
N ARG A 1112 -36.16 -11.98 0.44
CA ARG A 1112 -35.59 -10.92 1.24
C ARG A 1112 -36.63 -10.21 2.11
N TYR A 1113 -37.82 -9.99 1.53
CA TYR A 1113 -38.88 -9.25 2.21
C TYR A 1113 -39.47 -10.07 3.36
N ARG A 1114 -39.61 -11.37 3.14
CA ARG A 1114 -40.14 -12.26 4.15
C ARG A 1114 -39.12 -12.47 5.27
N ALA A 1115 -37.84 -12.36 4.90
CA ALA A 1115 -36.76 -12.43 5.87
C ALA A 1115 -36.75 -11.18 6.75
N ALA A 1116 -36.94 -10.02 6.13
CA ALA A 1116 -37.05 -8.77 6.88
C ALA A 1116 -38.25 -8.83 7.82
N LEU A 1117 -39.33 -9.43 7.32
CA LEU A 1117 -40.53 -9.66 8.13
C LEU A 1117 -40.18 -10.52 9.34
N ALA A 1118 -39.38 -11.56 9.11
CA ALA A 1118 -38.91 -12.42 10.19
C ALA A 1118 -38.10 -11.62 11.19
N LEU A 1119 -37.35 -10.63 10.71
CA LEU A 1119 -36.58 -9.77 11.59
C LEU A 1119 -37.49 -8.94 12.48
N GLN A 1120 -38.52 -8.33 11.89
CA GLN A 1120 -39.47 -7.54 12.67
C GLN A 1120 -40.17 -8.40 13.72
N ILE A 1121 -40.61 -9.59 13.31
CA ILE A 1121 -41.19 -10.57 14.22
C ILE A 1121 -40.26 -10.84 15.40
N THR A 1122 -39.02 -11.20 15.06
CA THR A 1122 -37.98 -11.49 16.05
C THR A 1122 -37.84 -10.37 17.07
N ASN A 1123 -37.66 -9.15 16.57
CA ASN A 1123 -37.50 -7.99 17.43
C ASN A 1123 -38.69 -7.80 18.36
N LEU A 1124 -39.89 -7.92 17.80
CA LEU A 1124 -41.11 -7.78 18.57
C LEU A 1124 -41.18 -8.80 19.72
N LEU A 1125 -40.98 -10.06 19.37
CA LEU A 1125 -41.02 -11.14 20.35
C LEU A 1125 -39.98 -10.97 21.45
N THR A 1126 -38.78 -10.52 21.08
CA THR A 1126 -37.72 -10.34 22.05
C THR A 1126 -38.05 -9.20 23.01
N ARG A 1127 -38.55 -8.09 22.47
CA ARG A 1127 -38.99 -6.97 23.29
C ARG A 1127 -40.07 -7.42 24.27
N CYS A 1128 -41.05 -8.17 23.76
CA CYS A 1128 -42.12 -8.71 24.60
C CYS A 1128 -41.57 -9.66 25.67
N MET A 1129 -40.47 -10.33 25.36
CA MET A 1129 -39.82 -11.22 26.32
C MET A 1129 -39.22 -10.42 27.48
N PHE A 1130 -38.45 -9.38 27.15
CA PHE A 1130 -37.87 -8.51 28.16
C PHE A 1130 -38.95 -7.84 29.00
N ALA A 1131 -40.09 -7.58 28.38
CA ALA A 1131 -41.23 -7.00 29.09
C ALA A 1131 -41.87 -8.02 30.04
N TYR A 1132 -41.97 -9.26 29.56
CA TYR A 1132 -42.64 -10.32 30.31
C TYR A 1132 -41.83 -10.79 31.50
N LYS A 1133 -40.51 -10.74 31.38
CA LYS A 1133 -39.62 -11.20 32.44
C LYS A 1133 -39.67 -10.32 33.68
N LEU A 1134 -40.39 -9.21 33.61
CA LEU A 1134 -40.51 -8.28 34.73
C LEU A 1134 -41.95 -7.83 34.96
N GLY A 1135 -42.79 -8.00 33.94
CA GLY A 1135 -44.18 -7.59 34.01
C GLY A 1135 -44.37 -6.12 33.71
N LEU A 1136 -45.40 -5.78 32.95
CA LEU A 1136 -46.33 -6.76 32.41
C LEU A 1136 -45.91 -7.21 31.02
N ASN A 1137 -46.71 -8.10 30.42
CA ASN A 1137 -46.46 -8.56 29.06
C ASN A 1137 -46.76 -7.47 28.05
N ASP A 1138 -47.52 -6.48 28.49
CA ASP A 1138 -47.85 -5.32 27.67
C ASP A 1138 -46.58 -4.52 27.40
N LEU A 1139 -46.45 -3.99 26.18
CA LEU A 1139 -45.27 -3.24 25.80
C LEU A 1139 -45.64 -1.98 25.01
N PRO A 1140 -44.76 -0.96 25.07
CA PRO A 1140 -44.97 0.30 24.35
C PRO A 1140 -45.05 0.14 22.83
N GLN A 1141 -45.23 1.24 22.12
CA GLN A 1141 -45.42 1.21 20.67
C GLN A 1141 -44.11 1.48 19.92
N SER A 1142 -43.53 2.66 20.15
CA SER A 1142 -42.31 3.08 19.47
C SER A 1142 -41.07 2.39 20.03
N VAL A 1143 -41.09 1.06 20.02
CA VAL A 1143 -40.00 0.24 20.53
C VAL A 1143 -40.26 -1.22 20.18
N ALA A 1144 -41.48 -1.47 19.70
CA ALA A 1144 -41.92 -2.83 19.39
C ALA A 1144 -41.30 -3.38 18.10
N PHE A 1145 -41.06 -2.52 17.12
CA PHE A 1145 -40.55 -2.96 15.82
C PHE A 1145 -39.30 -2.20 15.38
N PHE A 1146 -38.51 -2.84 14.52
CA PHE A 1146 -37.33 -2.22 13.95
C PHE A 1146 -37.68 -0.99 13.12
N SER A 1147 -36.92 0.08 13.30
CA SER A 1147 -37.11 1.26 12.47
C SER A 1147 -36.34 1.10 11.17
N ALA A 1148 -35.19 0.42 11.24
CA ALA A 1148 -34.35 0.23 10.05
C ALA A 1148 -34.06 -1.24 9.77
N VAL A 1149 -34.28 -1.64 8.51
CA VAL A 1149 -33.92 -2.98 8.05
C VAL A 1149 -33.23 -2.91 6.69
N ASP A 1150 -31.92 -3.16 6.67
CA ASP A 1150 -31.13 -3.04 5.45
C ASP A 1150 -31.25 -4.29 4.57
N ILE A 1151 -31.49 -4.08 3.28
CA ILE A 1151 -31.62 -5.19 2.34
C ILE A 1151 -30.85 -4.92 1.06
N ASP A 1152 -29.67 -5.52 0.89
CA ASP A 1152 -28.90 -5.29 -0.34
C ASP A 1152 -27.79 -6.32 -0.55
N ARG A 1153 -26.84 -6.01 -1.44
CA ARG A 1153 -25.81 -6.98 -1.82
C ARG A 1153 -24.69 -7.06 -0.79
N CYS A 1154 -24.06 -5.93 -0.50
CA CYS A 1154 -22.99 -5.90 0.50
C CYS A 1154 -23.51 -5.25 1.77
N LEU A 1155 -22.88 -5.55 2.90
CA LEU A 1155 -23.32 -4.99 4.17
C LEU A 1155 -22.55 -3.71 4.48
N ARG A 1156 -23.25 -2.75 5.07
CA ARG A 1156 -22.68 -1.47 5.46
C ARG A 1156 -23.55 -0.86 6.56
N LYS A 1157 -23.43 0.46 6.76
CA LYS A 1157 -24.19 1.12 7.82
C LYS A 1157 -25.53 1.65 7.28
N GLU A 1158 -25.44 2.62 6.38
CA GLU A 1158 -26.64 3.20 5.77
C GLU A 1158 -26.87 2.58 4.40
N VAL A 1159 -28.06 2.81 3.83
CA VAL A 1159 -28.39 2.23 2.53
C VAL A 1159 -27.63 2.90 1.38
N THR A 1160 -27.26 4.16 1.57
CA THR A 1160 -26.49 4.91 0.58
C THR A 1160 -25.03 4.98 1.02
N MET A 1161 -24.13 4.48 0.19
CA MET A 1161 -22.73 4.34 0.57
C MET A 1161 -21.75 5.00 -0.40
N ASP A 1162 -20.86 5.81 0.14
CA ASP A 1162 -19.74 6.35 -0.63
C ASP A 1162 -18.43 5.86 -0.01
N CYS A 1163 -17.31 6.15 -0.66
CA CYS A 1163 -16.03 5.61 -0.21
C CYS A 1163 -14.84 6.49 -0.60
N LYS A 1164 -13.64 6.05 -0.21
CA LYS A 1164 -12.43 6.80 -0.48
C LYS A 1164 -11.60 6.14 -1.58
N THR A 1165 -11.04 4.98 -1.28
CA THR A 1165 -10.10 4.31 -2.18
C THR A 1165 -10.70 3.99 -3.56
N PRO A 1166 -11.89 3.37 -3.61
CA PRO A 1166 -12.43 3.17 -4.96
C PRO A 1166 -13.11 4.42 -5.50
N SER A 1167 -13.19 5.46 -4.66
CA SER A 1167 -13.77 6.75 -5.06
C SER A 1167 -15.23 6.63 -5.48
N ASN A 1168 -15.48 5.87 -6.54
CA ASN A 1168 -16.83 5.59 -6.98
C ASN A 1168 -17.28 4.19 -6.57
N PRO A 1169 -18.29 4.11 -5.69
CA PRO A 1169 -18.86 2.85 -5.20
C PRO A 1169 -19.62 2.08 -6.28
N THR A 1170 -20.70 2.69 -6.81
CA THR A 1170 -21.48 2.08 -7.87
C THR A 1170 -20.69 2.09 -9.18
N GLY A 1171 -19.59 2.84 -9.20
CA GLY A 1171 -18.65 2.82 -10.31
C GLY A 1171 -18.04 1.44 -10.44
N MET A 1172 -17.63 0.87 -9.31
CA MET A 1172 -17.29 -0.54 -9.24
C MET A 1172 -18.60 -1.32 -9.19
N GLU A 1173 -18.57 -2.59 -9.59
CA GLU A 1173 -19.79 -3.38 -9.72
C GLU A 1173 -20.57 -3.51 -8.41
N ARG A 1174 -21.51 -2.60 -8.18
CA ARG A 1174 -22.35 -2.61 -6.99
C ARG A 1174 -23.81 -2.33 -7.33
N ARG A 1175 -24.65 -2.26 -6.30
CA ARG A 1175 -26.05 -1.90 -6.48
C ARG A 1175 -26.45 -0.75 -5.58
N TYR A 1176 -27.62 -0.86 -4.97
CA TYR A 1176 -28.11 0.17 -4.04
C TYR A 1176 -28.90 -0.48 -2.91
N GLY A 1177 -29.02 0.22 -1.79
CA GLY A 1177 -29.74 -0.30 -0.64
C GLY A 1177 -31.18 0.18 -0.58
N ILE A 1178 -31.95 -0.39 0.34
CA ILE A 1178 -33.35 0.01 0.51
C ILE A 1178 -33.75 0.06 1.99
N PRO A 1179 -34.22 1.24 2.45
CA PRO A 1179 -34.68 1.43 3.84
C PRO A 1179 -35.97 0.66 4.13
N GLN A 1180 -36.15 0.23 5.37
CA GLN A 1180 -37.34 -0.53 5.74
C GLN A 1180 -37.57 -0.55 7.26
N GLY A 1181 -38.77 -0.16 7.69
CA GLY A 1181 -39.82 0.28 6.78
C GLY A 1181 -41.22 -0.10 7.21
N GLU A 1182 -42.20 0.34 6.43
CA GLU A 1182 -43.60 0.03 6.69
C GLU A 1182 -44.20 -0.77 5.54
N ALA A 1183 -43.46 -0.81 4.43
CA ALA A 1183 -43.94 -1.47 3.21
C ALA A 1183 -43.70 -2.98 3.24
N LEU A 1184 -42.81 -3.43 4.10
CA LEU A 1184 -42.51 -4.86 4.22
C LEU A 1184 -43.59 -5.55 5.05
N ASP A 1185 -44.43 -4.73 5.68
CA ASP A 1185 -45.49 -5.23 6.54
C ASP A 1185 -46.73 -5.60 5.72
N ILE A 1186 -46.52 -6.05 4.48
CA ILE A 1186 -47.62 -6.46 3.62
C ILE A 1186 -47.37 -7.89 3.11
N TYR A 1187 -46.17 -8.39 3.34
CA TYR A 1187 -45.82 -9.76 2.97
C TYR A 1187 -45.79 -10.65 4.21
N GLN A 1188 -46.74 -11.58 4.29
CA GLN A 1188 -46.85 -12.46 5.45
C GLN A 1188 -45.84 -13.60 5.40
N ILE A 1189 -45.62 -14.24 6.54
CA ILE A 1189 -44.59 -15.27 6.68
C ILE A 1189 -44.87 -16.49 5.81
N ILE A 1190 -46.11 -16.61 5.33
CA ILE A 1190 -46.48 -17.69 4.42
C ILE A 1190 -45.74 -17.51 3.09
N GLU A 1191 -45.42 -18.61 2.45
CA GLU A 1191 -44.64 -18.59 1.22
C GLU A 1191 -45.32 -17.84 0.08
N LEU A 1192 -46.64 -17.96 0.01
CA LEU A 1192 -47.41 -17.35 -1.07
C LEU A 1192 -47.75 -15.88 -0.78
N THR A 1193 -46.90 -14.97 -1.28
CA THR A 1193 -47.15 -13.53 -1.13
C THR A 1193 -47.11 -12.83 -2.49
N LYS A 1194 -47.29 -11.50 -2.47
CA LYS A 1194 -47.27 -10.69 -3.69
C LYS A 1194 -48.30 -11.13 -4.73
N ALA B 68 11.85 32.28 -9.70
CA ALA B 68 12.11 32.88 -11.00
C ALA B 68 13.48 33.54 -11.04
N LEU B 69 14.50 32.83 -10.57
CA LEU B 69 15.86 33.35 -10.54
C LEU B 69 16.90 32.24 -10.62
N LEU B 70 16.42 31.01 -10.78
CA LEU B 70 17.29 29.85 -10.87
C LEU B 70 17.78 29.66 -12.30
N GLU B 71 17.37 30.57 -13.17
CA GLU B 71 17.76 30.54 -14.58
C GLU B 71 19.27 30.68 -14.72
N ILE B 72 19.86 31.51 -13.86
CA ILE B 72 21.29 31.69 -13.85
C ILE B 72 21.98 30.36 -13.54
N CYS B 73 21.31 29.51 -12.78
CA CYS B 73 21.83 28.21 -12.41
C CYS B 73 21.68 27.22 -13.57
N GLN B 74 20.76 27.53 -14.48
CA GLN B 74 20.54 26.70 -15.65
C GLN B 74 21.50 27.06 -16.76
N ARG B 75 21.93 28.32 -16.78
CA ARG B 75 22.90 28.78 -17.75
C ARG B 75 24.33 28.44 -17.31
N ARG B 76 24.61 28.71 -16.03
CA ARG B 76 25.93 28.47 -15.46
C ARG B 76 26.32 27.00 -15.59
N HIS B 77 25.38 26.13 -15.27
CA HIS B 77 25.58 24.69 -15.44
C HIS B 77 24.55 24.20 -16.44
N PHE B 78 25.05 23.78 -17.60
CA PHE B 78 24.22 23.65 -18.79
C PHE B 78 23.15 22.57 -18.74
N LEU B 79 22.05 22.89 -18.08
CA LEU B 79 20.82 22.12 -18.22
C LEU B 79 19.95 22.79 -19.28
N SER B 80 20.32 24.02 -19.64
CA SER B 80 19.58 24.77 -20.65
C SER B 80 20.54 25.54 -21.56
N GLY B 81 19.99 26.20 -22.58
CA GLY B 81 20.78 27.07 -23.43
C GLY B 81 21.20 28.29 -22.66
N SER B 82 22.28 28.93 -23.08
CA SER B 82 22.80 30.09 -22.36
C SER B 82 22.27 31.41 -22.93
N LYS B 83 21.37 31.34 -23.89
CA LYS B 83 20.76 32.53 -24.47
C LYS B 83 19.86 33.22 -23.45
N GLN B 84 19.88 34.55 -23.43
CA GLN B 84 19.06 35.30 -22.49
C GLN B 84 17.58 35.23 -22.88
N GLN B 85 17.31 35.02 -24.16
CA GLN B 85 15.94 34.92 -24.64
C GLN B 85 15.37 33.52 -24.38
N LEU B 86 14.97 33.28 -23.13
CA LEU B 86 14.34 32.02 -22.75
C LEU B 86 13.12 32.31 -21.88
N SER B 87 12.16 33.05 -22.44
CA SER B 87 10.94 33.40 -21.73
C SER B 87 10.09 32.16 -21.44
N ARG B 88 9.13 32.30 -20.54
CA ARG B 88 8.24 31.19 -20.20
C ARG B 88 7.48 30.73 -21.44
N ASP B 89 7.17 31.69 -22.31
CA ASP B 89 6.48 31.40 -23.57
C ASP B 89 7.39 30.60 -24.50
N SER B 90 8.65 31.04 -24.59
CA SER B 90 9.63 30.41 -25.48
C SER B 90 9.92 28.97 -25.09
N LEU B 91 9.71 28.65 -23.81
CA LEU B 91 9.93 27.29 -23.30
C LEU B 91 8.67 26.45 -23.37
N LEU B 92 7.53 27.06 -23.06
CA LEU B 92 6.25 26.36 -23.07
C LEU B 92 5.80 26.02 -24.49
N SER B 93 6.25 26.83 -25.45
CA SER B 93 5.87 26.63 -26.84
C SER B 93 6.70 25.54 -27.51
N GLY B 94 7.95 25.41 -27.10
CA GLY B 94 8.86 24.47 -27.71
C GLY B 94 9.70 25.16 -28.76
N CYS B 95 9.90 26.47 -28.57
CA CYS B 95 10.66 27.28 -29.51
C CYS B 95 12.04 27.62 -28.97
N HIS B 96 12.43 26.92 -27.90
CA HIS B 96 13.72 27.13 -27.28
C HIS B 96 14.85 26.64 -28.20
N PRO B 97 16.02 27.31 -28.14
CA PRO B 97 17.18 26.98 -28.97
C PRO B 97 17.69 25.55 -28.74
N GLY B 98 17.43 25.00 -27.56
CA GLY B 98 17.87 23.65 -27.24
C GLY B 98 18.33 23.54 -25.80
N PHE B 99 18.29 22.32 -25.27
CA PHE B 99 18.69 22.09 -23.89
C PHE B 99 20.18 21.80 -23.78
N GLY B 100 20.76 22.08 -22.62
CA GLY B 100 22.16 21.77 -22.37
C GLY B 100 22.34 20.27 -22.22
N PRO B 101 23.60 19.81 -22.14
CA PRO B 101 23.91 18.39 -21.96
C PRO B 101 23.27 17.78 -20.71
N LEU B 102 23.39 18.48 -19.58
CA LEU B 102 22.74 18.04 -18.35
C LEU B 102 21.24 17.99 -18.53
N GLY B 103 20.72 18.90 -19.34
CA GLY B 103 19.30 18.98 -19.61
C GLY B 103 18.79 17.83 -20.43
N VAL B 104 19.50 17.51 -21.52
CA VAL B 104 19.09 16.43 -22.41
C VAL B 104 19.35 15.08 -21.75
N GLU B 105 20.26 15.04 -20.79
CA GLU B 105 20.50 13.83 -20.03
C GLU B 105 19.40 13.63 -18.99
N LEU B 106 18.99 14.75 -18.38
CA LEU B 106 17.85 14.74 -17.45
C LEU B 106 16.61 14.25 -18.17
N ARG B 107 16.34 14.82 -19.34
CA ARG B 107 15.19 14.41 -20.14
C ARG B 107 15.35 12.96 -20.61
N LYS B 108 16.60 12.55 -20.85
CA LYS B 108 16.87 11.16 -21.21
C LYS B 108 16.44 10.21 -20.11
N ASN B 109 16.86 10.49 -18.88
CA ASN B 109 16.53 9.63 -17.76
C ASN B 109 15.04 9.67 -17.43
N LEU B 110 14.42 10.84 -17.58
CA LEU B 110 12.99 10.97 -17.37
C LEU B 110 12.22 10.11 -18.37
N ALA B 111 12.60 10.21 -19.64
CA ALA B 111 11.95 9.44 -20.70
C ALA B 111 12.17 7.94 -20.51
N ALA B 112 13.37 7.57 -20.08
CA ALA B 112 13.66 6.17 -19.80
C ALA B 112 12.80 5.67 -18.65
N GLU B 113 12.53 6.56 -17.68
CA GLU B 113 11.71 6.21 -16.53
C GLU B 113 10.25 6.12 -16.91
N TRP B 114 9.87 6.83 -17.97
CA TRP B 114 8.56 6.64 -18.58
C TRP B 114 8.51 5.26 -19.19
N TRP B 115 9.50 4.97 -20.04
CA TRP B 115 9.57 3.73 -20.79
C TRP B 115 9.53 2.51 -19.86
N THR B 116 10.17 2.62 -18.70
CA THR B 116 10.20 1.54 -17.73
C THR B 116 8.82 1.29 -17.12
N SER B 117 8.21 2.36 -16.57
CA SER B 117 6.96 2.23 -15.84
C SER B 117 5.72 2.36 -16.73
N VAL B 118 5.89 2.06 -18.02
CA VAL B 118 4.78 2.11 -18.97
C VAL B 118 4.81 0.93 -19.94
N VAL B 119 5.97 0.69 -20.55
CA VAL B 119 6.09 -0.29 -21.63
C VAL B 119 6.62 -1.64 -21.18
N VAL B 120 7.76 -1.63 -20.50
CA VAL B 120 8.43 -2.87 -20.10
C VAL B 120 7.59 -3.70 -19.12
N PHE B 121 7.35 -3.12 -17.94
CA PHE B 121 6.64 -3.82 -16.86
C PHE B 121 5.28 -4.36 -17.28
N ARG B 122 4.50 -3.56 -18.00
CA ARG B 122 3.18 -3.99 -18.41
C ARG B 122 3.19 -4.68 -19.77
N GLU B 123 2.72 -5.92 -19.79
CA GLU B 123 2.61 -6.69 -21.02
C GLU B 123 1.53 -6.11 -21.91
N GLN B 124 1.36 -6.70 -23.09
CA GLN B 124 0.39 -6.23 -24.09
C GLN B 124 0.74 -4.84 -24.60
N VAL B 125 1.90 -4.34 -24.22
CA VAL B 125 2.38 -3.03 -24.65
C VAL B 125 3.67 -3.16 -25.46
N PHE B 126 3.65 -2.63 -26.68
CA PHE B 126 4.76 -2.78 -27.60
C PHE B 126 5.17 -1.45 -28.22
N PRO B 127 6.47 -1.26 -28.47
CA PRO B 127 6.98 -0.03 -29.08
C PRO B 127 6.59 0.10 -30.54
N VAL B 128 6.21 1.32 -30.95
CA VAL B 128 5.81 1.57 -32.33
C VAL B 128 6.67 2.66 -32.94
N ASP B 129 7.07 2.47 -34.20
CA ASP B 129 7.86 3.47 -34.90
C ASP B 129 7.03 4.21 -35.94
N ALA B 130 6.54 5.40 -35.58
CA ALA B 130 5.77 6.22 -36.50
C ALA B 130 6.68 7.24 -37.19
N LEU B 131 6.42 7.49 -38.47
CA LEU B 131 7.20 8.45 -39.22
C LEU B 131 6.86 9.87 -38.79
N HIS B 132 7.68 10.84 -39.22
CA HIS B 132 7.51 12.23 -38.80
C HIS B 132 6.67 13.04 -39.80
N HIS B 133 6.48 12.48 -40.99
CA HIS B 133 5.74 13.18 -42.05
C HIS B 133 4.71 12.29 -42.73
N LYS B 134 4.16 12.80 -43.83
CA LYS B 134 3.23 12.04 -44.67
C LYS B 134 3.74 11.95 -46.10
N PRO B 135 3.61 10.77 -46.71
CA PRO B 135 4.09 10.50 -48.08
C PRO B 135 3.48 11.43 -49.13
N GLY B 136 2.30 11.97 -48.83
CA GLY B 136 1.63 12.87 -49.75
C GLY B 136 2.22 14.27 -49.74
N GLY B 179 5.79 22.99 -46.29
CA GLY B 179 5.28 21.73 -45.81
C GLY B 179 5.14 21.68 -44.30
N LYS B 180 4.17 20.90 -43.83
CA LYS B 180 3.94 20.74 -42.40
C LYS B 180 4.04 19.26 -41.99
N LEU B 181 4.41 19.01 -40.74
CA LEU B 181 4.67 17.66 -40.26
C LEU B 181 3.54 17.13 -39.39
N ARG B 182 3.85 16.13 -38.58
CA ARG B 182 2.88 15.56 -37.65
C ARG B 182 2.66 16.47 -36.45
N GLU B 183 1.42 16.57 -35.97
CA GLU B 183 1.12 17.35 -34.78
C GLU B 183 1.01 16.43 -33.57
N ASN B 184 0.80 15.15 -33.83
CA ASN B 184 0.73 14.14 -32.77
C ASN B 184 1.15 12.78 -33.30
N LEU B 185 1.76 11.97 -32.43
CA LEU B 185 2.26 10.66 -32.84
C LEU B 185 1.25 9.56 -32.51
N LEU B 186 0.01 9.98 -32.26
CA LEU B 186 -1.09 9.05 -32.04
C LEU B 186 -1.49 8.36 -33.34
N HIS B 187 -1.63 9.16 -34.39
CA HIS B 187 -2.09 8.68 -35.69
C HIS B 187 -1.16 7.64 -36.30
N GLY B 188 0.13 7.96 -36.34
CA GLY B 188 1.13 7.05 -36.88
C GLY B 188 1.14 5.74 -36.14
N ALA B 189 0.75 5.77 -34.87
CA ALA B 189 0.60 4.57 -34.07
C ALA B 189 -0.66 3.82 -34.47
N LEU B 190 -1.73 4.57 -34.72
CA LEU B 190 -3.00 3.99 -35.16
C LEU B 190 -2.85 3.26 -36.49
N GLU B 191 -1.91 3.73 -37.31
CA GLU B 191 -1.65 3.09 -38.61
C GLU B 191 -1.11 1.67 -38.47
N HIS B 192 -0.40 1.41 -37.38
CA HIS B 192 0.22 0.10 -37.16
C HIS B 192 -0.69 -0.85 -36.38
N TYR B 193 -1.99 -0.58 -36.38
CA TYR B 193 -2.91 -1.33 -35.53
C TYR B 193 -3.04 -2.81 -35.93
N VAL B 194 -3.20 -3.06 -37.22
CA VAL B 194 -3.51 -4.41 -37.71
C VAL B 194 -2.36 -5.39 -37.52
N ASN B 195 -1.14 -4.96 -37.86
CA ASN B 195 0.03 -5.80 -37.69
C ASN B 195 0.29 -6.09 -36.22
N CYS B 196 0.17 -5.05 -35.39
CA CYS B 196 0.35 -5.20 -33.95
C CYS B 196 -0.83 -5.93 -33.31
N LEU B 197 -1.87 -6.14 -34.11
CA LEU B 197 -2.98 -7.01 -33.73
C LEU B 197 -2.60 -8.44 -34.07
N ASP B 198 -1.81 -8.58 -35.12
CA ASP B 198 -1.35 -9.89 -35.58
C ASP B 198 -0.28 -10.45 -34.65
N LEU B 199 0.50 -9.58 -34.02
CA LEU B 199 1.57 -10.08 -33.15
C LEU B 199 1.07 -10.42 -31.74
N VAL B 200 -0.11 -9.92 -31.38
CA VAL B 200 -0.68 -10.18 -30.06
C VAL B 200 -1.81 -11.20 -30.15
N ASN B 201 -2.06 -11.67 -31.38
CA ASN B 201 -3.11 -12.65 -31.65
C ASN B 201 -4.49 -12.16 -31.27
N LYS B 202 -4.79 -10.91 -31.64
CA LYS B 202 -6.09 -10.29 -31.41
C LYS B 202 -6.55 -10.34 -29.96
N ARG B 203 -5.59 -10.28 -29.03
CA ARG B 203 -5.93 -10.25 -27.61
C ARG B 203 -5.86 -8.84 -27.05
N LEU B 204 -6.95 -8.10 -27.20
CA LEU B 204 -7.05 -6.77 -26.58
C LEU B 204 -7.68 -6.94 -25.19
N PRO B 205 -7.43 -5.99 -24.28
CA PRO B 205 -6.72 -4.71 -24.43
C PRO B 205 -5.21 -4.83 -24.69
N TYR B 206 -4.70 -3.95 -25.52
CA TYR B 206 -3.26 -3.91 -25.81
C TYR B 206 -2.88 -2.51 -26.32
N GLY B 207 -1.66 -2.08 -26.05
CA GLY B 207 -1.25 -0.72 -26.35
C GLY B 207 0.03 -0.57 -27.15
N LEU B 208 0.19 0.60 -27.75
CA LEU B 208 1.41 0.94 -28.47
C LEU B 208 1.96 2.27 -27.97
N ALA B 209 3.21 2.25 -27.50
CA ALA B 209 3.80 3.46 -26.95
C ALA B 209 4.97 3.93 -27.79
N GLN B 210 5.24 5.23 -27.74
CA GLN B 210 6.33 5.82 -28.49
C GLN B 210 6.70 7.18 -27.92
N ILE B 211 8.00 7.44 -27.80
CA ILE B 211 8.47 8.76 -27.40
C ILE B 211 9.10 9.48 -28.57
N GLY B 212 8.32 10.35 -29.21
CA GLY B 212 8.80 11.06 -30.39
C GLY B 212 8.61 12.57 -30.28
N VAL B 213 9.46 13.31 -30.97
CA VAL B 213 9.36 14.76 -30.99
C VAL B 213 8.24 15.17 -31.96
N CYS B 214 7.40 16.11 -31.53
CA CYS B 214 6.30 16.58 -32.37
C CYS B 214 6.45 18.06 -32.72
N PHE B 215 5.85 18.46 -33.83
CA PHE B 215 5.96 19.83 -34.32
C PHE B 215 4.61 20.54 -34.24
N HIS B 216 4.58 21.65 -33.50
CA HIS B 216 3.36 22.45 -33.35
C HIS B 216 3.48 23.79 -34.06
N PRO B 217 2.53 24.11 -34.94
CA PRO B 217 2.48 25.42 -35.58
C PRO B 217 2.09 26.50 -34.57
N VAL B 218 2.88 27.57 -34.50
CA VAL B 218 2.63 28.61 -33.51
C VAL B 218 2.70 30.03 -34.07
N PHE B 219 1.64 30.80 -33.85
CA PHE B 219 1.58 32.18 -34.32
C PHE B 219 2.00 33.15 -33.21
N ASP B 220 3.25 33.60 -33.28
CA ASP B 220 3.80 34.48 -32.26
C ASP B 220 3.19 35.87 -32.35
N THR B 221 2.51 36.28 -31.28
CA THR B 221 1.89 37.59 -31.20
C THR B 221 2.71 38.55 -30.33
N LYS B 229 3.81 32.79 -36.57
CA LYS B 229 4.33 32.51 -37.91
C LYS B 229 5.43 31.46 -37.84
N SER B 230 5.79 31.07 -36.62
CA SER B 230 6.89 30.13 -36.43
C SER B 230 6.38 28.73 -36.10
N ILE B 231 7.30 27.82 -35.85
CA ILE B 231 6.95 26.44 -35.53
C ILE B 231 7.83 25.91 -34.39
N GLY B 232 7.17 25.41 -33.34
CA GLY B 232 7.89 24.94 -32.18
C GLY B 232 7.80 23.44 -31.99
N GLU B 233 8.96 22.80 -31.81
CA GLU B 233 9.01 21.36 -31.60
C GLU B 233 9.20 21.00 -30.15
N LYS B 234 8.51 19.96 -29.70
CA LYS B 234 8.66 19.46 -28.34
C LYS B 234 8.48 17.95 -28.26
N THR B 235 9.34 17.31 -27.47
CA THR B 235 9.33 15.87 -27.31
C THR B 235 8.14 15.39 -26.51
N GLU B 236 7.42 14.40 -27.04
CA GLU B 236 6.25 13.86 -26.36
C GLU B 236 6.27 12.34 -26.29
N ALA B 237 5.84 11.82 -25.14
CA ALA B 237 5.72 10.38 -24.96
C ALA B 237 4.26 9.99 -24.95
N SER B 238 3.81 9.39 -26.05
CA SER B 238 2.42 9.02 -26.20
C SER B 238 2.21 7.51 -26.17
N LEU B 239 1.14 7.09 -25.52
CA LEU B 239 0.73 5.70 -25.47
C LEU B 239 -0.72 5.61 -25.93
N VAL B 240 -0.97 4.75 -26.92
CA VAL B 240 -2.33 4.53 -27.38
C VAL B 240 -2.80 3.15 -26.95
N TRP B 241 -3.84 3.13 -26.13
CA TRP B 241 -4.32 1.92 -25.49
C TRP B 241 -5.62 1.42 -26.13
N PHE B 242 -5.53 0.40 -26.97
CA PHE B 242 -6.70 -0.21 -27.59
C PHE B 242 -7.43 -1.10 -26.59
N THR B 243 -8.64 -0.71 -26.22
CA THR B 243 -9.39 -1.40 -25.18
C THR B 243 -10.86 -1.59 -25.55
N PRO B 244 -11.45 -2.74 -25.17
CA PRO B 244 -12.87 -3.01 -25.42
C PRO B 244 -13.80 -1.96 -24.83
N PRO B 245 -14.92 -1.67 -25.52
CA PRO B 245 -15.92 -0.68 -25.09
C PRO B 245 -16.52 -0.97 -23.71
N ARG B 246 -16.56 -2.25 -23.33
CA ARG B 246 -17.10 -2.64 -22.03
C ARG B 246 -16.23 -2.11 -20.89
N THR B 247 -14.95 -1.90 -21.17
CA THR B 247 -13.99 -1.51 -20.15
C THR B 247 -13.19 -0.27 -20.53
N SER B 248 -13.84 0.69 -21.17
CA SER B 248 -13.16 1.91 -21.62
C SER B 248 -12.90 2.89 -20.47
N ASN B 249 -13.96 3.25 -19.76
CA ASN B 249 -13.86 4.22 -18.67
C ASN B 249 -13.01 3.70 -17.52
N GLN B 250 -13.02 2.38 -17.34
CA GLN B 250 -12.23 1.76 -16.29
C GLN B 250 -10.74 1.85 -16.60
N TRP B 251 -10.38 1.61 -17.85
CA TRP B 251 -8.98 1.73 -18.26
C TRP B 251 -8.55 3.20 -18.28
N LEU B 252 -9.49 4.08 -18.58
CA LEU B 252 -9.22 5.52 -18.56
C LEU B 252 -8.90 5.97 -17.13
N ASP B 253 -9.72 5.52 -16.18
CA ASP B 253 -9.50 5.81 -14.77
C ASP B 253 -8.17 5.23 -14.29
N PHE B 254 -7.92 3.97 -14.66
CA PHE B 254 -6.68 3.27 -14.34
C PHE B 254 -5.46 4.06 -14.79
N TRP B 255 -5.42 4.40 -16.07
CA TRP B 255 -4.28 5.12 -16.64
C TRP B 255 -4.16 6.53 -16.08
N LEU B 256 -5.29 7.13 -15.75
CA LEU B 256 -5.27 8.42 -15.06
C LEU B 256 -4.50 8.31 -13.76
N ARG B 257 -4.95 7.38 -12.91
CA ARG B 257 -4.32 7.18 -11.60
C ARG B 257 -2.86 6.79 -11.69
N HIS B 258 -2.50 5.97 -12.68
CA HIS B 258 -1.13 5.48 -12.78
C HIS B 258 -0.16 6.48 -13.42
N ARG B 259 -0.65 7.29 -14.36
CA ARG B 259 0.16 8.37 -14.91
C ARG B 259 0.39 9.42 -13.84
N LEU B 260 -0.70 9.84 -13.20
CA LEU B 260 -0.62 10.81 -12.11
C LEU B 260 0.29 10.32 -10.99
N GLN B 261 0.25 9.02 -10.72
CA GLN B 261 1.12 8.42 -9.71
C GLN B 261 2.58 8.47 -10.16
N TRP B 262 2.81 8.16 -11.43
CA TRP B 262 4.17 8.17 -11.97
C TRP B 262 4.77 9.57 -11.95
N TRP B 263 3.90 10.58 -12.02
CA TRP B 263 4.38 11.96 -12.01
C TRP B 263 4.47 12.54 -10.60
N ARG B 264 3.70 11.99 -9.68
CA ARG B 264 3.67 12.52 -8.31
C ARG B 264 4.86 12.03 -7.49
N LYS B 265 5.46 10.92 -7.90
CA LYS B 265 6.73 10.51 -7.32
C LYS B 265 7.83 11.31 -7.99
N PHE B 266 9.08 11.06 -7.61
CA PHE B 266 10.23 11.88 -8.01
C PHE B 266 10.15 13.30 -7.46
N ALA B 267 8.98 13.68 -6.95
CA ALA B 267 8.72 15.05 -6.53
C ALA B 267 9.08 15.30 -5.08
N MET B 268 9.64 16.48 -4.82
CA MET B 268 9.91 16.91 -3.46
C MET B 268 8.64 17.49 -2.86
N SER B 269 7.64 17.65 -3.71
CA SER B 269 6.33 18.14 -3.28
C SER B 269 5.26 17.70 -4.28
N PRO B 270 4.73 16.47 -4.11
CA PRO B 270 3.73 15.89 -5.00
C PRO B 270 2.40 16.64 -5.01
N SER B 271 2.24 17.59 -4.09
CA SER B 271 1.01 18.35 -3.97
C SER B 271 0.73 19.26 -5.16
N ASN B 272 1.76 19.52 -5.96
CA ASN B 272 1.61 20.42 -7.10
C ASN B 272 0.90 19.76 -8.29
N PHE B 273 1.28 18.54 -8.60
CA PHE B 273 0.66 17.82 -9.72
C PHE B 273 -0.80 17.49 -9.43
N SER B 274 -1.69 17.98 -10.29
CA SER B 274 -3.12 17.76 -10.10
C SER B 274 -3.74 17.17 -11.36
N SER B 275 -5.01 16.78 -11.26
CA SER B 275 -5.73 16.24 -12.40
C SER B 275 -7.09 16.91 -12.55
N SER B 276 -7.57 16.97 -13.79
CA SER B 276 -8.85 17.60 -14.09
C SER B 276 -9.71 16.70 -14.96
N ASP B 277 -10.92 16.42 -14.49
CA ASP B 277 -11.87 15.64 -15.26
C ASP B 277 -12.68 16.56 -16.18
N CYS B 278 -12.65 16.25 -17.47
CA CYS B 278 -13.36 17.08 -18.45
C CYS B 278 -14.00 16.22 -19.54
N GLN B 279 -15.02 16.76 -20.18
CA GLN B 279 -15.73 16.01 -21.22
C GLN B 279 -15.53 16.65 -22.59
N ASP B 280 -15.78 15.85 -23.64
CA ASP B 280 -15.63 16.28 -25.01
C ASP B 280 -16.78 17.19 -25.44
N GLU B 281 -16.66 17.78 -26.61
CA GLU B 281 -17.76 18.55 -27.20
C GLU B 281 -18.88 17.60 -27.61
N GLU B 282 -18.51 16.33 -27.82
CA GLU B 282 -19.47 15.30 -28.17
C GLU B 282 -19.99 14.59 -26.92
N GLY B 283 -19.10 14.36 -25.97
CA GLY B 283 -19.48 13.71 -24.72
C GLY B 283 -18.42 12.75 -24.21
N ARG B 284 -17.42 12.47 -25.04
CA ARG B 284 -16.32 11.60 -24.68
C ARG B 284 -15.59 12.09 -23.44
N LYS B 285 -15.35 11.19 -22.48
CA LYS B 285 -14.70 11.58 -21.23
C LYS B 285 -13.18 11.60 -21.38
N GLY B 286 -12.55 12.53 -20.67
CA GLY B 286 -11.11 12.68 -20.73
C GLY B 286 -10.53 13.35 -19.50
N ASN B 287 -9.23 13.18 -19.29
CA ASN B 287 -8.57 13.77 -18.14
C ASN B 287 -7.29 14.51 -18.52
N LYS B 288 -7.05 15.64 -17.84
CA LYS B 288 -5.85 16.42 -18.08
C LYS B 288 -4.97 16.48 -16.84
N LEU B 289 -3.65 16.44 -17.05
CA LEU B 289 -2.71 16.49 -15.94
C LEU B 289 -2.01 17.83 -15.88
N TYR B 290 -2.05 18.48 -14.72
CA TYR B 290 -1.45 19.80 -14.54
C TYR B 290 -0.28 19.78 -13.56
N TYR B 291 0.68 20.67 -13.78
CA TYR B 291 1.71 20.96 -12.78
C TYR B 291 1.59 22.41 -12.33
N ASN B 292 1.78 22.65 -11.04
CA ASN B 292 1.66 24.00 -10.51
C ASN B 292 2.96 24.78 -10.59
N PHE B 293 3.14 25.51 -11.69
CA PHE B 293 4.28 26.41 -11.82
C PHE B 293 4.06 27.66 -10.95
N PRO B 294 5.14 28.38 -10.62
CA PRO B 294 5.05 29.62 -9.82
C PRO B 294 4.09 30.68 -10.39
N TRP B 295 3.72 30.56 -11.65
CA TRP B 295 2.78 31.51 -12.25
C TRP B 295 1.41 30.91 -12.54
N GLY B 296 1.16 29.70 -12.03
CA GLY B 296 -0.10 29.04 -12.24
C GLY B 296 0.06 27.62 -12.77
N LYS B 297 -1.06 26.92 -12.90
CA LYS B 297 -1.00 25.54 -13.40
C LYS B 297 -0.67 25.49 -14.89
N GLU B 298 -0.23 24.33 -15.36
CA GLU B 298 0.10 24.15 -16.77
C GLU B 298 -0.10 22.69 -17.19
N LEU B 299 -0.66 22.49 -18.39
CA LEU B 299 -0.92 21.15 -18.92
C LEU B 299 0.36 20.42 -19.29
N ILE B 300 0.50 19.19 -18.82
CA ILE B 300 1.71 18.40 -19.08
C ILE B 300 1.41 17.04 -19.71
N GLU B 301 0.17 16.57 -19.58
CA GLU B 301 -0.23 15.29 -20.15
C GLU B 301 -1.74 15.21 -20.35
N THR B 302 -2.15 14.64 -21.47
CA THR B 302 -3.56 14.59 -21.83
C THR B 302 -4.05 13.16 -22.08
N LEU B 303 -5.13 12.79 -21.39
CA LEU B 303 -5.71 11.45 -21.52
C LEU B 303 -7.15 11.52 -22.03
N TRP B 304 -7.42 10.81 -23.12
CA TRP B 304 -8.72 10.86 -23.78
C TRP B 304 -9.24 9.49 -24.21
N ASN B 305 -10.57 9.38 -24.23
CA ASN B 305 -11.25 8.16 -24.61
C ASN B 305 -11.98 8.32 -25.95
N LEU B 306 -11.25 8.08 -27.03
CA LEU B 306 -11.80 8.19 -28.38
C LEU B 306 -12.67 7.00 -28.74
N GLY B 307 -13.91 7.27 -29.12
CA GLY B 307 -14.87 6.22 -29.42
C GLY B 307 -14.76 5.62 -30.82
N ASP B 308 -13.69 4.87 -31.04
CA ASP B 308 -13.46 4.10 -32.27
C ASP B 308 -13.87 4.79 -33.58
N HIS B 309 -13.82 6.12 -33.59
CA HIS B 309 -14.22 6.88 -34.76
C HIS B 309 -13.11 6.86 -35.82
N GLU B 310 -11.90 7.19 -35.39
CA GLU B 310 -10.77 7.32 -36.29
C GLU B 310 -10.40 6.00 -36.96
N LEU B 311 -10.43 4.91 -36.19
CA LEU B 311 -10.12 3.60 -36.74
C LEU B 311 -11.13 3.18 -37.79
N LEU B 312 -12.40 3.50 -37.54
CA LEU B 312 -13.47 3.23 -38.50
C LEU B 312 -13.25 4.04 -39.77
N HIS B 313 -12.78 5.27 -39.62
CA HIS B 313 -12.53 6.11 -40.78
C HIS B 313 -11.30 5.63 -41.57
N MET B 314 -10.35 5.01 -40.88
CA MET B 314 -9.13 4.53 -41.53
C MET B 314 -9.36 3.26 -42.34
N TYR B 315 -10.28 2.41 -41.87
CA TYR B 315 -10.57 1.16 -42.54
C TYR B 315 -12.05 1.05 -42.90
N PRO B 316 -12.45 1.72 -44.00
CA PRO B 316 -13.85 1.75 -44.42
C PRO B 316 -14.31 0.43 -45.06
N GLY B 317 -13.43 -0.21 -45.81
CA GLY B 317 -13.76 -1.44 -46.51
C GLY B 317 -14.11 -2.58 -45.58
N ASN B 318 -13.10 -3.34 -45.16
CA ASN B 318 -13.31 -4.47 -44.28
C ASN B 318 -13.17 -4.10 -42.82
N VAL B 319 -14.30 -4.08 -42.11
CA VAL B 319 -14.29 -3.81 -40.68
C VAL B 319 -14.00 -5.10 -39.93
N SER B 320 -13.78 -6.17 -40.67
CA SER B 320 -13.53 -7.49 -40.09
C SER B 320 -12.10 -7.60 -39.54
N LYS B 321 -11.17 -6.93 -40.20
CA LYS B 321 -9.76 -6.98 -39.79
C LYS B 321 -9.49 -6.09 -38.59
N LEU B 322 -10.55 -5.49 -38.04
CA LEU B 322 -10.44 -4.61 -36.89
C LEU B 322 -10.97 -5.27 -35.62
N HIS B 323 -11.73 -6.35 -35.79
CA HIS B 323 -12.34 -7.06 -34.66
C HIS B 323 -11.29 -7.66 -33.73
N GLY B 324 -11.39 -7.32 -32.46
CA GLY B 324 -10.48 -7.84 -31.46
C GLY B 324 -11.18 -8.65 -30.39
N ARG B 325 -10.62 -9.80 -30.06
CA ARG B 325 -11.25 -10.73 -29.12
C ARG B 325 -11.25 -10.21 -27.68
N ASP B 326 -12.40 -9.69 -27.27
CA ASP B 326 -12.59 -9.25 -25.88
C ASP B 326 -12.47 -10.45 -24.95
N GLY B 327 -12.92 -11.61 -25.42
CA GLY B 327 -12.85 -12.83 -24.64
C GLY B 327 -13.63 -13.94 -25.30
N ARG B 328 -14.95 -13.88 -25.17
CA ARG B 328 -15.83 -14.88 -25.77
C ARG B 328 -16.47 -14.30 -27.04
N LYS B 329 -16.00 -13.13 -27.44
CA LYS B 329 -16.57 -12.41 -28.57
C LYS B 329 -15.62 -11.33 -29.07
N ASN B 330 -15.60 -11.13 -30.39
CA ASN B 330 -14.78 -10.09 -30.99
C ASN B 330 -15.54 -8.79 -31.13
N VAL B 331 -14.96 -7.70 -30.63
CA VAL B 331 -15.61 -6.41 -30.62
C VAL B 331 -14.74 -5.37 -31.31
N VAL B 332 -15.35 -4.25 -31.69
CA VAL B 332 -14.63 -3.11 -32.23
C VAL B 332 -13.95 -2.35 -31.08
N PRO B 333 -12.62 -2.19 -31.16
CA PRO B 333 -11.84 -1.60 -30.07
C PRO B 333 -12.03 -0.10 -29.90
N CYS B 334 -12.38 0.32 -28.70
CA CYS B 334 -12.38 1.73 -28.33
C CYS B 334 -10.95 2.19 -28.09
N VAL B 335 -10.62 3.41 -28.49
CA VAL B 335 -9.23 3.85 -28.51
C VAL B 335 -8.88 4.87 -27.43
N LEU B 336 -8.12 4.42 -26.43
CA LEU B 336 -7.64 5.31 -25.36
C LEU B 336 -6.33 5.96 -25.79
N SER B 337 -6.05 7.15 -25.28
CA SER B 337 -4.83 7.86 -25.67
C SER B 337 -4.26 8.77 -24.60
N VAL B 338 -3.00 8.57 -24.26
CA VAL B 338 -2.33 9.42 -23.28
C VAL B 338 -1.04 10.01 -23.82
N ASN B 339 -1.02 11.34 -23.96
CA ASN B 339 0.13 12.01 -24.50
C ASN B 339 0.80 12.89 -23.46
N GLY B 340 2.05 12.59 -23.14
CA GLY B 340 2.77 13.30 -22.11
C GLY B 340 3.96 14.11 -22.59
N ASP B 341 3.82 15.43 -22.56
CA ASP B 341 4.91 16.35 -22.87
C ASP B 341 6.06 16.16 -21.90
N LEU B 342 7.16 15.59 -22.36
CA LEU B 342 8.31 15.33 -21.50
C LEU B 342 9.23 16.55 -21.35
N ASP B 343 9.08 17.51 -22.25
CA ASP B 343 9.83 18.76 -22.13
C ASP B 343 9.28 19.55 -20.96
N ARG B 344 7.98 19.82 -20.99
CA ARG B 344 7.30 20.53 -19.91
C ARG B 344 7.45 19.78 -18.60
N GLY B 345 7.51 18.45 -18.67
CA GLY B 345 7.73 17.64 -17.49
C GLY B 345 9.13 17.85 -16.94
N MET B 346 10.10 17.87 -17.85
CA MET B 346 11.49 18.07 -17.49
C MET B 346 11.65 19.41 -16.78
N LEU B 347 11.05 20.44 -17.36
CA LEU B 347 11.02 21.77 -16.75
C LEU B 347 10.31 21.77 -15.40
N ALA B 348 9.24 20.99 -15.29
CA ALA B 348 8.45 20.92 -14.06
C ALA B 348 9.26 20.34 -12.92
N TYR B 349 9.99 19.26 -13.19
CA TYR B 349 10.86 18.66 -12.18
C TYR B 349 12.03 19.58 -11.86
N LEU B 350 12.49 20.29 -12.89
CA LEU B 350 13.57 21.25 -12.71
C LEU B 350 13.17 22.38 -11.76
N TYR B 351 11.90 22.78 -11.82
CA TYR B 351 11.38 23.80 -10.91
C TYR B 351 11.10 23.25 -9.53
N ASP B 352 10.54 22.04 -9.49
CA ASP B 352 10.21 21.39 -8.23
C ASP B 352 11.44 21.13 -7.38
N SER B 353 12.55 20.84 -8.05
CA SER B 353 13.80 20.50 -7.38
C SER B 353 14.35 21.64 -6.56
N PHE B 354 14.02 22.87 -6.95
CA PHE B 354 14.57 24.06 -6.31
C PHE B 354 13.67 24.58 -5.18
N GLN B 355 14.31 25.05 -4.11
CA GLN B 355 13.58 25.58 -2.96
C GLN B 355 12.79 26.83 -3.33
N THR B 362 9.98 27.78 2.88
CA THR B 362 10.88 28.80 2.36
C THR B 362 10.83 30.06 3.23
N ARG B 363 10.70 29.87 4.53
CA ARG B 363 10.66 30.98 5.47
C ARG B 363 11.32 30.57 6.79
N LYS B 364 11.86 31.57 7.49
CA LYS B 364 12.65 31.40 8.73
C LYS B 364 13.54 30.16 8.70
N LYS B 365 14.36 30.07 7.65
CA LYS B 365 15.32 28.98 7.49
C LYS B 365 16.67 29.39 8.09
N ASN B 366 16.85 30.70 8.28
CA ASN B 366 18.01 31.30 8.92
C ASN B 366 19.33 31.16 8.14
N LEU B 367 19.42 30.15 7.28
CA LEU B 367 20.62 29.94 6.48
C LEU B 367 20.27 29.22 5.17
N HIS B 368 20.60 29.83 4.04
CA HIS B 368 20.19 29.31 2.75
C HIS B 368 21.38 28.89 1.86
N ARG B 369 21.18 27.80 1.12
CA ARG B 369 22.18 27.32 0.17
C ARG B 369 21.51 26.99 -1.17
N LYS B 370 22.22 27.28 -2.25
CA LYS B 370 21.68 27.01 -3.58
C LYS B 370 21.89 25.56 -3.99
N VAL B 371 20.79 24.81 -4.05
CA VAL B 371 20.83 23.42 -4.47
C VAL B 371 19.46 22.98 -5.00
N LEU B 372 19.46 22.33 -6.15
CA LEU B 372 18.25 21.75 -6.69
C LEU B 372 18.21 20.26 -6.37
N LYS B 373 17.15 19.83 -5.68
CA LYS B 373 17.03 18.45 -5.22
C LYS B 373 16.25 17.59 -6.19
N LEU B 374 16.89 17.17 -7.28
CA LEU B 374 16.26 16.26 -8.23
C LEU B 374 16.26 14.85 -7.65
N HIS B 375 15.25 14.07 -8.02
CA HIS B 375 15.17 12.69 -7.58
C HIS B 375 16.38 11.92 -8.11
N PRO B 376 16.98 11.09 -7.26
CA PRO B 376 18.22 10.36 -7.56
C PRO B 376 18.14 9.47 -8.79
N CYS B 377 16.94 9.17 -9.26
CA CYS B 377 16.75 8.29 -10.40
C CYS B 377 16.92 9.02 -11.73
N LEU B 378 16.31 10.19 -11.85
CA LEU B 378 16.33 10.93 -13.10
C LEU B 378 17.43 12.00 -13.13
N ALA B 379 18.21 12.07 -12.05
CA ALA B 379 19.30 13.03 -11.96
C ALA B 379 20.34 12.80 -13.07
N PRO B 380 20.76 13.88 -13.75
CA PRO B 380 21.70 13.82 -14.88
C PRO B 380 23.04 13.21 -14.52
N ILE B 381 23.73 13.78 -13.54
CA ILE B 381 25.00 13.22 -13.09
C ILE B 381 24.88 12.66 -11.68
N LYS B 382 25.13 11.36 -11.55
CA LYS B 382 24.96 10.67 -10.27
C LYS B 382 26.03 11.06 -9.25
N VAL B 383 27.27 10.66 -9.53
CA VAL B 383 28.38 10.94 -8.62
C VAL B 383 29.43 11.83 -9.28
N ALA B 384 30.31 12.42 -8.47
CA ALA B 384 31.36 13.28 -8.97
C ALA B 384 32.72 12.90 -8.36
N LEU B 385 33.62 12.42 -9.20
CA LEU B 385 34.93 11.97 -8.76
C LEU B 385 36.00 13.05 -8.91
N ASP B 386 36.77 13.29 -7.84
CA ASP B 386 37.78 14.33 -7.84
C ASP B 386 39.13 13.86 -7.28
N VAL B 387 40.06 14.80 -7.18
CA VAL B 387 41.39 14.53 -6.67
C VAL B 387 41.77 15.55 -5.59
N GLY B 388 42.12 15.06 -4.41
CA GLY B 388 42.46 15.95 -3.30
C GLY B 388 43.78 15.62 -2.64
N ARG B 389 44.42 16.65 -2.09
CA ARG B 389 45.73 16.53 -1.43
C ARG B 389 46.74 15.69 -2.21
N GLY B 390 47.21 16.18 -3.35
CA GLY B 390 46.82 17.48 -3.86
C GLY B 390 47.89 18.55 -3.66
N PRO B 391 48.92 18.54 -4.51
CA PRO B 391 49.09 17.58 -5.61
C PRO B 391 49.75 16.27 -5.17
N THR B 392 49.34 15.17 -5.79
CA THR B 392 49.93 13.87 -5.50
C THR B 392 50.11 13.06 -6.78
N LEU B 393 51.37 12.73 -7.07
CA LEU B 393 51.74 12.00 -8.28
C LEU B 393 52.55 10.76 -7.90
N GLU B 394 52.41 9.67 -8.65
CA GLU B 394 51.54 9.60 -9.82
C GLU B 394 50.74 8.31 -9.88
N LEU B 395 50.29 7.84 -8.71
CA LEU B 395 49.42 6.67 -8.65
C LEU B 395 47.95 7.11 -8.71
N ARG B 396 47.72 8.25 -9.36
CA ARG B 396 46.38 8.80 -9.49
C ARG B 396 45.63 8.11 -10.63
N GLN B 397 46.27 7.10 -11.22
CA GLN B 397 45.65 6.31 -12.28
C GLN B 397 44.53 5.45 -11.73
N VAL B 398 44.48 5.37 -10.40
CA VAL B 398 43.41 4.66 -9.71
C VAL B 398 42.07 5.36 -9.95
N CYS B 399 42.13 6.68 -10.11
CA CYS B 399 40.93 7.47 -10.40
C CYS B 399 40.33 7.03 -11.73
N GLN B 400 41.19 6.75 -12.71
CA GLN B 400 40.75 6.22 -13.99
C GLN B 400 40.05 4.88 -13.79
N GLY B 401 40.60 4.07 -12.89
CA GLY B 401 40.04 2.78 -12.56
C GLY B 401 38.63 2.89 -12.00
N LEU B 402 38.47 3.74 -11.00
CA LEU B 402 37.16 3.98 -10.39
C LEU B 402 36.20 4.55 -11.42
N PHE B 403 36.75 5.35 -12.34
CA PHE B 403 35.97 5.95 -13.42
C PHE B 403 35.34 4.87 -14.31
N ASN B 404 36.18 4.04 -14.91
CA ASN B 404 35.69 3.03 -15.83
C ASN B 404 34.85 1.97 -15.10
N GLU B 405 35.20 1.67 -13.85
CA GLU B 405 34.40 0.74 -13.05
C GLU B 405 33.00 1.29 -12.85
N LEU B 406 32.93 2.58 -12.55
CA LEU B 406 31.65 3.24 -12.31
C LEU B 406 30.80 3.29 -13.59
N LEU B 407 31.39 3.74 -14.69
CA LEU B 407 30.61 3.83 -15.93
C LEU B 407 30.22 2.44 -16.46
N GLU B 408 31.01 1.42 -16.12
CA GLU B 408 30.68 0.06 -16.52
C GLU B 408 29.39 -0.41 -15.84
N ASN B 409 29.13 0.09 -14.64
CA ASN B 409 27.89 -0.22 -13.94
C ASN B 409 26.80 0.80 -14.27
N GLY B 410 27.08 1.67 -15.23
CA GLY B 410 26.08 2.56 -15.79
C GLY B 410 25.68 3.76 -14.95
N ILE B 411 26.54 4.14 -14.00
CA ILE B 411 26.25 5.31 -13.17
C ILE B 411 27.10 6.51 -13.61
N SER B 412 26.42 7.64 -13.83
CA SER B 412 27.07 8.85 -14.32
C SER B 412 28.08 9.40 -13.32
N VAL B 413 29.31 9.60 -13.78
CA VAL B 413 30.38 10.11 -12.93
C VAL B 413 31.14 11.27 -13.57
N TRP B 414 31.11 12.42 -12.90
CA TRP B 414 31.80 13.61 -13.39
C TRP B 414 33.28 13.55 -13.02
N PRO B 415 34.17 13.78 -14.00
CA PRO B 415 35.62 13.68 -13.77
C PRO B 415 36.25 14.98 -13.33
N GLY B 416 36.75 15.02 -12.09
CA GLY B 416 37.42 16.20 -11.58
C GLY B 416 38.92 16.02 -11.58
N TYR B 417 39.50 15.94 -12.77
CA TYR B 417 40.93 15.75 -12.93
C TYR B 417 41.58 17.06 -13.37
N LEU B 418 41.54 17.34 -14.67
CA LEU B 418 42.04 18.62 -15.18
C LEU B 418 41.17 19.75 -14.66
N GLU B 419 41.78 20.62 -13.87
CA GLU B 419 41.03 21.67 -13.18
C GLU B 419 41.83 22.96 -13.09
N THR B 420 41.11 24.08 -13.03
CA THR B 420 41.73 25.38 -12.84
C THR B 420 41.61 25.80 -11.38
N MET B 421 40.74 25.10 -10.64
CA MET B 421 40.54 25.34 -9.22
C MET B 421 40.81 24.06 -8.43
N GLN B 422 41.74 24.04 -7.46
CA GLN B 422 42.53 25.14 -6.91
C GLN B 422 41.66 26.29 -6.37
N SER B 423 40.68 25.92 -5.55
CA SER B 423 39.80 26.89 -4.89
C SER B 423 39.15 26.26 -3.66
N SER B 424 38.30 27.04 -2.99
CA SER B 424 37.60 26.53 -1.82
C SER B 424 36.72 25.35 -2.18
N LEU B 425 36.60 24.41 -1.26
CA LEU B 425 35.78 23.21 -1.49
C LEU B 425 34.31 23.58 -1.58
N GLU B 426 33.90 24.64 -0.90
CA GLU B 426 32.54 25.13 -0.96
C GLU B 426 32.16 25.55 -2.38
N GLN B 427 33.16 25.99 -3.14
CA GLN B 427 32.93 26.44 -4.52
C GLN B 427 32.47 25.31 -5.42
N LEU B 428 33.21 24.20 -5.42
CA LEU B 428 32.85 23.06 -6.27
C LEU B 428 31.76 22.21 -5.64
N TYR B 429 31.57 22.36 -4.33
CA TYR B 429 30.45 21.71 -3.67
C TYR B 429 29.16 22.37 -4.12
N SER B 430 29.15 23.70 -4.13
CA SER B 430 28.00 24.45 -4.62
C SER B 430 27.84 24.24 -6.12
N LYS B 431 28.97 24.06 -6.80
CA LYS B 431 28.99 23.80 -8.24
C LYS B 431 28.35 22.44 -8.56
N TYR B 432 28.51 21.49 -7.65
CA TYR B 432 27.95 20.16 -7.85
C TYR B 432 26.50 20.08 -7.34
N ASP B 433 26.16 20.94 -6.38
CA ASP B 433 24.80 21.01 -5.87
C ASP B 433 23.90 21.81 -6.82
N GLU B 434 24.52 22.65 -7.64
CA GLU B 434 23.82 23.34 -8.71
C GLU B 434 23.60 22.41 -9.90
N MET B 435 24.26 21.26 -9.86
CA MET B 435 24.11 20.24 -10.89
C MET B 435 23.35 19.03 -10.33
N SER B 436 22.89 19.18 -9.10
CA SER B 436 22.10 18.15 -8.41
C SER B 436 22.83 16.82 -8.34
N ILE B 437 24.16 16.87 -8.30
CA ILE B 437 24.96 15.66 -8.17
C ILE B 437 24.74 15.04 -6.80
N LEU B 438 24.32 13.77 -6.79
CA LEU B 438 23.95 13.06 -5.57
C LEU B 438 25.08 13.00 -4.53
N PHE B 439 26.18 12.36 -4.90
CA PHE B 439 27.30 12.22 -3.99
C PHE B 439 28.59 12.79 -4.58
N THR B 440 29.46 13.27 -3.70
CA THR B 440 30.77 13.77 -4.11
C THR B 440 31.85 12.90 -3.49
N VAL B 441 32.45 12.04 -4.31
CA VAL B 441 33.51 11.14 -3.86
C VAL B 441 34.87 11.80 -4.02
N LEU B 442 35.65 11.78 -2.95
CA LEU B 442 36.96 12.41 -2.97
C LEU B 442 38.09 11.40 -2.76
N VAL B 443 39.08 11.44 -3.65
CA VAL B 443 40.24 10.56 -3.60
C VAL B 443 41.48 11.33 -3.17
N THR B 444 41.99 11.02 -1.97
CA THR B 444 43.22 11.62 -1.46
C THR B 444 44.30 10.56 -1.24
N GLU B 445 45.46 10.99 -0.75
CA GLU B 445 46.62 10.10 -0.60
C GLU B 445 46.49 9.13 0.57
N THR B 446 45.70 9.51 1.59
CA THR B 446 45.48 8.64 2.72
C THR B 446 44.67 7.42 2.29
N THR B 447 43.85 7.61 1.26
CA THR B 447 43.08 6.53 0.67
C THR B 447 43.98 5.68 -0.21
N LEU B 448 45.01 6.32 -0.78
CA LEU B 448 46.03 5.61 -1.52
C LEU B 448 46.82 4.74 -0.55
N GLU B 449 46.85 5.16 0.72
CA GLU B 449 47.52 4.40 1.78
C GLU B 449 46.66 3.22 2.23
N ASN B 450 45.52 3.49 2.85
CA ASN B 450 44.66 2.42 3.33
C ASN B 450 43.63 1.99 2.28
N GLY B 451 42.58 2.79 2.08
CA GLY B 451 41.58 2.49 1.08
C GLY B 451 40.18 2.95 1.49
N LEU B 452 40.10 4.14 2.06
CA LEU B 452 38.83 4.69 2.50
C LEU B 452 38.61 6.10 1.96
N ILE B 453 37.99 6.20 0.79
CA ILE B 453 37.76 7.50 0.16
C ILE B 453 36.67 8.31 0.87
N HIS B 454 36.63 9.60 0.57
CA HIS B 454 35.66 10.51 1.19
C HIS B 454 34.37 10.57 0.37
N LEU B 455 33.28 10.97 1.02
CA LEU B 455 31.98 11.04 0.36
C LEU B 455 31.10 12.14 0.98
N ARG B 456 30.48 12.94 0.12
CA ARG B 456 29.58 14.00 0.59
C ARG B 456 28.24 13.96 -0.13
N SER B 457 27.18 13.63 0.61
CA SER B 457 25.84 13.57 0.03
C SER B 457 25.29 14.96 -0.25
N ARG B 458 24.38 15.04 -1.21
CA ARG B 458 23.74 16.30 -1.58
C ARG B 458 22.55 16.60 -0.68
N ASP B 459 21.72 15.59 -0.47
CA ASP B 459 20.52 15.74 0.37
C ASP B 459 20.89 16.25 1.76
N THR B 460 21.93 15.64 2.32
CA THR B 460 22.47 16.09 3.60
C THR B 460 23.98 16.28 3.50
N THR B 461 24.41 17.53 3.41
CA THR B 461 25.83 17.85 3.30
C THR B 461 26.59 17.36 4.51
N MET B 462 27.32 16.25 4.34
CA MET B 462 28.07 15.65 5.44
C MET B 462 29.18 14.73 4.94
N LYS B 463 30.36 14.87 5.55
CA LYS B 463 31.52 14.06 5.21
C LYS B 463 31.37 12.64 5.75
N GLU B 464 31.72 11.65 4.93
CA GLU B 464 31.60 10.26 5.32
C GLU B 464 32.64 9.37 4.63
N MET B 465 33.35 8.57 5.42
CA MET B 465 34.41 7.71 4.90
C MET B 465 33.83 6.37 4.43
N MET B 466 34.36 5.83 3.33
CA MET B 466 33.84 4.56 2.81
C MET B 466 34.88 3.82 1.97
N HIS B 467 34.67 2.52 1.76
CA HIS B 467 35.58 1.73 0.96
C HIS B 467 35.22 1.83 -0.53
N ILE B 468 36.02 1.22 -1.41
CA ILE B 468 35.88 1.43 -2.85
C ILE B 468 34.77 0.60 -3.51
N SER B 469 34.91 -0.72 -3.48
CA SER B 469 33.89 -1.59 -4.07
C SER B 469 32.60 -1.41 -3.28
N LYS B 470 32.77 -1.14 -2.00
CA LYS B 470 31.67 -0.78 -1.13
C LYS B 470 30.98 0.49 -1.64
N LEU B 471 31.75 1.42 -2.21
CA LEU B 471 31.18 2.64 -2.78
C LEU B 471 30.43 2.35 -4.07
N LYS B 472 31.02 1.54 -4.95
CA LYS B 472 30.35 1.13 -6.17
C LYS B 472 28.99 0.49 -5.87
N ASP B 473 29.01 -0.53 -5.02
CA ASP B 473 27.78 -1.25 -4.66
C ASP B 473 26.82 -0.38 -3.84
N PHE B 474 27.35 0.59 -3.10
CA PHE B 474 26.51 1.52 -2.36
C PHE B 474 25.76 2.43 -3.33
N LEU B 475 26.42 2.80 -4.42
CA LEU B 475 25.79 3.64 -5.43
C LEU B 475 24.70 2.86 -6.15
N ILE B 476 25.06 1.65 -6.60
CA ILE B 476 24.10 0.78 -7.28
C ILE B 476 22.88 0.54 -6.40
N LYS B 477 23.11 0.22 -5.13
CA LYS B 477 22.03 -0.03 -4.19
C LYS B 477 21.25 1.25 -3.89
N TYR B 478 21.93 2.39 -3.96
CA TYR B 478 21.30 3.67 -3.70
C TYR B 478 20.27 3.96 -4.77
N ILE B 479 20.68 3.82 -6.03
CA ILE B 479 19.77 4.02 -7.15
C ILE B 479 18.65 2.98 -7.16
N SER B 480 19.02 1.72 -7.05
CA SER B 480 18.06 0.61 -7.10
C SER B 480 17.00 0.72 -6.01
N SER B 481 17.41 1.11 -4.80
CA SER B 481 16.48 1.23 -3.70
C SER B 481 15.71 2.55 -3.74
N ALA B 482 16.30 3.55 -4.38
CA ALA B 482 15.60 4.81 -4.58
C ALA B 482 14.44 4.61 -5.54
N LYS B 483 14.64 3.73 -6.53
CA LYS B 483 13.59 3.38 -7.48
C LYS B 483 12.38 2.78 -6.74
N ASN B 484 12.64 2.08 -5.64
CA ASN B 484 11.59 1.50 -4.82
C ASN B 484 10.90 2.53 -3.92
N VAL B 485 10.34 2.05 -2.81
CA VAL B 485 9.65 2.93 -1.87
C VAL B 485 10.63 3.61 -0.92
N LEU C 67 16.20 -11.41 -50.47
CA LEU C 67 15.95 -12.83 -50.70
C LEU C 67 14.80 -13.33 -49.83
N ALA C 68 15.02 -14.44 -49.13
CA ALA C 68 14.01 -14.99 -48.23
C ALA C 68 14.18 -14.46 -46.81
N LEU C 69 14.98 -13.42 -46.66
CA LEU C 69 15.18 -12.78 -45.36
C LEU C 69 14.16 -11.66 -45.15
N LEU C 70 13.82 -10.98 -46.23
CA LEU C 70 12.85 -9.90 -46.18
C LEU C 70 11.44 -10.41 -45.87
N GLU C 71 11.21 -11.68 -46.14
CA GLU C 71 9.88 -12.26 -45.90
C GLU C 71 9.70 -12.70 -44.46
N ILE C 72 10.79 -13.09 -43.80
CA ILE C 72 10.71 -13.53 -42.42
C ILE C 72 10.84 -12.34 -41.47
N CYS C 73 11.05 -11.16 -42.04
CA CYS C 73 11.06 -9.93 -41.26
C CYS C 73 9.68 -9.29 -41.28
N GLN C 74 8.80 -9.83 -42.12
CA GLN C 74 7.42 -9.36 -42.20
C GLN C 74 6.51 -10.16 -41.27
N ARG C 75 6.65 -11.48 -41.32
CA ARG C 75 5.85 -12.37 -40.50
C ARG C 75 6.32 -12.38 -39.04
N ARG C 76 7.46 -11.77 -38.78
CA ARG C 76 8.00 -11.69 -37.42
C ARG C 76 8.14 -10.23 -36.96
N HIS C 77 7.65 -9.31 -37.79
CA HIS C 77 7.52 -7.90 -37.43
C HIS C 77 8.82 -7.19 -37.05
N PHE C 78 9.85 -7.34 -37.87
CA PHE C 78 11.04 -6.50 -37.77
C PHE C 78 10.80 -5.20 -38.53
N LEU C 79 9.98 -5.31 -39.58
CA LEU C 79 9.62 -4.16 -40.41
C LEU C 79 8.11 -3.97 -40.43
N SER C 80 7.66 -2.84 -40.96
CA SER C 80 6.24 -2.53 -41.04
C SER C 80 5.61 -3.22 -42.25
N GLY C 81 4.29 -3.35 -42.24
CA GLY C 81 3.58 -4.06 -43.29
C GLY C 81 3.60 -3.39 -44.65
N SER C 82 4.14 -4.09 -45.64
CA SER C 82 4.17 -3.60 -47.01
C SER C 82 4.11 -4.76 -48.00
N LYS C 83 3.76 -4.45 -49.24
CA LYS C 83 3.63 -5.48 -50.28
C LYS C 83 4.39 -5.10 -51.54
N GLN C 84 4.65 -3.80 -51.69
CA GLN C 84 5.35 -3.30 -52.87
C GLN C 84 6.62 -2.55 -52.49
N GLN C 85 6.57 -1.80 -51.39
CA GLN C 85 7.73 -1.09 -50.89
C GLN C 85 8.50 -1.92 -49.86
N LEU C 86 8.69 -3.20 -50.19
CA LEU C 86 9.46 -4.12 -49.34
C LEU C 86 10.79 -4.48 -49.99
N SER C 87 11.08 -3.84 -51.12
CA SER C 87 12.28 -4.15 -51.90
C SER C 87 13.54 -3.63 -51.20
N ARG C 88 14.70 -4.14 -51.62
CA ARG C 88 15.97 -3.74 -51.04
C ARG C 88 16.25 -2.27 -51.31
N ASP C 89 15.78 -1.79 -52.46
CA ASP C 89 16.01 -0.41 -52.84
C ASP C 89 15.19 0.55 -51.99
N SER C 90 13.96 0.14 -51.65
CA SER C 90 13.07 0.97 -50.86
C SER C 90 13.49 0.98 -49.39
N LEU C 91 14.16 -0.09 -48.97
CA LEU C 91 14.70 -0.17 -47.62
C LEU C 91 15.98 0.65 -47.51
N LEU C 92 16.83 0.58 -48.52
CA LEU C 92 18.02 1.41 -48.59
C LEU C 92 17.63 2.88 -48.67
N SER C 93 16.47 3.14 -49.24
CA SER C 93 15.89 4.46 -49.28
C SER C 93 15.24 4.78 -47.94
N GLY C 94 15.16 6.07 -47.62
CA GLY C 94 14.50 6.50 -46.41
C GLY C 94 12.99 6.34 -46.50
N CYS C 95 12.49 6.01 -47.69
CA CYS C 95 11.07 5.82 -47.90
C CYS C 95 10.55 4.62 -47.11
N HIS C 96 9.53 4.86 -46.31
CA HIS C 96 9.00 3.89 -45.36
C HIS C 96 7.47 4.01 -45.30
N PRO C 97 6.74 2.98 -44.84
CA PRO C 97 6.81 1.74 -44.05
C PRO C 97 7.98 1.63 -43.08
N GLY C 98 7.82 2.22 -41.91
CA GLY C 98 8.89 2.37 -40.93
C GLY C 98 9.48 1.08 -40.41
N PHE C 99 9.13 0.72 -39.17
CA PHE C 99 9.70 -0.45 -38.53
C PHE C 99 8.69 -1.15 -37.64
N GLY C 100 8.85 -2.48 -37.55
CA GLY C 100 8.09 -3.26 -36.60
C GLY C 100 8.79 -3.21 -35.26
N PRO C 101 8.07 -3.57 -34.18
CA PRO C 101 8.57 -3.54 -32.81
C PRO C 101 9.96 -4.17 -32.64
N LEU C 102 10.18 -5.31 -33.31
CA LEU C 102 11.46 -5.99 -33.25
C LEU C 102 12.59 -5.10 -33.76
N GLY C 103 12.37 -4.47 -34.90
CA GLY C 103 13.34 -3.55 -35.46
C GLY C 103 13.58 -2.35 -34.57
N VAL C 104 12.52 -1.89 -33.91
CA VAL C 104 12.60 -0.76 -33.00
C VAL C 104 13.50 -1.10 -31.81
N GLU C 105 13.28 -2.27 -31.23
CA GLU C 105 14.08 -2.72 -30.09
C GLU C 105 15.53 -2.99 -30.47
N LEU C 106 15.73 -3.59 -31.65
CA LEU C 106 17.07 -3.82 -32.17
C LEU C 106 17.80 -2.49 -32.35
N ARG C 107 17.08 -1.51 -32.88
CA ARG C 107 17.64 -0.18 -33.11
C ARG C 107 17.96 0.52 -31.80
N LYS C 108 17.12 0.30 -30.80
CA LYS C 108 17.30 0.96 -29.51
C LYS C 108 18.48 0.36 -28.74
N ASN C 109 18.62 -0.96 -28.80
CA ASN C 109 19.77 -1.62 -28.21
C ASN C 109 21.05 -1.21 -28.93
N LEU C 110 20.97 -1.12 -30.25
CA LEU C 110 22.10 -0.70 -31.07
C LEU C 110 22.55 0.72 -30.72
N ALA C 111 21.59 1.62 -30.56
CA ALA C 111 21.89 3.00 -30.21
C ALA C 111 22.42 3.10 -28.78
N ALA C 112 21.88 2.28 -27.89
CA ALA C 112 22.37 2.23 -26.52
C ALA C 112 23.84 1.82 -26.50
N GLU C 113 24.19 0.81 -27.29
CA GLU C 113 25.57 0.34 -27.37
C GLU C 113 26.46 1.38 -28.05
N TRP C 114 25.89 2.14 -28.98
CA TRP C 114 26.64 3.20 -29.62
C TRP C 114 27.01 4.28 -28.62
N TRP C 115 26.02 4.76 -27.88
CA TRP C 115 26.23 5.77 -26.86
C TRP C 115 27.16 5.24 -25.78
N THR C 116 27.16 3.92 -25.60
CA THR C 116 28.05 3.26 -24.66
C THR C 116 29.49 3.21 -25.19
N SER C 117 29.63 2.98 -26.49
CA SER C 117 30.96 2.88 -27.10
C SER C 117 31.60 4.25 -27.29
N VAL C 118 30.90 5.30 -26.88
CA VAL C 118 31.42 6.66 -26.97
C VAL C 118 31.33 7.39 -25.62
N VAL C 119 30.77 6.72 -24.61
CA VAL C 119 30.70 7.29 -23.26
C VAL C 119 31.86 6.76 -22.41
N VAL C 120 32.43 5.65 -22.83
CA VAL C 120 33.61 5.08 -22.17
C VAL C 120 34.87 5.81 -22.61
N PHE C 121 34.70 6.69 -23.60
CA PHE C 121 35.81 7.42 -24.19
C PHE C 121 36.25 8.60 -23.31
N ARG C 122 37.54 8.62 -22.97
CA ARG C 122 38.13 9.70 -22.19
C ARG C 122 38.56 10.85 -23.11
N GLU C 123 38.37 12.09 -22.66
CA GLU C 123 37.86 12.40 -21.33
C GLU C 123 36.34 12.50 -21.30
N GLN C 124 35.81 13.47 -22.02
CA GLN C 124 34.39 13.81 -21.91
C GLN C 124 33.78 14.23 -23.24
N VAL C 125 32.63 13.63 -23.55
CA VAL C 125 31.83 14.00 -24.71
C VAL C 125 30.40 14.30 -24.26
N PHE C 126 29.90 15.47 -24.60
CA PHE C 126 28.59 15.91 -24.13
C PHE C 126 27.47 15.63 -25.13
N PRO C 127 26.38 15.03 -24.64
CA PRO C 127 25.19 14.80 -25.47
C PRO C 127 24.37 16.07 -25.68
N VAL C 128 23.89 16.26 -26.90
CA VAL C 128 23.05 17.41 -27.23
C VAL C 128 21.91 17.00 -28.16
N ASP C 129 21.01 17.93 -28.43
CA ASP C 129 19.94 17.70 -29.39
C ASP C 129 19.71 18.96 -30.21
N ALA C 130 19.57 18.78 -31.52
CA ALA C 130 19.39 19.89 -32.44
C ALA C 130 17.95 19.97 -32.92
N LEU C 131 17.56 21.15 -33.42
CA LEU C 131 16.23 21.31 -33.99
C LEU C 131 16.14 20.52 -35.29
N HIS C 132 14.92 20.25 -35.73
CA HIS C 132 14.70 19.48 -36.96
C HIS C 132 14.43 20.39 -38.15
N HIS C 133 13.69 21.47 -37.91
CA HIS C 133 13.37 22.44 -38.94
C HIS C 133 14.38 23.58 -39.01
N LYS C 134 14.27 24.42 -40.04
CA LYS C 134 15.13 25.59 -40.19
C LYS C 134 14.79 26.63 -39.13
N PRO C 135 15.80 27.09 -38.40
CA PRO C 135 15.58 28.02 -37.28
C PRO C 135 14.94 29.33 -37.72
N GLY C 136 15.12 29.68 -38.99
CA GLY C 136 14.58 30.92 -39.52
C GLY C 136 13.51 30.72 -40.58
N PRO C 137 12.64 29.74 -40.37
CA PRO C 137 11.58 29.44 -41.30
C PRO C 137 11.68 28.05 -41.89
N LYS C 180 13.54 22.97 -45.60
CA LYS C 180 13.76 23.60 -44.30
C LYS C 180 14.31 22.60 -43.29
N LEU C 181 13.93 21.34 -43.44
CA LEU C 181 14.38 20.28 -42.55
C LEU C 181 15.87 20.01 -42.71
N ARG C 182 16.45 19.28 -41.76
CA ARG C 182 17.89 19.06 -41.73
C ARG C 182 18.34 17.89 -42.58
N GLU C 183 19.50 18.05 -43.22
CA GLU C 183 20.10 17.00 -44.02
C GLU C 183 21.19 16.30 -43.22
N ASN C 184 22.12 17.10 -42.70
CA ASN C 184 23.21 16.59 -41.89
C ASN C 184 22.92 16.82 -40.40
N LEU C 185 23.76 16.26 -39.55
CA LEU C 185 23.62 16.44 -38.11
C LEU C 185 24.87 17.13 -37.56
N LEU C 186 25.27 18.20 -38.23
CA LEU C 186 26.50 18.91 -37.89
C LEU C 186 26.23 20.33 -37.41
N HIS C 187 25.34 21.02 -38.13
CA HIS C 187 25.00 22.40 -37.83
C HIS C 187 24.54 22.60 -36.39
N GLY C 188 23.62 21.74 -35.95
CA GLY C 188 23.09 21.80 -34.60
C GLY C 188 24.17 21.54 -33.54
N ALA C 189 25.15 20.73 -33.89
CA ALA C 189 26.27 20.45 -33.00
C ALA C 189 27.23 21.62 -32.98
N LEU C 190 27.23 22.40 -34.05
CA LEU C 190 28.12 23.57 -34.16
C LEU C 190 27.53 24.77 -33.43
N GLU C 191 26.21 24.86 -33.37
CA GLU C 191 25.57 25.96 -32.67
C GLU C 191 25.84 25.92 -31.17
N HIS C 192 25.94 24.71 -30.62
CA HIS C 192 26.17 24.54 -29.18
C HIS C 192 27.65 24.43 -28.85
N TYR C 193 28.50 24.81 -29.80
CA TYR C 193 29.94 24.72 -29.61
C TYR C 193 30.44 25.75 -28.60
N VAL C 194 30.13 27.01 -28.84
CA VAL C 194 30.57 28.10 -27.97
C VAL C 194 30.06 27.92 -26.54
N ASN C 195 28.83 27.45 -26.41
CA ASN C 195 28.23 27.21 -25.10
C ASN C 195 28.95 26.10 -24.36
N CYS C 196 29.10 24.94 -25.01
CA CYS C 196 29.76 23.81 -24.39
C CYS C 196 31.28 24.00 -24.25
N LEU C 197 31.76 25.18 -24.62
CA LEU C 197 33.15 25.55 -24.39
C LEU C 197 33.34 25.89 -22.92
N ASP C 198 32.28 26.39 -22.30
CA ASP C 198 32.30 26.78 -20.89
C ASP C 198 32.39 25.57 -19.97
N LEU C 199 31.68 24.50 -20.33
CA LEU C 199 31.57 23.33 -19.47
C LEU C 199 32.88 22.53 -19.42
N VAL C 200 33.58 22.47 -20.55
CA VAL C 200 34.89 21.82 -20.59
C VAL C 200 35.97 22.78 -20.08
N ASN C 201 35.54 23.99 -19.71
CA ASN C 201 36.42 25.05 -19.23
C ASN C 201 37.47 25.43 -20.29
N LYS C 202 37.09 25.27 -21.56
CA LYS C 202 37.95 25.58 -22.70
C LYS C 202 39.29 24.84 -22.64
N ARG C 203 39.32 23.74 -21.90
CA ARG C 203 40.59 23.10 -21.54
C ARG C 203 41.22 22.30 -22.68
N LEU C 204 40.52 21.28 -23.16
CA LEU C 204 41.09 20.35 -24.13
C LEU C 204 40.21 20.19 -25.37
N PRO C 205 40.78 19.61 -26.45
CA PRO C 205 39.97 19.15 -27.58
C PRO C 205 38.85 18.22 -27.12
N TYR C 206 37.63 18.45 -27.60
CA TYR C 206 36.48 17.72 -27.09
C TYR C 206 35.40 17.54 -28.17
N GLY C 207 34.47 16.63 -27.93
CA GLY C 207 33.45 16.32 -28.93
C GLY C 207 32.01 16.42 -28.45
N LEU C 208 31.09 16.38 -29.40
CA LEU C 208 29.66 16.38 -29.09
C LEU C 208 28.93 15.31 -29.90
N ALA C 209 28.34 14.34 -29.21
CA ALA C 209 27.64 13.27 -29.88
C ALA C 209 26.13 13.46 -29.79
N GLN C 210 25.42 12.90 -30.77
CA GLN C 210 23.95 12.96 -30.77
C GLN C 210 23.35 11.98 -31.76
N ILE C 211 22.23 11.38 -31.37
CA ILE C 211 21.51 10.45 -32.23
C ILE C 211 20.16 11.04 -32.62
N GLY C 212 19.92 11.20 -33.92
CA GLY C 212 18.70 11.83 -34.37
C GLY C 212 18.15 11.33 -35.69
N VAL C 213 16.91 11.72 -35.96
CA VAL C 213 16.24 11.33 -37.20
C VAL C 213 16.46 12.39 -38.27
N CYS C 214 17.38 12.11 -39.19
CA CYS C 214 17.67 13.04 -40.28
C CYS C 214 16.93 12.64 -41.55
N PHE C 215 16.77 13.62 -42.45
CA PHE C 215 15.98 13.41 -43.66
C PHE C 215 16.84 13.52 -44.91
N HIS C 216 16.35 12.93 -46.00
CA HIS C 216 16.95 13.14 -47.32
C HIS C 216 15.93 12.87 -48.41
N PRO C 217 15.92 13.71 -49.45
CA PRO C 217 14.94 13.62 -50.54
C PRO C 217 15.09 12.32 -51.35
N VAL C 218 13.97 11.68 -51.65
CA VAL C 218 13.99 10.45 -52.46
C VAL C 218 13.21 10.63 -53.77
N PHE C 219 13.85 10.27 -54.87
CA PHE C 219 13.26 10.44 -56.20
C PHE C 219 12.60 9.16 -56.70
N GLY C 227 6.88 9.84 -61.64
CA GLY C 227 5.88 10.74 -61.07
C GLY C 227 6.50 11.88 -60.30
N VAL C 228 5.96 12.13 -59.11
CA VAL C 228 6.46 13.18 -58.23
C VAL C 228 7.52 12.62 -57.29
N LYS C 229 8.24 13.50 -56.60
CA LYS C 229 9.32 13.08 -55.71
C LYS C 229 8.95 13.23 -54.24
N SER C 230 9.41 12.28 -53.42
CA SER C 230 9.05 12.25 -52.01
C SER C 230 10.24 12.47 -51.08
N ILE C 231 10.04 12.24 -49.79
CA ILE C 231 11.07 12.47 -48.78
C ILE C 231 11.26 11.23 -47.90
N GLY C 232 12.51 10.90 -47.62
CA GLY C 232 12.82 9.73 -46.80
C GLY C 232 13.52 10.05 -45.50
N GLU C 233 13.39 9.15 -44.53
CA GLU C 233 13.96 9.34 -43.21
C GLU C 233 15.01 8.27 -42.88
N LYS C 234 16.08 8.69 -42.21
CA LYS C 234 17.07 7.78 -41.68
C LYS C 234 17.52 8.23 -40.29
N THR C 235 17.56 7.28 -39.36
CA THR C 235 18.00 7.59 -38.01
C THR C 235 19.51 7.39 -37.89
N GLU C 236 20.24 8.49 -37.76
CA GLU C 236 21.70 8.42 -37.74
C GLU C 236 22.29 8.95 -36.44
N ALA C 237 23.47 8.44 -36.10
CA ALA C 237 24.20 8.89 -34.92
C ALA C 237 25.50 9.54 -35.34
N SER C 238 25.71 10.76 -34.87
CA SER C 238 26.87 11.54 -35.28
C SER C 238 27.69 12.02 -34.09
N LEU C 239 28.97 12.27 -34.36
CA LEU C 239 29.89 12.78 -33.35
C LEU C 239 30.75 13.87 -33.97
N VAL C 240 30.76 15.04 -33.33
CA VAL C 240 31.55 16.15 -33.84
C VAL C 240 32.73 16.42 -32.91
N TRP C 241 33.92 16.05 -33.38
CA TRP C 241 35.11 16.06 -32.54
C TRP C 241 36.04 17.23 -32.84
N PHE C 242 36.02 18.24 -31.98
CA PHE C 242 36.88 19.41 -32.12
C PHE C 242 38.29 19.14 -31.59
N THR C 243 39.28 19.31 -32.45
CA THR C 243 40.67 19.02 -32.10
C THR C 243 41.64 19.91 -32.90
N PRO C 244 42.74 20.33 -32.26
CA PRO C 244 43.79 21.14 -32.91
C PRO C 244 44.25 20.53 -34.23
N PRO C 245 44.57 21.39 -35.21
CA PRO C 245 44.94 20.98 -36.57
C PRO C 245 46.11 20.01 -36.63
N ARG C 246 47.06 20.17 -35.71
CA ARG C 246 48.26 19.35 -35.69
C ARG C 246 47.98 17.89 -35.31
N THR C 247 47.05 17.71 -34.37
CA THR C 247 46.68 16.36 -33.92
C THR C 247 45.31 15.95 -34.45
N SER C 248 44.91 16.56 -35.56
CA SER C 248 43.60 16.28 -36.15
C SER C 248 43.60 14.94 -36.88
N ASN C 249 44.53 14.79 -37.81
CA ASN C 249 44.62 13.59 -38.63
C ASN C 249 44.83 12.32 -37.82
N GLN C 250 45.70 12.41 -36.82
CA GLN C 250 46.01 11.27 -35.95
C GLN C 250 44.77 10.81 -35.20
N TRP C 251 44.03 11.76 -34.66
CA TRP C 251 42.78 11.46 -33.97
C TRP C 251 41.73 10.93 -34.95
N LEU C 252 41.81 11.36 -36.19
CA LEU C 252 40.91 10.85 -37.22
C LEU C 252 41.15 9.36 -37.47
N ASP C 253 42.43 8.99 -37.55
CA ASP C 253 42.78 7.58 -37.70
C ASP C 253 42.37 6.78 -36.45
N PHE C 254 42.55 7.39 -35.28
CA PHE C 254 42.12 6.78 -34.03
C PHE C 254 40.63 6.43 -34.08
N TRP C 255 39.82 7.41 -34.46
CA TRP C 255 38.38 7.22 -34.55
C TRP C 255 38.02 6.19 -35.62
N LEU C 256 38.79 6.17 -36.70
CA LEU C 256 38.62 5.15 -37.73
C LEU C 256 38.75 3.77 -37.09
N ARG C 257 39.84 3.56 -36.35
CA ARG C 257 40.10 2.27 -35.72
C ARG C 257 38.99 1.90 -34.74
N HIS C 258 38.66 2.81 -33.82
CA HIS C 258 37.65 2.53 -32.81
C HIS C 258 36.27 2.25 -33.41
N ARG C 259 35.93 2.93 -34.50
CA ARG C 259 34.65 2.71 -35.15
C ARG C 259 34.60 1.36 -35.89
N LEU C 260 35.67 1.07 -36.63
CA LEU C 260 35.76 -0.21 -37.33
C LEU C 260 35.68 -1.36 -36.33
N GLN C 261 36.38 -1.21 -35.21
CA GLN C 261 36.33 -2.19 -34.13
C GLN C 261 34.92 -2.28 -33.54
N TRP C 262 34.25 -1.13 -33.45
CA TRP C 262 32.87 -1.10 -32.96
C TRP C 262 31.95 -1.95 -33.83
N TRP C 263 32.04 -1.77 -35.15
CA TRP C 263 31.24 -2.58 -36.05
C TRP C 263 31.70 -4.03 -36.05
N ARG C 264 32.96 -4.26 -35.67
CA ARG C 264 33.52 -5.60 -35.66
C ARG C 264 33.08 -6.43 -34.45
N LYS C 265 32.85 -5.76 -33.32
CA LYS C 265 32.50 -6.44 -32.08
C LYS C 265 31.21 -7.27 -32.18
N PHE C 266 30.17 -6.66 -32.71
CA PHE C 266 28.86 -7.31 -32.78
C PHE C 266 28.70 -8.10 -34.07
N ALA C 267 29.70 -7.99 -34.94
CA ALA C 267 29.65 -8.64 -36.25
C ALA C 267 29.87 -10.14 -36.13
N MET C 268 29.20 -10.90 -37.00
CA MET C 268 29.41 -12.33 -37.08
C MET C 268 30.60 -12.62 -37.97
N SER C 269 31.01 -11.60 -38.73
CA SER C 269 32.17 -11.70 -39.61
C SER C 269 32.78 -10.32 -39.82
N PRO C 270 34.05 -10.15 -39.42
CA PRO C 270 34.77 -8.87 -39.51
C PRO C 270 35.17 -8.50 -40.93
N SER C 271 35.16 -9.48 -41.82
CA SER C 271 35.54 -9.27 -43.22
C SER C 271 34.40 -8.63 -44.00
N ASN C 272 33.20 -8.70 -43.46
CA ASN C 272 32.04 -8.08 -44.06
C ASN C 272 32.13 -6.57 -43.98
N PHE C 273 32.67 -6.09 -42.87
CA PHE C 273 32.89 -4.66 -42.67
C PHE C 273 34.26 -4.24 -43.23
N SER C 274 34.25 -3.21 -44.07
CA SER C 274 35.47 -2.72 -44.71
C SER C 274 35.69 -1.23 -44.42
N SER C 275 36.94 -0.79 -44.54
CA SER C 275 37.28 0.61 -44.32
C SER C 275 38.07 1.17 -45.50
N SER C 276 37.60 2.29 -46.06
CA SER C 276 38.22 2.87 -47.25
C SER C 276 38.76 4.29 -46.99
N ASP C 277 39.90 4.59 -47.61
CA ASP C 277 40.52 5.91 -47.49
C ASP C 277 40.19 6.77 -48.72
N CYS C 278 40.15 8.08 -48.51
CA CYS C 278 39.91 9.03 -49.59
C CYS C 278 40.25 10.46 -49.18
N GLN C 279 40.17 11.38 -50.14
CA GLN C 279 40.45 12.79 -49.91
C GLN C 279 39.98 13.64 -51.09
N ASP C 280 40.01 14.95 -50.91
CA ASP C 280 39.69 15.89 -51.99
C ASP C 280 40.25 17.27 -51.66
N GLU C 281 39.71 18.30 -52.31
CA GLU C 281 40.21 19.66 -52.12
C GLU C 281 39.60 20.29 -50.87
N GLU C 282 38.34 19.98 -50.60
CA GLU C 282 37.64 20.50 -49.43
C GLU C 282 38.05 19.77 -48.14
N GLY C 283 38.04 18.44 -48.20
CA GLY C 283 38.48 17.64 -47.06
C GLY C 283 39.88 17.10 -47.27
N ARG C 284 40.79 17.46 -46.37
CA ARG C 284 42.19 17.09 -46.50
C ARG C 284 42.38 15.57 -46.45
N LYS C 285 41.69 14.92 -45.51
CA LYS C 285 41.70 13.46 -45.44
C LYS C 285 40.40 12.94 -44.85
N GLY C 286 39.81 11.95 -45.51
CA GLY C 286 38.57 11.36 -45.05
C GLY C 286 38.54 9.86 -45.20
N ASN C 287 37.69 9.21 -44.42
CA ASN C 287 37.57 7.75 -44.47
C ASN C 287 36.11 7.31 -44.39
N LYS C 288 35.75 6.30 -45.18
CA LYS C 288 34.37 5.83 -45.21
C LYS C 288 34.27 4.34 -44.85
N LEU C 289 33.29 4.00 -44.02
CA LEU C 289 33.09 2.61 -43.59
C LEU C 289 32.01 1.92 -44.41
N TYR C 290 32.41 0.90 -45.15
CA TYR C 290 31.50 0.16 -46.00
C TYR C 290 31.12 -1.19 -45.41
N TYR C 291 30.03 -1.76 -45.91
CA TYR C 291 29.56 -3.07 -45.46
C TYR C 291 29.21 -3.95 -46.66
N ASN C 292 29.90 -5.10 -46.75
CA ASN C 292 29.62 -6.06 -47.81
C ASN C 292 28.30 -6.77 -47.54
N PHE C 293 27.52 -7.01 -48.59
CA PHE C 293 26.16 -7.51 -48.40
C PHE C 293 25.91 -9.01 -48.67
N PRO C 294 26.49 -9.58 -49.75
CA PRO C 294 27.35 -9.09 -50.83
C PRO C 294 26.61 -8.82 -52.13
N TRP C 295 25.39 -8.30 -52.06
CA TRP C 295 24.65 -7.93 -53.26
C TRP C 295 25.11 -6.55 -53.72
N GLY C 296 26.12 -6.02 -53.02
CA GLY C 296 26.68 -4.71 -53.31
C GLY C 296 27.11 -4.05 -52.01
N LYS C 297 28.42 -3.82 -51.87
CA LYS C 297 28.96 -3.14 -50.70
C LYS C 297 28.33 -1.75 -50.57
N GLU C 298 27.85 -1.42 -49.37
CA GLU C 298 27.11 -0.17 -49.17
C GLU C 298 27.76 0.73 -48.13
N LEU C 299 27.35 1.99 -48.11
CA LEU C 299 27.86 2.98 -47.16
C LEU C 299 27.18 2.84 -45.79
N ILE C 300 27.98 2.81 -44.73
CA ILE C 300 27.45 2.65 -43.38
C ILE C 300 27.79 3.84 -42.48
N GLU C 301 28.93 4.47 -42.75
CA GLU C 301 29.45 5.51 -41.89
C GLU C 301 30.52 6.36 -42.58
N THR C 302 30.51 7.66 -42.32
CA THR C 302 31.47 8.57 -42.92
C THR C 302 32.28 9.32 -41.86
N LEU C 303 33.60 9.36 -42.06
CA LEU C 303 34.49 10.07 -41.15
C LEU C 303 35.30 11.14 -41.90
N TRP C 304 34.91 12.40 -41.74
CA TRP C 304 35.60 13.49 -42.43
C TRP C 304 36.44 14.34 -41.48
N ASN C 305 37.34 15.13 -42.06
CA ASN C 305 38.20 16.04 -41.30
C ASN C 305 38.02 17.48 -41.78
N LEU C 306 36.82 18.01 -41.60
CA LEU C 306 36.51 19.36 -42.05
C LEU C 306 37.37 20.43 -41.35
N GLY C 307 37.80 21.41 -42.12
CA GLY C 307 38.55 22.52 -41.57
C GLY C 307 37.67 23.45 -40.76
N ASP C 308 38.22 24.58 -40.33
CA ASP C 308 37.47 25.53 -39.52
C ASP C 308 36.53 26.39 -40.36
N HIS C 309 36.60 26.22 -41.68
CA HIS C 309 35.78 27.01 -42.61
C HIS C 309 34.29 26.89 -42.29
N GLU C 310 33.85 25.66 -42.05
CA GLU C 310 32.46 25.39 -41.68
C GLU C 310 32.06 26.17 -40.44
N LEU C 311 32.95 26.17 -39.45
CA LEU C 311 32.71 26.86 -38.19
C LEU C 311 32.92 28.36 -38.33
N LEU C 312 33.89 28.74 -39.14
CA LEU C 312 34.22 30.16 -39.34
C LEU C 312 33.17 30.86 -40.21
N HIS C 313 32.28 30.07 -40.81
CA HIS C 313 31.26 30.62 -41.72
C HIS C 313 30.03 31.11 -40.95
N MET C 314 29.79 30.55 -39.77
CA MET C 314 28.59 30.90 -39.00
C MET C 314 28.90 31.73 -37.76
N TYR C 315 30.17 32.05 -37.55
CA TYR C 315 30.56 32.97 -36.47
C TYR C 315 31.60 34.03 -36.88
N PRO C 316 31.39 34.75 -37.99
CA PRO C 316 32.36 35.83 -38.26
C PRO C 316 31.77 37.23 -38.05
N GLY C 317 32.19 37.91 -36.99
CA GLY C 317 33.14 37.36 -36.04
C GLY C 317 32.61 37.41 -34.62
N ASN C 318 33.43 37.89 -33.69
CA ASN C 318 34.78 38.36 -34.01
C ASN C 318 35.83 37.26 -33.89
N VAL C 319 35.39 36.01 -34.08
CA VAL C 319 36.24 34.81 -34.10
C VAL C 319 37.26 34.69 -32.96
N SER C 320 37.20 35.61 -32.00
CA SER C 320 38.08 35.54 -30.84
C SER C 320 37.51 34.58 -29.81
N LYS C 321 36.27 34.15 -30.03
CA LYS C 321 35.59 33.22 -29.14
C LYS C 321 35.91 31.78 -29.51
N LEU C 322 36.14 31.55 -30.80
CA LEU C 322 36.24 30.20 -31.34
C LEU C 322 37.53 29.46 -30.95
N HIS C 323 38.66 30.17 -30.94
CA HIS C 323 39.93 29.52 -30.64
C HIS C 323 39.99 29.08 -29.17
N GLY C 324 40.27 27.80 -28.95
CA GLY C 324 40.33 27.25 -27.62
C GLY C 324 41.74 26.95 -27.17
N ARG C 325 41.94 26.88 -25.85
CA ARG C 325 43.28 26.68 -25.29
C ARG C 325 43.83 25.29 -25.60
N ASP C 326 45.11 25.25 -25.96
CA ASP C 326 45.78 23.99 -26.26
C ASP C 326 47.17 23.96 -25.62
N GLY C 327 47.20 24.04 -24.29
CA GLY C 327 48.47 24.13 -23.57
C GLY C 327 49.08 25.52 -23.74
N ARG C 328 48.44 26.52 -23.15
CA ARG C 328 48.89 27.90 -23.22
C ARG C 328 48.99 28.35 -24.68
N LYS C 329 48.06 27.88 -25.51
CA LYS C 329 48.04 28.20 -26.93
C LYS C 329 46.62 28.46 -27.40
N ASN C 330 46.41 29.58 -28.08
CA ASN C 330 45.10 29.87 -28.68
C ASN C 330 45.07 29.45 -30.14
N VAL C 331 44.18 28.52 -30.47
CA VAL C 331 44.09 28.00 -31.83
C VAL C 331 42.68 27.52 -32.18
N VAL C 332 42.17 27.98 -33.32
CA VAL C 332 40.88 27.52 -33.82
C VAL C 332 40.99 26.05 -34.21
N PRO C 333 40.11 25.21 -33.63
CA PRO C 333 40.20 23.76 -33.79
C PRO C 333 39.65 23.24 -35.10
N CYS C 334 40.37 22.31 -35.71
CA CYS C 334 39.88 21.52 -36.83
C CYS C 334 38.73 20.65 -36.34
N VAL C 335 37.77 20.40 -37.24
CA VAL C 335 36.55 19.69 -36.86
C VAL C 335 36.44 18.32 -37.51
N LEU C 336 36.28 17.29 -36.70
CA LEU C 336 36.10 15.93 -37.20
C LEU C 336 34.63 15.57 -37.26
N SER C 337 34.19 15.11 -38.42
CA SER C 337 32.78 14.77 -38.61
C SER C 337 32.55 13.26 -38.71
N VAL C 338 32.05 12.70 -37.62
CA VAL C 338 31.66 11.30 -37.57
C VAL C 338 30.17 11.21 -37.85
N ASN C 339 29.78 10.33 -38.77
CA ASN C 339 28.37 10.20 -39.15
C ASN C 339 27.99 8.79 -39.55
N GLY C 340 27.37 8.05 -38.63
CA GLY C 340 26.98 6.67 -38.88
C GLY C 340 25.48 6.46 -39.01
N ASP C 341 25.10 5.46 -39.81
CA ASP C 341 23.69 5.13 -40.00
C ASP C 341 23.33 3.87 -39.21
N LEU C 342 22.27 3.96 -38.42
CA LEU C 342 21.85 2.85 -37.56
C LEU C 342 20.77 2.01 -38.22
N ASP C 343 20.09 2.56 -39.22
CA ASP C 343 19.14 1.79 -40.00
C ASP C 343 19.91 0.83 -40.92
N ARG C 344 20.86 1.38 -41.65
CA ARG C 344 21.75 0.60 -42.50
C ARG C 344 22.52 -0.42 -41.67
N GLY C 345 22.90 -0.03 -40.47
CA GLY C 345 23.59 -0.92 -39.56
C GLY C 345 22.69 -2.05 -39.09
N MET C 346 21.45 -1.72 -38.80
CA MET C 346 20.45 -2.71 -38.40
C MET C 346 20.26 -3.74 -39.49
N LEU C 347 20.08 -3.27 -40.71
CA LEU C 347 19.95 -4.16 -41.87
C LEU C 347 21.22 -4.98 -42.05
N ALA C 348 22.35 -4.36 -41.76
CA ALA C 348 23.65 -5.02 -41.88
C ALA C 348 23.73 -6.22 -40.95
N TYR C 349 23.38 -6.01 -39.68
CA TYR C 349 23.43 -7.08 -38.70
C TYR C 349 22.34 -8.12 -38.95
N LEU C 350 21.22 -7.68 -39.52
CA LEU C 350 20.15 -8.59 -39.89
C LEU C 350 20.61 -9.55 -40.99
N TYR C 351 21.34 -9.01 -41.98
CA TYR C 351 21.88 -9.85 -43.05
C TYR C 351 23.10 -10.62 -42.55
N ASP C 352 23.67 -10.17 -41.44
CA ASP C 352 24.83 -10.84 -40.86
C ASP C 352 24.38 -11.99 -39.97
N SER C 353 23.11 -11.98 -39.59
CA SER C 353 22.58 -12.99 -38.67
C SER C 353 21.80 -14.08 -39.39
N PHE C 354 21.49 -13.85 -40.67
CA PHE C 354 20.65 -14.78 -41.42
C PHE C 354 21.39 -16.08 -41.76
N GLN C 355 20.97 -17.16 -41.11
CA GLN C 355 21.57 -18.49 -41.35
C GLN C 355 20.49 -19.55 -41.50
N HIS C 368 17.35 -26.63 -44.12
CA HIS C 368 15.95 -26.33 -43.83
C HIS C 368 15.82 -25.25 -42.76
N ARG C 369 16.94 -24.89 -42.15
CA ARG C 369 16.94 -23.97 -41.02
C ARG C 369 16.86 -22.51 -41.45
N LYS C 370 16.04 -21.75 -40.73
CA LYS C 370 15.91 -20.31 -40.95
C LYS C 370 15.99 -19.60 -39.61
N VAL C 371 17.22 -19.37 -39.14
CA VAL C 371 17.45 -18.80 -37.82
C VAL C 371 18.32 -17.55 -37.84
N LEU C 372 17.82 -16.47 -37.24
CA LEU C 372 18.59 -15.23 -37.14
C LEU C 372 19.42 -15.22 -35.86
N LYS C 373 20.74 -15.23 -36.01
CA LYS C 373 21.62 -15.29 -34.85
C LYS C 373 22.25 -13.93 -34.55
N LEU C 374 21.40 -12.97 -34.18
CA LEU C 374 21.88 -11.66 -33.76
C LEU C 374 22.67 -11.75 -32.47
N HIS C 375 23.56 -10.79 -32.25
CA HIS C 375 24.39 -10.79 -31.05
C HIS C 375 23.53 -10.59 -29.81
N PRO C 376 23.83 -11.35 -28.73
CA PRO C 376 23.12 -11.31 -27.46
C PRO C 376 22.87 -9.91 -26.91
N CYS C 377 23.92 -9.11 -26.79
CA CYS C 377 23.79 -7.74 -26.29
C CYS C 377 22.96 -6.89 -27.23
N LEU C 378 22.91 -7.31 -28.49
CA LEU C 378 22.21 -6.56 -29.53
C LEU C 378 20.81 -7.11 -29.77
N ALA C 379 20.64 -8.41 -29.54
CA ALA C 379 19.35 -9.07 -29.77
C ALA C 379 18.23 -8.41 -28.97
N PRO C 380 17.12 -8.09 -29.64
CA PRO C 380 15.96 -7.43 -29.04
C PRO C 380 15.37 -8.25 -27.90
N ILE C 381 14.66 -9.32 -28.23
CA ILE C 381 14.15 -10.26 -27.23
C ILE C 381 15.13 -11.41 -27.09
N LYS C 382 15.58 -11.67 -25.87
CA LYS C 382 16.66 -12.62 -25.64
C LYS C 382 16.19 -13.92 -24.96
N VAL C 383 14.90 -14.01 -24.66
CA VAL C 383 14.35 -15.21 -24.03
C VAL C 383 12.83 -15.26 -24.17
N ALA C 384 12.28 -16.47 -24.24
CA ALA C 384 10.83 -16.66 -24.33
C ALA C 384 10.40 -17.89 -23.57
N LEU C 385 9.25 -17.81 -22.89
CA LEU C 385 8.76 -18.94 -22.11
C LEU C 385 7.27 -19.21 -22.29
N ASP C 386 6.94 -20.48 -22.56
CA ASP C 386 5.56 -20.94 -22.68
C ASP C 386 5.25 -22.04 -21.67
N VAL C 387 4.03 -22.58 -21.73
CA VAL C 387 3.68 -23.75 -20.92
C VAL C 387 3.52 -24.98 -21.82
N GLY C 388 3.59 -26.17 -21.23
CA GLY C 388 3.48 -27.39 -22.00
C GLY C 388 2.24 -28.18 -21.61
N ARG C 389 1.98 -28.23 -20.31
CA ARG C 389 0.76 -28.84 -19.79
C ARG C 389 -0.45 -28.04 -20.23
N GLY C 390 -1.62 -28.69 -20.31
CA GLY C 390 -2.86 -28.02 -20.67
C GLY C 390 -3.14 -26.80 -19.82
N PRO C 391 -3.90 -25.83 -20.37
CA PRO C 391 -4.22 -24.54 -19.77
C PRO C 391 -4.68 -24.62 -18.31
N THR C 392 -3.73 -24.45 -17.39
CA THR C 392 -4.02 -24.46 -15.96
C THR C 392 -3.53 -23.14 -15.35
N LEU C 393 -4.32 -22.61 -14.42
CA LEU C 393 -4.01 -21.32 -13.80
C LEU C 393 -2.63 -21.32 -13.12
N GLU C 394 -2.26 -22.46 -12.54
CA GLU C 394 -1.00 -22.56 -11.81
C GLU C 394 0.22 -22.35 -12.70
N LEU C 395 0.16 -22.93 -13.90
CA LEU C 395 1.22 -22.73 -14.90
C LEU C 395 1.39 -21.26 -15.21
N ARG C 396 0.26 -20.57 -15.34
CA ARG C 396 0.26 -19.14 -15.61
C ARG C 396 0.84 -18.36 -14.44
N GLN C 397 0.58 -18.84 -13.22
CA GLN C 397 1.13 -18.21 -12.03
C GLN C 397 2.66 -18.32 -12.01
N VAL C 398 3.16 -19.52 -12.25
CA VAL C 398 4.61 -19.75 -12.28
C VAL C 398 5.27 -18.92 -13.38
N CYS C 399 4.66 -18.93 -14.56
CA CYS C 399 5.20 -18.20 -15.69
C CYS C 399 5.19 -16.70 -15.45
N GLN C 400 4.19 -16.22 -14.72
CA GLN C 400 4.11 -14.81 -14.36
C GLN C 400 5.21 -14.48 -13.35
N GLY C 401 5.46 -15.41 -12.44
CA GLY C 401 6.53 -15.26 -11.47
C GLY C 401 7.89 -15.13 -12.15
N LEU C 402 8.17 -16.04 -13.08
CA LEU C 402 9.43 -16.00 -13.82
C LEU C 402 9.51 -14.75 -14.69
N PHE C 403 8.36 -14.34 -15.22
CA PHE C 403 8.25 -13.10 -15.99
C PHE C 403 8.76 -11.93 -15.17
N ASN C 404 8.20 -11.79 -13.97
CA ASN C 404 8.61 -10.72 -13.05
C ASN C 404 10.08 -10.82 -12.63
N GLU C 405 10.53 -12.02 -12.27
CA GLU C 405 11.91 -12.22 -11.83
C GLU C 405 12.91 -11.85 -12.93
N LEU C 406 12.58 -12.17 -14.17
CA LEU C 406 13.47 -11.89 -15.30
C LEU C 406 13.44 -10.42 -15.69
N LEU C 407 12.27 -9.81 -15.66
CA LEU C 407 12.17 -8.38 -15.96
C LEU C 407 12.75 -7.53 -14.85
N GLU C 408 12.90 -8.12 -13.67
CA GLU C 408 13.44 -7.41 -12.52
C GLU C 408 14.94 -7.17 -12.66
N ASN C 409 15.58 -8.01 -13.48
CA ASN C 409 17.01 -7.91 -13.71
C ASN C 409 17.35 -7.53 -15.14
N GLY C 410 16.41 -6.84 -15.80
CA GLY C 410 16.64 -6.27 -17.11
C GLY C 410 16.89 -7.28 -18.23
N ILE C 411 15.97 -8.22 -18.38
CA ILE C 411 16.07 -9.23 -19.43
C ILE C 411 14.80 -9.25 -20.27
N SER C 412 14.93 -8.91 -21.55
CA SER C 412 13.78 -8.87 -22.45
C SER C 412 13.22 -10.28 -22.67
N VAL C 413 11.96 -10.47 -22.30
CA VAL C 413 11.32 -11.78 -22.37
C VAL C 413 9.97 -11.76 -23.11
N TRP C 414 9.77 -12.71 -24.02
CA TRP C 414 8.51 -12.82 -24.76
C TRP C 414 7.56 -13.80 -24.08
N PRO C 415 6.31 -13.35 -23.82
CA PRO C 415 5.33 -14.15 -23.09
C PRO C 415 4.46 -15.00 -24.01
N GLY C 416 4.91 -16.21 -24.30
CA GLY C 416 4.16 -17.12 -25.14
C GLY C 416 3.28 -18.06 -24.33
N TYR C 417 3.11 -17.72 -23.05
CA TYR C 417 2.33 -18.54 -22.14
C TYR C 417 0.92 -17.97 -21.97
N LEU C 418 0.59 -16.97 -22.77
CA LEU C 418 -0.72 -16.32 -22.70
C LEU C 418 -1.95 -17.23 -22.93
N GLU C 419 -1.97 -18.08 -23.96
CA GLU C 419 -0.91 -18.33 -24.94
C GLU C 419 -1.26 -18.19 -26.44
N THR C 420 -2.41 -18.68 -26.92
CA THR C 420 -3.49 -19.28 -26.13
C THR C 420 -3.61 -20.79 -26.29
N MET C 421 -2.99 -21.32 -27.34
CA MET C 421 -3.14 -22.74 -27.63
C MET C 421 -1.87 -23.55 -27.38
N GLN C 422 -0.72 -22.93 -27.64
CA GLN C 422 0.55 -23.66 -27.66
C GLN C 422 0.44 -24.87 -28.57
N SER C 423 0.49 -24.63 -29.87
CA SER C 423 0.29 -25.69 -30.86
C SER C 423 1.47 -26.64 -30.90
N SER C 424 2.27 -26.53 -31.95
CA SER C 424 3.46 -27.36 -32.08
C SER C 424 4.62 -26.75 -31.33
N LEU C 425 5.67 -27.54 -31.16
CA LEU C 425 6.88 -27.07 -30.49
C LEU C 425 7.94 -26.73 -31.53
N GLU C 426 7.81 -27.35 -32.70
CA GLU C 426 8.77 -27.17 -33.77
C GLU C 426 8.57 -25.85 -34.50
N GLN C 427 7.33 -25.54 -34.85
CA GLN C 427 7.03 -24.27 -35.49
C GLN C 427 7.13 -23.14 -34.46
N LEU C 428 7.00 -23.51 -33.19
CA LEU C 428 7.20 -22.59 -32.09
C LEU C 428 8.69 -22.19 -32.03
N TYR C 429 9.56 -23.20 -32.03
CA TYR C 429 11.00 -22.96 -32.01
C TYR C 429 11.45 -22.25 -33.29
N SER C 430 10.78 -22.55 -34.39
CA SER C 430 11.07 -21.89 -35.66
C SER C 430 10.70 -20.42 -35.57
N LYS C 431 9.55 -20.13 -34.97
CA LYS C 431 9.11 -18.75 -34.77
C LYS C 431 10.09 -17.99 -33.88
N TYR C 432 10.51 -18.63 -32.79
CA TYR C 432 11.42 -18.00 -31.83
C TYR C 432 12.85 -17.88 -32.38
N ASP C 433 13.16 -18.69 -33.39
CA ASP C 433 14.47 -18.63 -34.03
C ASP C 433 14.50 -17.55 -35.10
N GLU C 434 13.36 -17.36 -35.77
CA GLU C 434 13.21 -16.29 -36.76
C GLU C 434 13.10 -14.92 -36.07
N MET C 435 12.89 -14.95 -34.75
CA MET C 435 12.81 -13.72 -33.95
C MET C 435 14.11 -13.47 -33.18
N SER C 436 15.10 -14.31 -33.44
CA SER C 436 16.43 -14.18 -32.84
C SER C 436 16.41 -14.24 -31.32
N ILE C 437 15.55 -15.08 -30.78
CA ILE C 437 15.52 -15.30 -29.33
C ILE C 437 16.68 -16.21 -28.92
N LEU C 438 17.44 -15.78 -27.91
CA LEU C 438 18.63 -16.51 -27.50
C LEU C 438 18.29 -17.85 -26.86
N PHE C 439 17.37 -17.83 -25.91
CA PHE C 439 16.97 -19.05 -25.20
C PHE C 439 15.46 -19.18 -25.11
N THR C 440 14.97 -20.40 -25.30
CA THR C 440 13.54 -20.66 -25.12
C THR C 440 13.32 -21.54 -23.88
N VAL C 441 12.31 -21.20 -23.09
CA VAL C 441 12.03 -21.87 -21.83
C VAL C 441 10.66 -22.53 -21.83
N LEU C 442 10.58 -23.74 -21.30
CA LEU C 442 9.32 -24.47 -21.24
C LEU C 442 8.98 -24.86 -19.81
N VAL C 443 7.82 -24.40 -19.34
CA VAL C 443 7.34 -24.65 -17.99
C VAL C 443 6.23 -25.69 -18.00
N THR C 444 6.61 -26.95 -17.77
CA THR C 444 5.64 -28.03 -17.78
C THR C 444 5.06 -28.25 -16.38
N GLU C 445 4.34 -29.35 -16.21
CA GLU C 445 3.70 -29.64 -14.93
C GLU C 445 4.72 -30.18 -13.92
N THR C 446 5.83 -30.70 -14.42
CA THR C 446 6.88 -31.23 -13.55
C THR C 446 7.55 -30.10 -12.80
N THR C 447 7.58 -28.93 -13.43
CA THR C 447 8.15 -27.72 -12.82
C THR C 447 7.44 -27.39 -11.52
N LEU C 448 6.15 -27.71 -11.46
CA LEU C 448 5.35 -27.46 -10.26
C LEU C 448 5.67 -28.45 -9.14
N GLU C 449 6.68 -29.28 -9.37
CA GLU C 449 7.11 -30.24 -8.36
C GLU C 449 8.57 -30.06 -7.99
N ASN C 450 9.45 -30.33 -8.96
CA ASN C 450 10.88 -30.25 -8.73
C ASN C 450 11.45 -28.85 -8.96
N GLY C 451 10.77 -28.08 -9.81
CA GLY C 451 11.24 -26.76 -10.18
C GLY C 451 12.05 -26.80 -11.46
N LEU C 452 12.20 -28.00 -12.01
CA LEU C 452 12.97 -28.17 -13.23
C LEU C 452 12.19 -27.64 -14.43
N ILE C 453 12.93 -27.11 -15.40
CA ILE C 453 12.35 -26.42 -16.53
C ILE C 453 13.15 -26.76 -17.80
N HIS C 454 12.49 -26.68 -18.95
CA HIS C 454 13.15 -27.04 -20.21
C HIS C 454 13.81 -25.86 -20.90
N LEU C 455 15.13 -25.77 -20.82
CA LEU C 455 15.87 -24.76 -21.57
C LEU C 455 16.17 -25.25 -22.99
N ARG C 456 16.32 -24.32 -23.93
CA ARG C 456 16.68 -24.68 -25.30
C ARG C 456 17.41 -23.51 -25.98
N SER C 457 18.67 -23.74 -26.33
CA SER C 457 19.50 -22.69 -26.92
C SER C 457 19.11 -22.40 -28.37
N ARG C 458 19.79 -21.40 -28.96
CA ARG C 458 19.54 -21.02 -30.34
C ARG C 458 20.76 -21.32 -31.20
N ASP C 459 21.93 -20.97 -30.69
CA ASP C 459 23.18 -21.15 -31.41
C ASP C 459 23.60 -22.62 -31.45
N THR C 460 23.06 -23.41 -30.55
CA THR C 460 23.37 -24.84 -30.50
C THR C 460 22.10 -25.68 -30.58
N THR C 461 20.96 -25.05 -30.28
CA THR C 461 19.64 -25.70 -30.30
C THR C 461 19.59 -26.96 -29.44
N MET C 462 20.38 -26.99 -28.37
CA MET C 462 20.46 -28.14 -27.49
C MET C 462 19.36 -28.12 -26.43
N LYS C 463 18.55 -29.16 -26.41
CA LYS C 463 17.49 -29.29 -25.42
C LYS C 463 18.06 -29.66 -24.06
N GLU C 464 18.11 -28.68 -23.17
CA GLU C 464 18.65 -28.86 -21.83
C GLU C 464 17.54 -28.71 -20.79
N MET C 465 17.87 -29.00 -19.53
CA MET C 465 16.92 -28.81 -18.43
C MET C 465 17.63 -28.30 -17.18
N MET C 466 17.01 -27.35 -16.49
CA MET C 466 17.62 -26.83 -15.26
C MET C 466 16.60 -26.21 -14.31
N HIS C 467 17.02 -25.98 -13.07
CA HIS C 467 16.12 -25.45 -12.04
C HIS C 467 15.79 -23.97 -12.27
N ILE C 468 14.57 -23.60 -11.91
CA ILE C 468 14.03 -22.28 -12.22
C ILE C 468 14.71 -21.14 -11.45
N SER C 469 15.26 -21.44 -10.28
CA SER C 469 15.87 -20.42 -9.44
C SER C 469 17.22 -19.96 -9.99
N LYS C 470 17.90 -20.87 -10.70
CA LYS C 470 19.23 -20.59 -11.21
C LYS C 470 19.19 -20.10 -12.65
N LEU C 471 17.99 -19.77 -13.13
CA LEU C 471 17.81 -19.31 -14.49
C LEU C 471 18.29 -17.87 -14.68
N LYS C 472 17.84 -16.99 -13.79
CA LYS C 472 18.23 -15.58 -13.80
C LYS C 472 19.75 -15.43 -13.84
N ASP C 473 20.41 -16.12 -12.93
CA ASP C 473 21.87 -16.05 -12.81
C ASP C 473 22.56 -16.54 -14.08
N PHE C 474 22.06 -17.63 -14.64
CA PHE C 474 22.64 -18.19 -15.87
C PHE C 474 22.52 -17.22 -17.03
N LEU C 475 21.33 -16.66 -17.21
CA LEU C 475 21.11 -15.69 -18.28
C LEU C 475 22.00 -14.47 -18.13
N ILE C 476 21.99 -13.88 -16.93
CA ILE C 476 22.81 -12.71 -16.64
C ILE C 476 24.29 -12.98 -16.93
N LYS C 477 24.78 -14.12 -16.45
CA LYS C 477 26.17 -14.51 -16.67
C LYS C 477 26.48 -14.68 -18.15
N TYR C 478 25.55 -15.26 -18.88
CA TYR C 478 25.72 -15.48 -20.31
C TYR C 478 25.80 -14.15 -21.06
N ILE C 479 24.98 -13.19 -20.64
CA ILE C 479 25.00 -11.86 -21.24
C ILE C 479 26.30 -11.12 -20.92
N SER C 480 26.76 -11.25 -19.67
CA SER C 480 27.96 -10.54 -19.22
C SER C 480 29.22 -11.19 -19.77
N SER C 481 29.11 -12.44 -20.22
CA SER C 481 30.24 -13.15 -20.80
C SER C 481 30.51 -12.68 -22.23
N ALA C 482 29.44 -12.22 -22.89
CA ALA C 482 29.55 -11.70 -24.24
C ALA C 482 30.20 -10.31 -24.26
N LYS C 483 30.46 -9.78 -23.06
CA LYS C 483 31.18 -8.53 -22.93
C LYS C 483 32.68 -8.73 -23.10
N ASN C 484 33.15 -8.56 -24.32
CA ASN C 484 34.57 -8.69 -24.64
C ASN C 484 34.89 -8.07 -25.99
N VAL C 485 36.10 -7.55 -26.13
CA VAL C 485 36.55 -6.95 -27.39
C VAL C 485 37.95 -7.41 -27.74
N1 DOC E 22 -19.40 -0.77 20.36
C2 DOC E 22 -19.19 -0.74 21.67
N3 DOC E 22 -18.48 0.22 22.25
C4 DOC E 22 -17.93 1.22 21.52
C5 DOC E 22 -18.11 1.23 20.12
C6 DOC E 22 -18.87 0.18 19.56
O2 DOC E 22 -19.67 -1.62 22.37
N4 DOC E 22 -17.16 2.26 22.15
C1' DOC E 22 -20.18 -1.85 19.77
C2' DOC E 22 -21.45 -1.52 19.75
C3' DOC E 22 -21.92 -1.43 18.21
C4' DOC E 22 -21.08 -2.17 17.56
O4' DOC E 22 -19.75 -2.06 18.37
C5' DOC E 22 -20.87 -1.63 16.09
O5' DOC E 22 -20.64 -0.20 16.14
P DOC E 22 -20.10 0.52 14.83
OP1 DOC E 22 -21.20 0.55 13.80
OP2 DOC E 22 -19.66 1.92 15.18
OAC 1RY F . -27.30 3.35 17.87
PAZ 1RY F . -28.41 3.85 18.75
OAF 1RY F . -29.67 3.12 18.40
OAG 1RY F . -28.59 5.34 18.57
OAQ 1RY F . -28.06 3.52 20.26
PBB 1RY F . -27.39 2.13 20.64
OAI 1RY F . -28.05 1.05 19.82
OAE 1RY F . -27.61 1.83 22.10
OAR 1RY F . -25.86 2.17 20.27
PBA 1RY F . -25.00 0.87 20.00
OAH 1RY F . -25.62 0.15 18.82
OAD 1RY F . -23.60 1.28 19.61
OAO 1RY F . -25.00 -0.01 21.31
CAL 1RY F . -25.14 -1.41 21.31
CAW 1RY F . -25.17 -1.91 22.83
OAP 1RY F . -24.61 -0.65 23.80
SAS 1RY F . -24.35 -2.96 23.04
CAM 1RY F . -23.05 -2.33 23.86
CAX 1RY F . -23.25 -0.82 23.49
NAY 1RY F . -22.43 0.21 23.95
CAK 1RY F . -22.38 1.19 23.07
CAU 1RY F . -21.63 2.32 23.28
FAJ 1RY F . -21.63 3.26 22.34
CAV 1RY F . -21.75 0.30 25.09
OAB 1RY F . -21.74 -0.57 25.93
NAN 1RY F . -21.00 1.37 25.32
CAT 1RY F . -20.91 2.40 24.47
NAA 1RY F . -20.10 3.54 24.73
MG MG G . -24.38 -1.35 17.66
MG MG H . -28.56 1.27 17.87
#